data_6CZ8
#
_entry.id   6CZ8
#
_cell.length_a   233.162
_cell.length_b   86.344
_cell.length_c   148.221
_cell.angle_alpha   90.00
_cell.angle_beta   127.67
_cell.angle_gamma   90.00
#
_symmetry.space_group_name_H-M   'C 1 2 1'
#
loop_
_entity.id
_entity.type
_entity.pdbx_description
1 polymer ArrA
2 polymer '4Fe-4S ferredoxin, iron-sulfur binding domain protein'
3 non-polymer 'IRON/SULFUR CLUSTER'
4 non-polymer '2-AMINO-5,6-DIMERCAPTO-7-METHYL-3,7,8A,9-TETRAHYDRO-8-OXA-1,3,9,10-TETRAAZA-ANTHRACEN-4-ONE GUANOSINE DINUCLEOTIDE'
5 non-polymer ARSENATE
6 non-polymer 'MOLYBDENUM ATOM'
7 non-polymer 'OXYGEN ATOM'
8 non-polymer 'FORMIC ACID'
9 non-polymer 1-METHOXY-2-[2-(2-METHOXY-ETHOXY]-ETHANE
10 water water
#
loop_
_entity_poly.entity_id
_entity_poly.type
_entity_poly.pdbx_seq_one_letter_code
_entity_poly.pdbx_strand_id
1 'polypeptide(L)'
;GAELPAPLRRTGVGEWLATTCQGCTSWCAKQIYVMDGRALKVRGNPNSGVHGMSSCPRQHLSLQQVYDPDRLRTPMMRTN
PKKGRDQDPKFVPISWDKALDMLADKIIALRVANEPHKYALLRGRYSHINDLLYKKMTNLIGSPNNISHSSVCAEAHKMG
PYYLDGNWGYNQYDVKNAKFILSFGADPIASNRQVSFYSQTWGDSLDHAKVVVVDPRLSASAAKAHKWIPIEPGQDSVLA
LAIAHVALVEGVWHKPFVGDFIEGKNLFKAGKTVSVESFKETHTYGLVEWWNQALKDYTPEWASKITGIDPKTIIAIAKD
MGAAAPAVQVWTSRGAVMQARGTYTSISCHALNGLFGGIDSKGGLFPGNKTPLLKEYPEAKAYMDEIAAKGVKKEKIDQR
GRLEFPALAKGKSGGGVITANAANGIRNQDPYEIKVMLAYFNNFNFSNPEGQRWDEALSKVDFMAHITTNVSEFSWFADV
LLPSSHHMFEKWGVLDSIGNGVAQISIQQPSIKRLWDTRIDESEIPYMLAKKLADKGFDAPWRYINEQIVDPETGKPAAD
EAEFAKLMVRYLTAPLWKEDASKYGDKLSSWDEFVQKGVWNSSPYKLEARWGKFKTETTKFEFYSKTLEKALQSHADKHK
VSIDEVMKACDYQARGHLAFIPHYEEPYRFGDESEFPLLLVDQKSRLNKEGRTANSPWYYEFKDVDPGDVANEDVAKFNP
IDGKKFGLKDGDEIRITSPVGMLTCKAKLWEGVRPGTVAKCFGQGHWAYGRYASAKFGVTPRGGSNNDLIADRYDRLSGA
SAFYGHIRVRVEKV
;
C,A
2 'polypeptide(L)'
;MRLGMVIDLQKCVGCGGCSLACKTENNTNDGIHWSHHIATTEGTFPDVKYTYIPTLCNHCDDAPCVKVCPTGAMHKDKRG
LTLQNNDECIGCKKCMNACPYGVISFNAATPHRRWQDDSEVVANGTVSPLMLLKRTGATATPNENPERGDTYPMIRPKRT
TEKCTFCDHRLDKGLNPACVDACPSEARVIGDLDDPQSKVSQLIKLHKPMQLKPEAGTGPRVFYIRSFGVKTAY
;
D,B
#
# COMPACT_ATOMS: atom_id res chain seq x y z
N LEU A 8 25.36 23.44 33.88
CA LEU A 8 25.04 22.97 32.54
C LEU A 8 24.39 21.59 32.59
N ARG A 9 24.19 21.07 33.80
CA ARG A 9 23.55 19.78 33.97
C ARG A 9 22.08 19.86 33.61
N ARG A 10 21.57 18.75 33.09
CA ARG A 10 20.21 18.70 32.58
C ARG A 10 19.31 17.76 33.34
N THR A 11 19.84 16.95 34.24
CA THR A 11 18.97 16.06 35.02
C THR A 11 17.95 16.91 35.76
N GLY A 12 16.68 16.62 35.54
CA GLY A 12 15.62 17.26 36.28
C GLY A 12 15.06 18.54 35.68
N VAL A 13 15.58 19.01 34.54
CA VAL A 13 15.12 20.32 34.07
C VAL A 13 13.94 20.25 33.11
N GLY A 14 13.49 19.06 32.72
CA GLY A 14 12.32 18.90 31.89
C GLY A 14 11.03 19.15 32.66
N GLU A 15 9.90 18.80 32.02
CA GLU A 15 8.56 19.03 32.55
CA GLU A 15 8.58 19.03 32.58
C GLU A 15 7.75 17.74 32.53
N TRP A 16 6.92 17.55 33.54
CA TRP A 16 6.00 16.41 33.58
C TRP A 16 4.59 16.88 33.21
N LEU A 17 3.98 16.23 32.23
CA LEU A 17 2.63 16.56 31.77
C LEU A 17 1.70 15.37 31.89
N ALA A 18 0.47 15.61 32.40
CA ALA A 18 -0.48 14.54 32.68
C ALA A 18 -1.18 14.00 31.44
N THR A 19 -1.34 12.69 31.39
CA THR A 19 -2.15 12.05 30.37
C THR A 19 -2.70 10.74 30.94
N THR A 20 -3.17 9.86 30.07
CA THR A 20 -3.69 8.55 30.47
C THR A 20 -3.17 7.48 29.53
N CYS A 21 -2.69 6.39 30.10
CA CYS A 21 -2.27 5.20 29.36
C CYS A 21 -3.49 4.35 29.02
N GLN A 22 -3.42 3.67 27.86
CA GLN A 22 -4.48 2.72 27.49
C GLN A 22 -3.93 1.37 27.03
N GLY A 23 -2.76 0.99 27.55
CA GLY A 23 -2.26 -0.34 27.30
C GLY A 23 -3.16 -1.46 27.79
N CYS A 24 -4.04 -1.16 28.73
CA CYS A 24 -5.14 -2.04 29.08
C CYS A 24 -6.23 -1.18 29.71
N THR A 25 -7.36 -1.79 30.00
CA THR A 25 -8.51 -1.07 30.55
C THR A 25 -8.33 -0.72 32.03
N SER A 26 -7.13 -0.90 32.58
CA SER A 26 -6.76 -0.21 33.81
C SER A 26 -6.82 1.30 33.60
N TRP A 27 -6.46 1.76 32.40
CA TRP A 27 -6.51 3.18 32.02
C TRP A 27 -5.86 4.10 33.08
N CYS A 28 -4.58 3.82 33.34
CA CYS A 28 -3.89 4.52 34.41
C CYS A 28 -3.61 5.98 34.06
N ALA A 29 -3.78 6.85 35.06
CA ALA A 29 -3.34 8.23 34.94
C ALA A 29 -1.81 8.28 34.99
N LYS A 30 -1.23 9.04 34.05
CA LYS A 30 0.20 9.11 33.86
C LYS A 30 0.71 10.55 33.86
N GLN A 31 2.02 10.69 34.04
CA GLN A 31 2.75 11.87 33.65
C GLN A 31 3.81 11.48 32.64
N ILE A 32 4.00 12.35 31.64
CA ILE A 32 5.03 12.20 30.61
C ILE A 32 6.12 13.24 30.88
N TYR A 33 7.39 12.81 30.87
CA TYR A 33 8.51 13.72 31.05
C TYR A 33 8.97 14.18 29.68
N VAL A 34 8.97 15.50 29.46
CA VAL A 34 9.29 16.07 28.15
C VAL A 34 10.50 16.98 28.28
N MET A 35 11.46 16.81 27.36
CA MET A 35 12.64 17.65 27.30
C MET A 35 13.03 17.78 25.83
N ASP A 36 13.45 18.96 25.42
CA ASP A 36 13.81 19.23 24.03
C ASP A 36 12.69 18.80 23.08
N GLY A 37 11.44 18.95 23.53
CA GLY A 37 10.27 18.62 22.76
C GLY A 37 9.95 17.14 22.60
N ARG A 38 10.70 16.26 23.28
CA ARG A 38 10.52 14.82 23.13
C ARG A 38 10.07 14.19 24.44
N ALA A 39 9.18 13.21 24.32
CA ALA A 39 8.75 12.41 25.46
C ALA A 39 9.86 11.42 25.79
N LEU A 40 10.33 11.46 27.03
CA LEU A 40 11.47 10.68 27.46
C LEU A 40 11.15 9.65 28.54
N LYS A 41 10.10 9.86 29.34
CA LYS A 41 9.79 8.98 30.45
CA LYS A 41 9.78 8.95 30.43
C LYS A 41 8.28 8.92 30.65
N VAL A 42 7.83 7.83 31.25
CA VAL A 42 6.44 7.69 31.70
C VAL A 42 6.46 7.21 33.14
N ARG A 43 5.62 7.81 33.98
CA ARG A 43 5.44 7.32 35.33
C ARG A 43 3.96 7.45 35.72
N GLY A 44 3.54 6.69 36.72
CA GLY A 44 2.20 6.88 37.27
C GLY A 44 2.04 8.28 37.84
N ASN A 45 0.86 8.85 37.63
CA ASN A 45 0.55 10.18 38.11
C ASN A 45 0.41 10.17 39.63
N PRO A 46 1.31 10.81 40.38
CA PRO A 46 1.20 10.76 41.86
C PRO A 46 -0.12 11.31 42.40
N ASN A 47 -0.83 12.11 41.61
CA ASN A 47 -2.11 12.67 42.04
C ASN A 47 -3.26 11.66 41.98
N SER A 48 -3.01 10.50 41.38
CA SER A 48 -4.01 9.45 41.26
C SER A 48 -4.34 8.83 42.62
N GLY A 49 -5.65 8.78 42.94
CA GLY A 49 -6.07 8.07 44.14
C GLY A 49 -6.17 6.56 44.00
N VAL A 50 -6.29 6.06 42.77
CA VAL A 50 -6.37 4.61 42.58
C VAL A 50 -5.00 3.96 42.73
N HIS A 51 -4.00 4.48 42.00
CA HIS A 51 -2.70 3.80 41.87
C HIS A 51 -1.48 4.66 42.21
N GLY A 52 -1.61 5.97 42.27
CA GLY A 52 -0.42 6.78 42.51
C GLY A 52 0.65 6.58 41.45
N MET A 53 1.90 6.69 41.87
CA MET A 53 2.97 6.52 40.92
C MET A 53 3.13 5.07 40.47
N SER A 54 2.49 4.12 41.16
CA SER A 54 2.66 2.71 40.79
C SER A 54 2.24 2.48 39.34
N SER A 55 3.01 1.63 38.64
CA SER A 55 2.76 1.30 37.25
C SER A 55 3.20 -0.14 36.93
N CYS A 56 2.51 -0.74 35.98
CA CYS A 56 2.99 -1.96 35.31
C CYS A 56 4.10 -1.62 34.32
N PRO A 57 4.78 -2.62 33.78
CA PRO A 57 5.99 -2.33 32.97
C PRO A 57 5.70 -1.75 31.61
N ARG A 58 4.47 -1.91 31.09
CA ARG A 58 4.17 -1.50 29.72
C ARG A 58 4.15 0.00 29.56
N GLN A 59 4.12 0.78 30.65
CA GLN A 59 4.11 2.23 30.48
C GLN A 59 5.31 2.69 29.65
N HIS A 60 6.46 2.04 29.83
CA HIS A 60 7.66 2.46 29.10
C HIS A 60 7.59 2.15 27.60
N LEU A 61 6.88 1.08 27.23
CA LEU A 61 6.75 0.71 25.83
C LEU A 61 5.99 1.75 25.03
N SER A 62 5.20 2.57 25.72
CA SER A 62 4.48 3.66 25.08
C SER A 62 5.41 4.50 24.21
N LEU A 63 6.66 4.69 24.66
CA LEU A 63 7.60 5.58 24.00
C LEU A 63 8.05 5.03 22.65
N GLN A 64 7.99 3.71 22.45
CA GLN A 64 8.26 3.11 21.15
C GLN A 64 7.00 3.03 20.29
N GLN A 65 5.84 3.42 20.81
CA GLN A 65 4.63 3.51 20.01
C GLN A 65 4.46 4.89 19.38
N VAL A 66 4.59 5.95 20.17
CA VAL A 66 4.47 7.28 19.59
C VAL A 66 5.62 7.52 18.61
N TYR A 67 6.82 7.03 18.96
CA TYR A 67 8.01 7.12 18.12
C TYR A 67 8.24 5.82 17.35
N ASP A 68 7.16 5.23 16.86
CA ASP A 68 7.22 4.01 16.03
C ASP A 68 7.56 4.41 14.60
N PRO A 69 8.65 3.88 14.03
CA PRO A 69 9.07 4.33 12.69
C PRO A 69 8.21 3.80 11.55
N ASP A 70 7.13 3.08 11.85
CA ASP A 70 6.19 2.61 10.84
C ASP A 70 4.83 3.26 10.95
N ARG A 71 4.72 4.35 11.71
CA ARG A 71 3.46 5.10 11.74
C ARG A 71 3.18 5.74 10.40
N LEU A 72 1.90 5.80 10.05
CA LEU A 72 1.44 6.62 8.94
C LEU A 72 1.61 8.11 9.21
N ARG A 73 2.05 8.85 8.19
CA ARG A 73 2.12 10.30 8.30
C ARG A 73 1.15 11.03 7.37
N THR A 74 0.30 10.30 6.64
CA THR A 74 -0.56 10.92 5.63
C THR A 74 -1.76 10.03 5.39
N PRO A 75 -2.90 10.60 5.04
CA PRO A 75 -3.97 9.77 4.47
C PRO A 75 -3.46 9.06 3.22
N MET A 76 -4.07 7.91 2.94
CA MET A 76 -3.72 7.16 1.74
C MET A 76 -4.97 6.54 1.14
N MET A 77 -4.89 6.19 -0.15
CA MET A 77 -5.90 5.40 -0.82
C MET A 77 -5.23 4.18 -1.43
N ARG A 78 -5.95 3.05 -1.44
CA ARG A 78 -5.45 1.90 -2.18
C ARG A 78 -5.60 2.15 -3.69
N THR A 79 -4.70 1.55 -4.45
CA THR A 79 -4.80 1.63 -5.91
C THR A 79 -4.90 0.26 -6.56
N ASN A 80 -4.83 -0.83 -5.78
CA ASN A 80 -5.19 -2.15 -6.28
C ASN A 80 -6.68 -2.36 -6.06
N PRO A 81 -7.48 -2.49 -7.12
CA PRO A 81 -8.93 -2.63 -6.90
C PRO A 81 -9.32 -3.95 -6.24
N LYS A 82 -8.45 -4.96 -6.30
CA LYS A 82 -8.70 -6.23 -5.63
C LYS A 82 -8.33 -6.12 -4.16
N LYS A 83 -9.12 -6.79 -3.31
CA LYS A 83 -8.82 -6.89 -1.87
C LYS A 83 -8.62 -8.35 -1.49
N GLY A 84 -7.72 -8.59 -0.55
CA GLY A 84 -7.48 -9.93 -0.04
C GLY A 84 -6.13 -10.03 0.63
N ARG A 85 -6.01 -11.06 1.46
CA ARG A 85 -4.73 -11.33 2.11
C ARG A 85 -3.62 -11.42 1.09
N ASP A 86 -3.93 -11.84 -0.13
CA ASP A 86 -2.96 -12.04 -1.18
C ASP A 86 -2.82 -10.84 -2.10
N GLN A 87 -3.47 -9.72 -1.79
CA GLN A 87 -3.46 -8.54 -2.66
C GLN A 87 -2.77 -7.36 -1.97
N ASP A 88 -1.65 -6.91 -2.54
CA ASP A 88 -1.00 -5.71 -2.05
C ASP A 88 -1.90 -4.51 -2.34
N PRO A 89 -2.31 -3.73 -1.34
CA PRO A 89 -3.23 -2.61 -1.61
C PRO A 89 -2.64 -1.54 -2.50
N LYS A 90 -1.31 -1.47 -2.61
CA LYS A 90 -0.62 -0.42 -3.36
C LYS A 90 -1.10 0.97 -2.93
N PHE A 91 -1.01 1.23 -1.63
CA PHE A 91 -1.44 2.51 -1.09
C PHE A 91 -0.59 3.64 -1.67
N VAL A 92 -1.23 4.79 -1.95
CA VAL A 92 -0.54 6.01 -2.36
C VAL A 92 -1.09 7.18 -1.53
N PRO A 93 -0.29 8.23 -1.31
CA PRO A 93 -0.75 9.30 -0.41
C PRO A 93 -1.78 10.19 -1.08
N ILE A 94 -2.72 10.66 -0.26
CA ILE A 94 -3.69 11.67 -0.65
C ILE A 94 -3.83 12.66 0.51
N SER A 95 -4.56 13.74 0.25
CA SER A 95 -4.80 14.75 1.27
C SER A 95 -5.98 14.37 2.18
N TRP A 96 -6.05 15.03 3.33
CA TRP A 96 -7.21 14.85 4.20
C TRP A 96 -8.49 15.22 3.46
N ASP A 97 -8.44 16.31 2.69
CA ASP A 97 -9.64 16.77 1.99
C ASP A 97 -10.14 15.73 1.00
N LYS A 98 -9.23 15.13 0.23
CA LYS A 98 -9.62 14.12 -0.75
C LYS A 98 -10.10 12.84 -0.05
N ALA A 99 -9.41 12.42 1.01
CA ALA A 99 -9.81 11.18 1.69
C ALA A 99 -11.22 11.30 2.25
N LEU A 100 -11.52 12.43 2.91
CA LEU A 100 -12.85 12.60 3.47
C LEU A 100 -13.89 12.90 2.38
N ASP A 101 -13.48 13.54 1.28
CA ASP A 101 -14.37 13.70 0.14
C ASP A 101 -14.83 12.34 -0.36
N MET A 102 -13.90 11.39 -0.49
CA MET A 102 -14.24 10.05 -0.97
C MET A 102 -15.22 9.36 -0.04
N LEU A 103 -14.96 9.43 1.28
CA LEU A 103 -15.84 8.79 2.25
C LEU A 103 -17.20 9.47 2.26
N ALA A 104 -17.22 10.80 2.24
CA ALA A 104 -18.48 11.53 2.28
C ALA A 104 -19.33 11.20 1.06
N ASP A 105 -18.71 11.07 -0.12
CA ASP A 105 -19.48 10.73 -1.32
C ASP A 105 -20.17 9.38 -1.16
N LYS A 106 -19.47 8.40 -0.61
CA LYS A 106 -20.04 7.07 -0.48
C LYS A 106 -21.18 7.06 0.54
N ILE A 107 -21.05 7.84 1.61
CA ILE A 107 -22.11 7.93 2.62
C ILE A 107 -23.35 8.58 2.03
N ILE A 108 -23.16 9.72 1.34
CA ILE A 108 -24.32 10.41 0.79
C ILE A 108 -25.03 9.55 -0.24
N ALA A 109 -24.28 8.74 -0.99
CA ALA A 109 -24.91 7.85 -1.96
C ALA A 109 -25.84 6.86 -1.28
N LEU A 110 -25.46 6.35 -0.11
CA LEU A 110 -26.35 5.45 0.63
C LEU A 110 -27.67 6.13 0.98
N ARG A 111 -27.59 7.37 1.47
CA ARG A 111 -28.82 8.08 1.85
C ARG A 111 -29.71 8.33 0.63
N VAL A 112 -29.12 8.73 -0.50
CA VAL A 112 -29.89 8.96 -1.71
C VAL A 112 -30.62 7.69 -2.12
N ALA A 113 -29.99 6.53 -1.92
CA ALA A 113 -30.57 5.25 -2.29
C ALA A 113 -31.42 4.65 -1.19
N ASN A 114 -31.70 5.42 -0.13
CA ASN A 114 -32.53 4.96 0.99
C ASN A 114 -31.98 3.67 1.61
N GLU A 115 -30.67 3.59 1.73
CA GLU A 115 -30.02 2.43 2.35
C GLU A 115 -28.94 2.86 3.33
N PRO A 116 -29.23 3.83 4.21
CA PRO A 116 -28.20 4.24 5.20
C PRO A 116 -27.85 3.15 6.19
N HIS A 117 -28.71 2.15 6.38
CA HIS A 117 -28.38 1.04 7.27
C HIS A 117 -27.23 0.18 6.74
N LYS A 118 -26.83 0.37 5.47
CA LYS A 118 -25.68 -0.33 4.91
C LYS A 118 -24.36 0.36 5.24
N TYR A 119 -24.41 1.37 6.10
CA TYR A 119 -23.23 1.95 6.73
C TYR A 119 -22.95 1.26 8.07
N ALA A 120 -21.67 1.06 8.38
CA ALA A 120 -21.29 0.51 9.68
C ALA A 120 -20.10 1.27 10.24
N LEU A 121 -20.14 1.51 11.55
CA LEU A 121 -19.05 2.13 12.31
C LEU A 121 -18.53 1.07 13.27
N LEU A 122 -17.26 0.72 13.12
CA LEU A 122 -16.61 -0.26 13.98
C LEU A 122 -15.67 0.43 14.98
N ARG A 123 -15.81 0.09 16.25
CA ARG A 123 -15.03 0.68 17.34
C ARG A 123 -14.22 -0.41 18.02
N GLY A 124 -12.92 -0.18 18.14
CA GLY A 124 -12.08 -1.05 18.97
C GLY A 124 -11.83 -0.42 20.32
N ARG A 125 -10.61 0.05 20.59
CA ARG A 125 -10.39 0.90 21.76
C ARG A 125 -11.02 2.27 21.50
N TYR A 126 -11.08 3.06 22.57
CA TYR A 126 -11.91 4.27 22.57
C TYR A 126 -11.59 5.04 23.84
N SER A 127 -12.13 6.26 23.93
CA SER A 127 -12.15 7.00 25.19
C SER A 127 -13.59 7.40 25.46
N HIS A 128 -13.81 8.09 26.60
CA HIS A 128 -15.17 8.46 26.96
C HIS A 128 -15.72 9.64 26.15
N ILE A 129 -15.00 10.17 25.16
CA ILE A 129 -15.61 11.14 24.24
C ILE A 129 -16.18 10.45 22.99
N ASN A 130 -16.28 9.12 23.01
CA ASN A 130 -16.62 8.39 21.79
C ASN A 130 -18.07 8.58 21.31
N ASP A 131 -18.98 9.13 22.12
CA ASP A 131 -20.41 9.12 21.75
C ASP A 131 -20.65 9.75 20.37
N LEU A 132 -19.93 10.84 20.04
CA LEU A 132 -20.16 11.50 18.76
C LEU A 132 -19.85 10.56 17.58
N LEU A 133 -18.62 10.04 17.52
CA LEU A 133 -18.24 9.24 16.35
C LEU A 133 -18.97 7.89 16.32
N TYR A 134 -19.11 7.25 17.49
CA TYR A 134 -19.66 5.90 17.59
C TYR A 134 -21.17 5.89 17.40
N LYS A 135 -21.91 6.73 18.11
CA LYS A 135 -23.36 6.64 18.15
C LYS A 135 -24.05 7.75 17.35
N LYS A 136 -23.72 9.01 17.64
CA LYS A 136 -24.49 10.12 17.06
C LYS A 136 -24.28 10.22 15.55
N MET A 137 -23.02 10.26 15.10
CA MET A 137 -22.75 10.29 13.67
CA MET A 137 -22.76 10.29 13.67
C MET A 137 -23.43 9.12 12.96
N THR A 138 -23.35 7.92 13.54
CA THR A 138 -23.89 6.73 12.92
C THR A 138 -25.40 6.80 12.77
N ASN A 139 -26.10 7.21 13.83
CA ASN A 139 -27.56 7.25 13.78
C ASN A 139 -28.05 8.37 12.88
N LEU A 140 -27.38 9.53 12.90
CA LEU A 140 -27.77 10.63 12.06
C LEU A 140 -27.63 10.27 10.58
N ILE A 141 -26.56 9.57 10.21
CA ILE A 141 -26.46 9.02 8.86
C ILE A 141 -27.65 8.12 8.60
N GLY A 142 -28.04 7.32 9.59
CA GLY A 142 -29.23 6.50 9.52
C GLY A 142 -28.96 5.02 9.69
N SER A 143 -27.97 4.67 10.49
CA SER A 143 -27.57 3.28 10.62
C SER A 143 -27.67 2.81 12.06
N PRO A 144 -28.10 1.57 12.29
CA PRO A 144 -28.02 0.97 13.62
C PRO A 144 -26.71 0.26 13.90
N ASN A 145 -25.78 0.30 12.96
CA ASN A 145 -24.61 -0.56 13.02
C ASN A 145 -23.37 0.15 13.57
N ASN A 146 -23.51 0.70 14.77
CA ASN A 146 -22.35 1.05 15.59
C ASN A 146 -21.95 -0.19 16.39
N ILE A 147 -20.87 -0.84 15.96
CA ILE A 147 -20.44 -2.15 16.45
C ILE A 147 -19.17 -1.94 17.26
N SER A 148 -19.26 -2.14 18.58
CA SER A 148 -18.12 -2.11 19.47
C SER A 148 -17.41 -3.46 19.44
N HIS A 149 -16.33 -3.57 20.22
CA HIS A 149 -15.62 -4.84 20.39
C HIS A 149 -15.98 -5.56 21.69
N SER A 150 -17.05 -5.16 22.39
CA SER A 150 -17.22 -5.64 23.76
C SER A 150 -17.33 -7.16 23.82
N SER A 151 -17.94 -7.80 22.82
CA SER A 151 -18.16 -9.24 22.93
C SER A 151 -16.92 -10.06 22.61
N VAL A 152 -15.88 -9.46 22.04
CA VAL A 152 -14.60 -10.18 21.95
C VAL A 152 -13.73 -9.80 23.14
N CYS A 153 -14.29 -9.03 24.07
CA CYS A 153 -13.53 -8.61 25.25
C CYS A 153 -13.94 -9.44 26.46
N ALA A 154 -15.05 -9.11 27.11
CA ALA A 154 -15.37 -9.79 28.36
C ALA A 154 -16.84 -9.72 28.77
N GLU A 155 -17.78 -9.68 27.81
CA GLU A 155 -19.19 -9.53 28.19
C GLU A 155 -19.69 -10.73 29.01
N ALA A 156 -19.16 -11.92 28.78
CA ALA A 156 -19.60 -13.05 29.61
C ALA A 156 -19.24 -12.84 31.09
N HIS A 157 -18.15 -12.13 31.36
CA HIS A 157 -17.72 -11.82 32.73
C HIS A 157 -18.69 -10.87 33.44
N LYS A 158 -19.56 -10.20 32.72
CA LYS A 158 -20.58 -9.36 33.33
C LYS A 158 -21.89 -10.10 33.63
N MET A 159 -22.04 -11.34 33.16
CA MET A 159 -23.33 -12.02 33.30
C MET A 159 -23.61 -12.36 34.77
N GLY A 160 -22.62 -12.86 35.48
CA GLY A 160 -22.83 -13.15 36.89
C GLY A 160 -23.20 -11.90 37.67
N PRO A 161 -22.32 -10.88 37.59
CA PRO A 161 -22.64 -9.64 38.33
C PRO A 161 -23.98 -9.03 37.97
N TYR A 162 -24.39 -9.08 36.71
CA TYR A 162 -25.67 -8.47 36.38
C TYR A 162 -26.84 -9.33 36.91
N TYR A 163 -26.84 -10.62 36.61
CA TYR A 163 -28.02 -11.42 36.92
C TYR A 163 -28.08 -11.88 38.37
N LEU A 164 -27.00 -11.68 39.12
CA LEU A 164 -27.01 -11.92 40.55
C LEU A 164 -27.18 -10.65 41.37
N ASP A 165 -26.51 -9.54 40.98
CA ASP A 165 -26.62 -8.32 41.77
C ASP A 165 -26.78 -7.04 40.97
N GLY A 166 -27.16 -7.15 39.69
CA GLY A 166 -27.61 -5.98 38.94
C GLY A 166 -26.52 -5.09 38.38
N ASN A 167 -25.29 -5.56 38.34
CA ASN A 167 -24.16 -4.77 37.87
C ASN A 167 -23.73 -5.29 36.50
N TRP A 168 -24.16 -4.60 35.44
CA TRP A 168 -23.65 -4.89 34.09
C TRP A 168 -22.33 -4.12 33.95
N GLY A 169 -21.27 -4.70 34.49
CA GLY A 169 -20.01 -4.00 34.56
C GLY A 169 -19.02 -4.79 35.37
N TYR A 170 -17.86 -4.17 35.60
CA TYR A 170 -16.77 -4.79 36.34
C TYR A 170 -16.86 -4.46 37.81
N ASN A 171 -16.00 -5.10 38.59
CA ASN A 171 -15.83 -4.80 40.00
C ASN A 171 -14.39 -4.40 40.30
N GLN A 172 -14.20 -3.69 41.41
CA GLN A 172 -12.89 -3.53 42.03
C GLN A 172 -12.80 -4.51 43.20
N TYR A 173 -11.58 -4.92 43.53
CA TYR A 173 -11.29 -5.99 44.49
C TYR A 173 -10.50 -5.40 45.66
N ASP A 174 -11.04 -5.53 46.87
CA ASP A 174 -10.49 -4.82 48.03
C ASP A 174 -9.35 -5.62 48.66
N VAL A 175 -8.29 -5.79 47.86
CA VAL A 175 -7.16 -6.66 48.24
CA VAL A 175 -7.18 -6.67 48.25
C VAL A 175 -6.52 -6.22 49.54
N LYS A 176 -6.48 -4.91 49.80
CA LYS A 176 -5.77 -4.44 51.00
C LYS A 176 -6.41 -4.99 52.27
N ASN A 177 -7.69 -5.33 52.23
CA ASN A 177 -8.42 -5.80 53.40
C ASN A 177 -8.89 -7.24 53.27
N ALA A 178 -8.51 -7.93 52.21
CA ALA A 178 -8.95 -9.29 51.98
C ALA A 178 -8.30 -10.24 52.96
N LYS A 179 -9.05 -11.27 53.37
CA LYS A 179 -8.48 -12.41 54.09
C LYS A 179 -8.46 -13.70 53.26
N PHE A 180 -9.22 -13.76 52.18
CA PHE A 180 -9.13 -14.89 51.25
C PHE A 180 -9.36 -14.41 49.83
N ILE A 181 -8.46 -14.80 48.92
CA ILE A 181 -8.55 -14.44 47.51
C ILE A 181 -8.58 -15.73 46.71
N LEU A 182 -9.64 -15.92 45.93
CA LEU A 182 -9.81 -17.10 45.08
C LEU A 182 -9.92 -16.60 43.65
N SER A 183 -8.96 -16.95 42.79
CA SER A 183 -8.93 -16.48 41.40
C SER A 183 -9.18 -17.61 40.42
N PHE A 184 -10.28 -17.51 39.67
CA PHE A 184 -10.55 -18.42 38.56
C PHE A 184 -9.99 -17.78 37.30
N GLY A 185 -8.70 -17.99 37.09
CA GLY A 185 -8.04 -17.61 35.86
C GLY A 185 -7.48 -16.19 35.83
N ALA A 186 -7.76 -15.36 36.82
CA ALA A 186 -7.25 -14.00 36.81
C ALA A 186 -5.82 -13.99 37.31
N ASP A 187 -5.03 -13.07 36.73
CA ASP A 187 -3.58 -12.97 36.93
C ASP A 187 -3.29 -11.49 37.14
N PRO A 188 -3.74 -10.93 38.26
CA PRO A 188 -3.87 -9.45 38.35
C PRO A 188 -2.56 -8.69 38.45
N ILE A 189 -1.43 -9.38 38.63
CA ILE A 189 -0.14 -8.70 38.65
C ILE A 189 0.47 -8.69 37.26
N ALA A 190 -0.33 -9.10 36.27
CA ALA A 190 0.11 -9.15 34.87
C ALA A 190 -0.97 -8.64 33.90
N SER A 191 -2.22 -9.08 34.07
CA SER A 191 -3.32 -8.55 33.28
C SER A 191 -4.50 -8.22 34.20
N ASN A 192 -5.72 -8.19 33.64
CA ASN A 192 -6.91 -7.65 34.32
C ASN A 192 -6.82 -6.13 34.42
N ARG A 193 -7.63 -5.50 35.29
CA ARG A 193 -8.03 -4.11 35.06
C ARG A 193 -7.53 -3.11 36.11
N GLN A 194 -6.53 -3.48 36.90
CA GLN A 194 -5.69 -2.45 37.51
C GLN A 194 -4.33 -3.04 37.79
N VAL A 195 -3.57 -3.31 36.73
CA VAL A 195 -2.32 -4.03 36.91
C VAL A 195 -1.39 -3.22 37.82
N SER A 196 -1.42 -1.89 37.70
CA SER A 196 -0.55 -1.05 38.52
C SER A 196 -0.88 -1.19 40.00
N PHE A 197 -2.17 -1.09 40.35
CA PHE A 197 -2.56 -1.13 41.76
C PHE A 197 -2.45 -2.55 42.32
N TYR A 198 -2.87 -3.57 41.57
CA TYR A 198 -2.80 -4.92 42.13
C TYR A 198 -1.36 -5.40 42.22
N SER A 199 -0.47 -4.91 41.35
CA SER A 199 0.97 -5.17 41.53
C SER A 199 1.52 -4.45 42.76
N GLN A 200 1.04 -3.24 43.01
CA GLN A 200 1.47 -2.47 44.17
C GLN A 200 1.19 -3.23 45.47
N THR A 201 0.06 -3.95 45.52
CA THR A 201 -0.48 -4.48 46.77
C THR A 201 -0.35 -5.99 46.91
N TRP A 202 -0.08 -6.73 45.83
CA TRP A 202 -0.22 -8.18 45.87
C TRP A 202 0.70 -8.82 46.93
N GLY A 203 2.00 -8.50 46.88
CA GLY A 203 2.93 -9.08 47.83
C GLY A 203 2.57 -8.79 49.28
N ASP A 204 2.20 -7.54 49.58
CA ASP A 204 1.78 -7.20 50.93
C ASP A 204 0.54 -7.99 51.34
N SER A 205 -0.38 -8.23 50.40
CA SER A 205 -1.62 -8.89 50.75
CA SER A 205 -1.62 -8.90 50.73
C SER A 205 -1.37 -10.34 51.18
N LEU A 206 -0.28 -10.94 50.73
CA LEU A 206 0.01 -12.33 51.09
C LEU A 206 0.27 -12.46 52.60
N ASP A 207 0.55 -11.36 53.28
CA ASP A 207 0.78 -11.43 54.72
C ASP A 207 -0.51 -11.44 55.53
N HIS A 208 -1.65 -11.16 54.92
CA HIS A 208 -2.92 -11.21 55.64
C HIS A 208 -4.02 -11.94 54.89
N ALA A 209 -3.75 -12.47 53.71
CA ALA A 209 -4.74 -13.21 52.95
C ALA A 209 -4.16 -14.53 52.47
N LYS A 210 -5.00 -15.56 52.45
CA LYS A 210 -4.68 -16.81 51.80
C LYS A 210 -5.16 -16.74 50.35
N VAL A 211 -4.29 -17.05 49.39
CA VAL A 211 -4.52 -16.79 47.98
C VAL A 211 -4.41 -18.08 47.19
N VAL A 212 -5.46 -18.39 46.44
CA VAL A 212 -5.56 -19.58 45.62
C VAL A 212 -5.82 -19.15 44.18
N VAL A 213 -4.99 -19.61 43.25
CA VAL A 213 -5.10 -19.22 41.84
C VAL A 213 -5.38 -20.48 41.04
N VAL A 214 -6.50 -20.48 40.32
CA VAL A 214 -6.97 -21.61 39.51
C VAL A 214 -6.75 -21.26 38.04
N ASP A 215 -5.78 -21.93 37.39
CA ASP A 215 -5.40 -21.56 36.04
C ASP A 215 -4.70 -22.77 35.42
N PRO A 216 -5.00 -23.13 34.18
CA PRO A 216 -4.30 -24.27 33.57
C PRO A 216 -2.80 -24.07 33.44
N ARG A 217 -2.30 -22.84 33.52
CA ARG A 217 -0.86 -22.58 33.51
C ARG A 217 -0.44 -21.92 34.82
N LEU A 218 0.84 -22.05 35.14
CA LEU A 218 1.43 -21.39 36.30
C LEU A 218 1.68 -19.94 35.92
N SER A 219 0.71 -19.08 36.24
CA SER A 219 0.82 -17.66 35.99
C SER A 219 1.70 -17.01 37.04
N ALA A 220 2.10 -15.74 36.75
CA ALA A 220 2.84 -14.97 37.72
C ALA A 220 2.10 -14.92 39.05
N SER A 221 0.77 -14.73 38.99
CA SER A 221 -0.01 -14.65 40.23
C SER A 221 0.00 -15.99 40.97
N ALA A 222 -0.16 -17.10 40.23
CA ALA A 222 -0.10 -18.43 40.84
C ALA A 222 1.28 -18.71 41.44
N ALA A 223 2.36 -18.24 40.81
CA ALA A 223 3.68 -18.41 41.40
C ALA A 223 3.82 -17.64 42.70
N LYS A 224 3.01 -16.60 42.89
CA LYS A 224 3.00 -15.83 44.14
C LYS A 224 1.71 -16.08 44.92
N ALA A 225 1.26 -17.33 44.93
CA ALA A 225 0.05 -17.69 45.66
C ALA A 225 0.33 -18.85 46.61
N HIS A 226 -0.58 -19.05 47.58
CA HIS A 226 -0.42 -20.17 48.49
C HIS A 226 -0.84 -21.49 47.86
N LYS A 227 -1.56 -21.46 46.75
CA LYS A 227 -1.92 -22.69 46.06
C LYS A 227 -2.18 -22.40 44.60
N TRP A 228 -1.55 -23.19 43.72
CA TRP A 228 -1.86 -23.20 42.30
C TRP A 228 -2.69 -24.44 42.00
N ILE A 229 -3.92 -24.26 41.52
CA ILE A 229 -4.78 -25.36 41.09
C ILE A 229 -4.76 -25.38 39.56
N PRO A 230 -4.08 -26.37 38.94
CA PRO A 230 -3.93 -26.40 37.46
C PRO A 230 -5.14 -27.05 36.81
N ILE A 231 -6.25 -26.30 36.81
CA ILE A 231 -7.53 -26.83 36.35
C ILE A 231 -7.45 -27.21 34.87
N GLU A 232 -8.17 -28.29 34.53
CA GLU A 232 -8.39 -28.57 33.12
C GLU A 232 -9.22 -27.44 32.52
N PRO A 233 -8.87 -26.91 31.35
CA PRO A 233 -9.67 -25.84 30.74
C PRO A 233 -11.16 -26.16 30.70
N GLY A 234 -11.98 -25.21 31.15
CA GLY A 234 -13.42 -25.32 31.09
C GLY A 234 -14.09 -26.02 32.26
N GLN A 235 -13.35 -26.40 33.30
CA GLN A 235 -13.95 -27.10 34.43
C GLN A 235 -14.05 -26.25 35.70
N ASP A 236 -13.82 -24.94 35.59
CA ASP A 236 -13.79 -24.07 36.77
C ASP A 236 -15.05 -24.16 37.62
N SER A 237 -16.22 -24.19 36.97
CA SER A 237 -17.46 -24.17 37.74
C SER A 237 -17.60 -25.38 38.64
N VAL A 238 -16.97 -26.51 38.30
CA VAL A 238 -17.04 -27.70 39.17
C VAL A 238 -16.48 -27.37 40.55
N LEU A 239 -15.34 -26.68 40.59
CA LEU A 239 -14.73 -26.32 41.86
C LEU A 239 -15.57 -25.27 42.57
N ALA A 240 -16.07 -24.28 41.85
CA ALA A 240 -16.87 -23.23 42.50
C ALA A 240 -18.13 -23.83 43.14
N LEU A 241 -18.76 -24.77 42.45
CA LEU A 241 -20.00 -25.35 42.96
C LEU A 241 -19.74 -26.26 44.17
N ALA A 242 -18.67 -27.04 44.11
CA ALA A 242 -18.34 -27.90 45.25
C ALA A 242 -17.99 -27.05 46.48
N ILE A 243 -17.31 -25.91 46.29
CA ILE A 243 -17.01 -25.05 47.42
C ILE A 243 -18.30 -24.54 48.07
N ALA A 244 -19.26 -24.11 47.26
CA ALA A 244 -20.55 -23.67 47.78
C ALA A 244 -21.27 -24.78 48.51
N HIS A 245 -21.23 -26.01 47.95
CA HIS A 245 -21.82 -27.16 48.61
C HIS A 245 -21.25 -27.35 50.02
N VAL A 246 -19.92 -27.37 50.13
CA VAL A 246 -19.29 -27.61 51.42
C VAL A 246 -19.64 -26.49 52.39
N ALA A 247 -19.67 -25.24 51.90
CA ALA A 247 -20.05 -24.12 52.75
C ALA A 247 -21.41 -24.36 53.40
N LEU A 248 -22.39 -24.87 52.64
CA LEU A 248 -23.70 -25.11 53.23
C LEU A 248 -23.66 -26.30 54.19
N VAL A 249 -22.98 -27.38 53.82
CA VAL A 249 -22.90 -28.54 54.72
C VAL A 249 -22.26 -28.15 56.05
N GLU A 250 -21.22 -27.31 55.99
CA GLU A 250 -20.48 -26.91 57.18
C GLU A 250 -21.12 -25.75 57.91
N GLY A 251 -22.14 -25.11 57.34
CA GLY A 251 -22.82 -24.02 57.99
C GLY A 251 -22.03 -22.73 58.03
N VAL A 252 -21.23 -22.44 57.00
CA VAL A 252 -20.31 -21.31 57.07
C VAL A 252 -20.56 -20.28 55.96
N TRP A 253 -21.78 -20.21 55.43
CA TRP A 253 -22.17 -19.04 54.66
C TRP A 253 -22.18 -17.82 55.59
N HIS A 254 -22.23 -16.64 55.02
CA HIS A 254 -22.16 -15.41 55.82
C HIS A 254 -23.57 -14.99 56.24
N LYS A 255 -23.93 -15.33 57.46
CA LYS A 255 -25.31 -15.15 57.90
C LYS A 255 -25.77 -13.70 57.86
N PRO A 256 -24.96 -12.70 58.23
CA PRO A 256 -25.46 -11.32 58.17
C PRO A 256 -25.95 -10.91 56.80
N PHE A 257 -25.42 -11.49 55.71
CA PHE A 257 -25.87 -11.20 54.36
C PHE A 257 -26.91 -12.20 53.85
N VAL A 258 -26.71 -13.48 54.07
CA VAL A 258 -27.58 -14.50 53.48
C VAL A 258 -28.83 -14.76 54.32
N GLY A 259 -28.70 -14.79 55.65
CA GLY A 259 -29.76 -15.29 56.51
C GLY A 259 -29.39 -16.59 57.19
N ASP A 260 -30.43 -17.28 57.71
CA ASP A 260 -30.19 -18.50 58.48
C ASP A 260 -31.49 -19.29 58.59
N PHE A 261 -31.35 -20.53 59.02
CA PHE A 261 -32.54 -21.32 59.30
C PHE A 261 -33.34 -20.72 60.46
N ILE A 262 -34.67 -20.75 60.32
CA ILE A 262 -35.54 -20.17 61.35
C ILE A 262 -35.28 -20.81 62.71
N GLU A 263 -35.10 -22.11 62.76
CA GLU A 263 -34.88 -22.80 64.03
C GLU A 263 -33.40 -22.99 64.36
N GLY A 264 -32.51 -22.34 63.63
CA GLY A 264 -31.10 -22.31 63.99
C GLY A 264 -30.26 -23.48 63.54
N LYS A 265 -30.82 -24.69 63.55
CA LYS A 265 -30.07 -25.88 63.17
C LYS A 265 -29.84 -25.91 61.66
N ASN A 266 -28.63 -26.27 61.27
CA ASN A 266 -28.28 -26.33 59.85
C ASN A 266 -28.90 -27.58 59.25
N LEU A 267 -29.86 -27.44 58.33
CA LEU A 267 -30.54 -28.59 57.74
C LEU A 267 -29.95 -29.05 56.40
N PHE A 268 -28.90 -28.41 55.89
CA PHE A 268 -28.31 -28.80 54.60
C PHE A 268 -27.47 -30.05 54.82
N LYS A 269 -27.98 -31.20 54.42
CA LYS A 269 -27.26 -32.47 54.45
C LYS A 269 -27.08 -32.94 53.01
N ALA A 270 -25.88 -33.39 52.66
CA ALA A 270 -25.57 -33.73 51.27
C ALA A 270 -26.62 -34.63 50.67
N GLY A 271 -27.08 -34.29 49.47
CA GLY A 271 -28.01 -35.13 48.74
C GLY A 271 -29.47 -35.01 49.10
N LYS A 272 -29.82 -34.28 50.15
CA LYS A 272 -31.17 -34.28 50.70
C LYS A 272 -31.83 -32.91 50.54
N THR A 273 -33.09 -32.92 50.08
CA THR A 273 -33.80 -31.67 49.91
C THR A 273 -34.23 -31.09 51.27
N VAL A 274 -34.50 -29.79 51.26
CA VAL A 274 -34.80 -28.99 52.44
C VAL A 274 -36.02 -28.13 52.14
N SER A 275 -36.86 -27.90 53.14
CA SER A 275 -38.01 -27.04 52.92
C SER A 275 -37.55 -25.59 52.74
N VAL A 276 -38.00 -24.96 51.65
CA VAL A 276 -37.67 -23.56 51.43
C VAL A 276 -38.14 -22.70 52.60
N GLU A 277 -39.29 -23.05 53.19
CA GLU A 277 -39.87 -22.25 54.27
C GLU A 277 -39.17 -22.42 55.61
N SER A 278 -38.22 -23.34 55.73
CA SER A 278 -37.47 -23.49 56.98
C SER A 278 -36.33 -22.49 57.11
N PHE A 279 -36.07 -21.69 56.07
CA PHE A 279 -34.92 -20.78 56.00
C PHE A 279 -35.44 -19.37 55.75
N LYS A 280 -34.85 -18.40 56.42
CA LYS A 280 -35.22 -16.98 56.24
C LYS A 280 -34.03 -16.23 55.65
N GLU A 281 -34.10 -15.92 54.36
CA GLU A 281 -33.03 -15.16 53.72
C GLU A 281 -33.13 -13.67 54.07
N THR A 282 -31.98 -13.02 54.14
CA THR A 282 -31.90 -11.60 54.48
C THR A 282 -31.77 -10.75 53.22
N HIS A 283 -30.60 -10.77 52.60
CA HIS A 283 -30.38 -9.97 51.39
C HIS A 283 -30.23 -10.79 50.12
N THR A 284 -30.38 -12.10 50.19
CA THR A 284 -30.29 -12.98 49.04
C THR A 284 -31.65 -13.57 48.72
N TYR A 285 -31.75 -14.17 47.53
CA TYR A 285 -32.93 -14.89 47.13
C TYR A 285 -32.57 -16.21 46.45
N GLY A 286 -33.15 -17.29 46.93
CA GLY A 286 -33.10 -18.55 46.21
C GLY A 286 -32.10 -19.57 46.71
N LEU A 287 -31.52 -19.37 47.89
CA LEU A 287 -30.51 -20.30 48.36
C LEU A 287 -31.03 -21.73 48.44
N VAL A 288 -32.21 -21.94 49.03
CA VAL A 288 -32.68 -23.31 49.24
C VAL A 288 -33.13 -23.95 47.93
N GLU A 289 -33.77 -23.17 47.05
CA GLU A 289 -34.11 -23.69 45.73
C GLU A 289 -32.85 -24.14 44.97
N TRP A 290 -31.79 -23.35 45.04
CA TRP A 290 -30.52 -23.73 44.43
C TRP A 290 -30.04 -25.08 45.00
N TRP A 291 -30.02 -25.19 46.32
CA TRP A 291 -29.66 -26.46 46.94
C TRP A 291 -30.54 -27.61 46.42
N ASN A 292 -31.87 -27.44 46.48
CA ASN A 292 -32.78 -28.55 46.16
C ASN A 292 -32.65 -28.98 44.70
N GLN A 293 -32.40 -28.03 43.81
CA GLN A 293 -32.39 -28.32 42.38
C GLN A 293 -31.05 -28.77 41.84
N ALA A 294 -29.96 -28.55 42.58
CA ALA A 294 -28.65 -28.89 42.04
C ALA A 294 -27.54 -28.96 43.08
N LEU A 295 -27.43 -27.94 43.94
CA LEU A 295 -26.24 -27.80 44.75
C LEU A 295 -26.12 -28.93 45.78
N LYS A 296 -27.24 -29.54 46.16
CA LYS A 296 -27.20 -30.62 47.16
C LYS A 296 -26.35 -31.81 46.71
N ASP A 297 -26.16 -31.99 45.40
CA ASP A 297 -25.42 -33.14 44.88
C ASP A 297 -24.06 -32.77 44.34
N TYR A 298 -23.66 -31.50 44.45
CA TYR A 298 -22.35 -31.08 43.96
C TYR A 298 -21.29 -31.29 45.05
N THR A 299 -21.08 -32.55 45.43
CA THR A 299 -20.22 -32.90 46.54
C THR A 299 -18.74 -32.76 46.15
N PRO A 300 -17.86 -32.71 47.15
CA PRO A 300 -16.43 -32.75 46.84
C PRO A 300 -16.02 -34.00 46.08
N GLU A 301 -16.66 -35.13 46.36
CA GLU A 301 -16.35 -36.35 45.64
C GLU A 301 -16.78 -36.25 44.18
N TRP A 302 -17.96 -35.69 43.93
CA TRP A 302 -18.40 -35.41 42.57
C TRP A 302 -17.37 -34.55 41.84
N ALA A 303 -16.89 -33.49 42.51
CA ALA A 303 -15.96 -32.56 41.87
C ALA A 303 -14.61 -33.20 41.61
N SER A 304 -14.13 -34.00 42.57
CA SER A 304 -12.82 -34.65 42.41
C SER A 304 -12.83 -35.63 41.25
N LYS A 305 -13.93 -36.34 41.03
CA LYS A 305 -13.99 -37.29 39.93
C LYS A 305 -13.83 -36.57 38.60
N ILE A 306 -14.41 -35.38 38.47
CA ILE A 306 -14.31 -34.62 37.22
C ILE A 306 -12.95 -33.95 37.09
N THR A 307 -12.44 -33.33 38.17
CA THR A 307 -11.30 -32.42 38.07
C THR A 307 -9.98 -33.04 38.50
N GLY A 308 -10.01 -34.11 39.29
CA GLY A 308 -8.79 -34.61 39.90
C GLY A 308 -8.33 -33.85 41.12
N ILE A 309 -9.03 -32.80 41.52
CA ILE A 309 -8.68 -32.06 42.74
C ILE A 309 -8.97 -32.92 43.96
N ASP A 310 -8.05 -32.90 44.92
CA ASP A 310 -8.22 -33.62 46.18
C ASP A 310 -9.47 -33.13 46.89
N PRO A 311 -10.42 -33.98 47.25
CA PRO A 311 -11.63 -33.47 47.94
C PRO A 311 -11.29 -32.80 49.25
N LYS A 312 -10.21 -33.20 49.93
CA LYS A 312 -9.82 -32.52 51.16
C LYS A 312 -9.40 -31.09 50.90
N THR A 313 -8.81 -30.81 49.74
CA THR A 313 -8.46 -29.44 49.37
C THR A 313 -9.70 -28.59 49.14
N ILE A 314 -10.69 -29.13 48.44
CA ILE A 314 -11.95 -28.41 48.25
C ILE A 314 -12.57 -28.07 49.60
N ILE A 315 -12.64 -29.06 50.51
CA ILE A 315 -13.26 -28.84 51.82
C ILE A 315 -12.50 -27.79 52.60
N ALA A 316 -11.17 -27.86 52.59
CA ALA A 316 -10.37 -26.92 53.35
C ALA A 316 -10.54 -25.51 52.81
N ILE A 317 -10.60 -25.34 51.49
CA ILE A 317 -10.80 -24.01 50.91
C ILE A 317 -12.13 -23.43 51.38
N ALA A 318 -13.21 -24.24 51.31
CA ALA A 318 -14.51 -23.74 51.70
C ALA A 318 -14.52 -23.31 53.15
N LYS A 319 -13.88 -24.08 54.03
CA LYS A 319 -13.81 -23.73 55.45
C LYS A 319 -12.98 -22.45 55.67
N ASP A 320 -11.85 -22.33 54.95
CA ASP A 320 -11.05 -21.12 55.07
C ASP A 320 -11.83 -19.90 54.61
N MET A 321 -12.58 -20.03 53.50
CA MET A 321 -13.44 -18.93 53.04
C MET A 321 -14.52 -18.62 54.07
N GLY A 322 -15.13 -19.65 54.64
CA GLY A 322 -16.09 -19.42 55.71
C GLY A 322 -15.52 -18.61 56.86
N ALA A 323 -14.31 -18.94 57.31
CA ALA A 323 -13.70 -18.24 58.44
C ALA A 323 -13.26 -16.82 58.06
N ALA A 324 -12.95 -16.58 56.78
CA ALA A 324 -12.54 -15.25 56.33
C ALA A 324 -13.72 -14.31 56.09
N ALA A 325 -14.91 -14.86 55.85
CA ALA A 325 -16.06 -14.06 55.48
C ALA A 325 -16.27 -12.91 56.47
N PRO A 326 -16.66 -11.72 55.98
CA PRO A 326 -16.97 -11.38 54.59
C PRO A 326 -15.80 -10.86 53.77
N ALA A 327 -14.58 -10.97 54.29
CA ALA A 327 -13.38 -10.48 53.61
C ALA A 327 -12.87 -11.51 52.60
N VAL A 328 -13.77 -11.87 51.67
CA VAL A 328 -13.57 -12.94 50.71
C VAL A 328 -13.90 -12.37 49.34
N GLN A 329 -13.02 -12.62 48.36
CA GLN A 329 -13.24 -12.15 46.99
C GLN A 329 -12.88 -13.22 45.98
N VAL A 330 -13.77 -13.41 45.02
CA VAL A 330 -13.62 -14.40 43.96
C VAL A 330 -13.52 -13.65 42.64
N TRP A 331 -12.41 -13.83 41.95
CA TRP A 331 -12.15 -13.26 40.64
C TRP A 331 -12.49 -14.24 39.53
N THR A 332 -13.07 -13.75 38.44
CA THR A 332 -13.16 -14.52 37.20
C THR A 332 -12.42 -13.79 36.09
N SER A 333 -11.66 -14.53 35.32
CA SER A 333 -11.03 -14.00 34.13
C SER A 333 -11.78 -14.45 32.88
N ARG A 334 -11.45 -13.80 31.75
CA ARG A 334 -11.84 -14.25 30.43
C ARG A 334 -11.68 -15.75 30.24
N GLY A 335 -10.55 -16.28 30.74
CA GLY A 335 -10.22 -17.67 30.49
C GLY A 335 -11.29 -18.60 31.03
N ALA A 336 -11.82 -18.29 32.21
CA ALA A 336 -12.86 -19.13 32.80
C ALA A 336 -14.21 -18.98 32.11
N VAL A 337 -14.54 -17.78 31.61
CA VAL A 337 -15.92 -17.48 31.24
C VAL A 337 -16.13 -17.24 29.75
N MET A 338 -15.10 -16.91 28.96
CA MET A 338 -15.29 -16.67 27.53
C MET A 338 -15.23 -18.01 26.79
N GLN A 339 -16.26 -18.81 27.04
CA GLN A 339 -16.45 -20.15 26.51
C GLN A 339 -17.92 -20.25 26.12
N ALA A 340 -18.23 -21.21 25.25
CA ALA A 340 -19.57 -21.25 24.63
C ALA A 340 -20.69 -21.44 25.66
N ARG A 341 -20.41 -22.06 26.80
CA ARG A 341 -21.40 -22.19 27.87
C ARG A 341 -21.00 -21.39 29.11
N GLY A 342 -20.16 -20.38 28.92
CA GLY A 342 -19.46 -19.72 30.01
C GLY A 342 -20.30 -18.81 30.86
N THR A 343 -21.47 -18.39 30.37
CA THR A 343 -22.36 -17.61 31.24
C THR A 343 -22.52 -18.28 32.61
N TYR A 344 -22.67 -19.60 32.65
CA TYR A 344 -22.91 -20.27 33.92
C TYR A 344 -21.65 -20.51 34.74
N THR A 345 -20.46 -20.30 34.17
CA THR A 345 -19.24 -20.20 34.98
C THR A 345 -19.15 -18.83 35.67
N SER A 346 -19.47 -17.74 34.96
CA SER A 346 -19.52 -16.45 35.61
C SER A 346 -20.51 -16.49 36.78
N ILE A 347 -21.70 -17.07 36.53
CA ILE A 347 -22.72 -17.15 37.58
C ILE A 347 -22.23 -18.02 38.75
N SER A 348 -21.67 -19.20 38.44
CA SER A 348 -21.27 -20.13 39.51
C SER A 348 -20.14 -19.55 40.36
N CYS A 349 -19.15 -18.94 39.73
CA CYS A 349 -18.05 -18.35 40.50
C CYS A 349 -18.49 -17.11 41.28
N HIS A 350 -19.26 -16.24 40.64
CA HIS A 350 -19.69 -15.01 41.31
C HIS A 350 -20.67 -15.29 42.44
N ALA A 351 -21.44 -16.38 42.36
CA ALA A 351 -22.33 -16.74 43.46
C ALA A 351 -21.56 -16.83 44.78
N LEU A 352 -20.29 -17.26 44.74
CA LEU A 352 -19.52 -17.35 45.96
C LEU A 352 -19.31 -15.99 46.62
N ASN A 353 -19.26 -14.93 45.81
CA ASN A 353 -19.10 -13.60 46.38
C ASN A 353 -20.34 -13.19 47.18
N GLY A 354 -21.50 -13.75 46.84
CA GLY A 354 -22.67 -13.53 47.67
C GLY A 354 -22.74 -14.48 48.85
N LEU A 355 -22.39 -15.75 48.62
CA LEU A 355 -22.51 -16.75 49.67
C LEU A 355 -21.63 -16.43 50.88
N PHE A 356 -20.44 -15.91 50.63
CA PHE A 356 -19.55 -15.54 51.72
C PHE A 356 -19.62 -14.05 52.09
N GLY A 357 -20.58 -13.31 51.54
CA GLY A 357 -20.82 -11.94 51.94
C GLY A 357 -19.82 -10.91 51.46
N GLY A 358 -18.96 -11.26 50.50
CA GLY A 358 -17.93 -10.35 50.03
C GLY A 358 -18.45 -9.21 49.20
N ILE A 359 -19.61 -9.40 48.56
CA ILE A 359 -20.16 -8.35 47.71
C ILE A 359 -20.46 -7.11 48.56
N ASP A 360 -19.84 -5.98 48.17
CA ASP A 360 -19.97 -4.69 48.85
C ASP A 360 -19.47 -4.71 50.29
N SER A 361 -18.54 -5.63 50.61
CA SER A 361 -17.98 -5.69 51.95
C SER A 361 -16.48 -5.42 51.97
N LYS A 362 -16.01 -5.04 53.16
CA LYS A 362 -14.57 -4.84 53.38
C LYS A 362 -13.80 -6.12 53.12
N GLY A 363 -12.79 -6.03 52.26
CA GLY A 363 -12.03 -7.18 51.80
C GLY A 363 -12.67 -7.95 50.67
N GLY A 364 -13.84 -7.55 50.22
CA GLY A 364 -14.53 -8.25 49.14
C GLY A 364 -14.39 -7.57 47.79
N LEU A 365 -15.50 -7.36 47.08
CA LEU A 365 -15.45 -6.69 45.78
C LEU A 365 -16.74 -5.89 45.61
N PHE A 366 -16.68 -4.86 44.77
CA PHE A 366 -17.84 -4.04 44.55
C PHE A 366 -17.63 -3.20 43.30
N PRO A 367 -18.68 -2.54 42.80
CA PRO A 367 -18.55 -1.77 41.56
C PRO A 367 -17.73 -0.50 41.74
N GLY A 368 -17.49 0.17 40.61
CA GLY A 368 -16.83 1.46 40.65
C GLY A 368 -17.72 2.50 41.31
N ASN A 369 -17.07 3.42 42.05
CA ASN A 369 -17.77 4.52 42.72
C ASN A 369 -18.47 5.42 41.71
N LYS A 370 -19.52 6.10 42.16
CA LYS A 370 -20.21 7.08 41.34
C LYS A 370 -19.31 8.30 41.07
N THR A 371 -19.36 8.80 39.84
CA THR A 371 -18.73 10.06 39.50
C THR A 371 -19.68 10.91 38.68
N PRO A 372 -19.46 12.22 38.61
CA PRO A 372 -20.33 13.08 37.80
C PRO A 372 -19.87 13.26 36.36
N LEU A 373 -18.92 12.47 35.87
CA LEU A 373 -18.52 12.54 34.47
C LEU A 373 -19.72 12.27 33.58
N LEU A 374 -19.93 13.12 32.59
CA LEU A 374 -20.92 12.88 31.56
C LEU A 374 -20.35 11.92 30.51
N LYS A 375 -21.20 11.06 29.97
CA LYS A 375 -20.79 10.05 29.00
C LYS A 375 -21.41 10.20 27.63
N GLU A 376 -22.34 11.13 27.44
CA GLU A 376 -22.97 11.35 26.15
C GLU A 376 -23.10 12.85 25.85
N TYR A 377 -23.05 13.19 24.56
CA TYR A 377 -23.42 14.52 24.10
C TYR A 377 -24.94 14.61 24.02
N PRO A 378 -25.47 15.80 23.77
CA PRO A 378 -26.93 15.97 23.84
C PRO A 378 -27.66 15.06 22.86
N GLU A 379 -28.95 14.88 23.15
CA GLU A 379 -29.82 14.09 22.30
CA GLU A 379 -29.80 14.08 22.29
C GLU A 379 -29.85 14.66 20.88
N ALA A 380 -29.94 13.77 19.89
CA ALA A 380 -29.92 14.14 18.48
C ALA A 380 -31.27 13.99 17.78
N LYS A 381 -32.35 13.83 18.55
CA LYS A 381 -33.66 13.52 17.97
C LYS A 381 -34.08 14.59 16.95
N ALA A 382 -33.81 15.86 17.24
CA ALA A 382 -34.26 16.92 16.34
C ALA A 382 -33.50 16.92 15.03
N TYR A 383 -32.40 16.19 14.91
CA TYR A 383 -31.57 16.20 13.72
C TYR A 383 -31.74 14.97 12.86
N MET A 384 -32.58 14.02 13.27
CA MET A 384 -32.89 12.84 12.48
C MET A 384 -33.92 13.19 11.40
N ASP A 385 -33.60 12.96 10.14
CA ASP A 385 -34.60 13.11 9.09
C ASP A 385 -35.31 11.76 8.88
N GLU A 386 -36.24 11.73 7.92
CA GLU A 386 -37.02 10.52 7.70
C GLU A 386 -36.13 9.36 7.27
N ILE A 387 -35.11 9.65 6.45
CA ILE A 387 -34.20 8.59 6.01
C ILE A 387 -33.52 7.96 7.21
N ALA A 388 -33.02 8.79 8.14
CA ALA A 388 -32.32 8.26 9.31
C ALA A 388 -33.28 7.54 10.24
N ALA A 389 -34.48 8.09 10.46
CA ALA A 389 -35.43 7.48 11.37
C ALA A 389 -35.79 6.06 10.92
N LYS A 390 -35.90 5.84 9.61
CA LYS A 390 -36.22 4.51 9.11
C LYS A 390 -35.03 3.57 9.23
N GLY A 391 -33.82 4.07 8.93
CA GLY A 391 -32.66 3.19 8.90
C GLY A 391 -32.26 2.63 10.25
N VAL A 392 -32.37 3.46 11.30
CA VAL A 392 -31.94 3.01 12.62
C VAL A 392 -32.81 1.90 13.19
N LYS A 393 -33.97 1.62 12.59
CA LYS A 393 -34.84 0.55 13.04
C LYS A 393 -34.50 -0.80 12.42
N LYS A 394 -33.58 -0.85 11.46
CA LYS A 394 -33.25 -2.10 10.80
C LYS A 394 -32.54 -3.05 11.77
N GLU A 395 -32.63 -4.35 11.49
CA GLU A 395 -31.84 -5.32 12.25
C GLU A 395 -30.35 -5.02 12.14
N LYS A 396 -29.62 -5.23 13.23
CA LYS A 396 -28.19 -4.99 13.22
CA LYS A 396 -28.19 -4.97 13.21
C LYS A 396 -27.46 -6.07 12.44
N ILE A 397 -26.33 -5.70 11.84
CA ILE A 397 -25.58 -6.59 10.97
C ILE A 397 -25.02 -7.79 11.73
N ASP A 398 -24.89 -7.69 13.05
CA ASP A 398 -24.38 -8.81 13.84
C ASP A 398 -25.48 -9.75 14.31
N GLN A 399 -26.72 -9.54 13.85
CA GLN A 399 -27.83 -10.49 14.05
C GLN A 399 -28.23 -10.64 15.52
N ARG A 400 -27.82 -9.72 16.38
CA ARG A 400 -28.19 -9.82 17.79
C ARG A 400 -29.70 -9.89 17.92
N GLY A 401 -30.17 -10.73 18.83
CA GLY A 401 -31.58 -10.87 19.08
C GLY A 401 -32.29 -12.00 18.35
N ARG A 402 -31.66 -12.62 17.37
CA ARG A 402 -32.24 -13.80 16.77
C ARG A 402 -32.32 -14.91 17.82
N LEU A 403 -33.12 -15.94 17.53
CA LEU A 403 -33.34 -17.02 18.49
C LEU A 403 -32.03 -17.53 19.06
N GLU A 404 -31.07 -17.81 18.20
CA GLU A 404 -29.81 -18.40 18.63
C GLU A 404 -28.77 -17.38 19.08
N PHE A 405 -29.12 -16.09 19.09
CA PHE A 405 -28.20 -15.02 19.52
C PHE A 405 -28.90 -14.07 20.48
N PRO A 406 -29.38 -14.57 21.62
CA PRO A 406 -30.12 -13.69 22.56
C PRO A 406 -29.29 -12.50 23.06
N ALA A 407 -28.02 -12.69 23.36
CA ALA A 407 -27.12 -11.59 23.73
C ALA A 407 -27.78 -10.65 24.74
N LEU A 408 -28.07 -11.21 25.90
CA LEU A 408 -28.95 -10.59 26.89
C LEU A 408 -28.25 -9.56 27.78
N ALA A 409 -27.57 -8.60 27.15
CA ALA A 409 -26.97 -7.52 27.92
C ALA A 409 -28.07 -6.70 28.63
N LYS A 410 -27.90 -6.54 29.94
CA LYS A 410 -28.82 -5.73 30.75
C LYS A 410 -30.25 -6.21 30.63
N GLY A 411 -30.44 -7.51 30.40
CA GLY A 411 -31.76 -8.11 30.43
C GLY A 411 -32.54 -8.04 29.14
N LYS A 412 -31.96 -7.52 28.06
CA LYS A 412 -32.70 -7.28 26.82
C LYS A 412 -32.33 -8.30 25.75
N SER A 413 -33.35 -8.91 25.13
CA SER A 413 -33.10 -9.70 23.93
C SER A 413 -32.50 -8.81 22.83
N GLY A 414 -31.35 -9.21 22.30
CA GLY A 414 -30.67 -8.37 21.34
C GLY A 414 -30.06 -7.13 21.92
N GLY A 415 -29.77 -7.12 23.21
CA GLY A 415 -29.26 -5.94 23.87
C GLY A 415 -27.77 -5.75 23.72
N GLY A 416 -27.03 -6.82 23.45
CA GLY A 416 -25.58 -6.78 23.41
C GLY A 416 -25.04 -6.95 21.99
N VAL A 417 -23.87 -6.34 21.77
CA VAL A 417 -23.15 -6.52 20.52
C VAL A 417 -22.71 -7.96 20.37
N ILE A 418 -22.53 -8.38 19.13
CA ILE A 418 -21.90 -9.67 18.83
C ILE A 418 -20.82 -9.40 17.79
N THR A 419 -19.70 -8.82 18.25
CA THR A 419 -18.67 -8.29 17.36
C THR A 419 -18.24 -9.29 16.29
N ALA A 420 -17.89 -10.51 16.70
CA ALA A 420 -17.28 -11.45 15.77
C ALA A 420 -18.29 -11.92 14.73
N ASN A 421 -19.58 -11.89 15.09
CA ASN A 421 -20.61 -12.33 14.16
C ASN A 421 -20.91 -11.29 13.11
N ALA A 422 -20.53 -10.03 13.33
CA ALA A 422 -20.69 -9.04 12.28
C ALA A 422 -19.94 -9.46 11.03
N ALA A 423 -18.77 -10.10 11.18
CA ALA A 423 -18.07 -10.60 10.01
C ALA A 423 -18.93 -11.60 9.23
N ASN A 424 -19.73 -12.40 9.95
CA ASN A 424 -20.58 -13.40 9.31
C ASN A 424 -21.77 -12.74 8.63
N GLY A 425 -22.39 -11.75 9.30
CA GLY A 425 -23.47 -11.03 8.65
C GLY A 425 -23.01 -10.32 7.38
N ILE A 426 -21.82 -9.72 7.43
CA ILE A 426 -21.29 -9.04 6.26
C ILE A 426 -20.96 -10.05 5.16
N ARG A 427 -20.30 -11.16 5.54
CA ARG A 427 -19.87 -12.20 4.62
C ARG A 427 -21.06 -12.83 3.91
N ASN A 428 -22.19 -12.92 4.59
CA ASN A 428 -23.38 -13.56 4.05
C ASN A 428 -24.44 -12.55 3.60
N GLN A 429 -24.16 -11.26 3.74
CA GLN A 429 -25.13 -10.22 3.44
C GLN A 429 -26.46 -10.52 4.10
N ASP A 430 -26.38 -10.95 5.36
CA ASP A 430 -27.56 -11.33 6.14
C ASP A 430 -27.41 -10.62 7.49
N PRO A 431 -28.27 -9.65 7.81
CA PRO A 431 -29.53 -9.29 7.15
C PRO A 431 -29.45 -8.56 5.84
N TYR A 432 -28.29 -8.00 5.50
CA TYR A 432 -28.14 -7.23 4.27
C TYR A 432 -26.64 -6.93 4.09
N GLU A 433 -26.32 -6.31 2.96
CA GLU A 433 -24.95 -5.97 2.61
C GLU A 433 -24.50 -4.73 3.36
N ILE A 434 -23.26 -4.74 3.82
CA ILE A 434 -22.58 -3.53 4.27
C ILE A 434 -21.77 -2.95 3.11
N LYS A 435 -22.08 -1.71 2.72
CA LYS A 435 -21.48 -1.05 1.57
C LYS A 435 -20.46 0.01 1.93
N VAL A 436 -20.58 0.64 3.10
CA VAL A 436 -19.66 1.69 3.53
C VAL A 436 -19.31 1.41 4.98
N MET A 437 -18.01 1.37 5.29
CA MET A 437 -17.58 1.09 6.65
C MET A 437 -16.53 2.11 7.08
N LEU A 438 -16.69 2.66 8.27
CA LEU A 438 -15.67 3.45 8.95
C LEU A 438 -15.29 2.70 10.22
N ALA A 439 -14.00 2.54 10.48
CA ALA A 439 -13.54 1.76 11.62
C ALA A 439 -12.38 2.49 12.29
N TYR A 440 -12.30 2.41 13.63
CA TYR A 440 -11.18 3.06 14.30
C TYR A 440 -10.67 2.27 15.49
N PHE A 441 -9.32 2.28 15.61
CA PHE A 441 -8.65 1.81 16.82
C PHE A 441 -8.90 0.32 17.03
N ASN A 442 -8.97 -0.44 15.93
CA ASN A 442 -9.43 -1.82 15.93
C ASN A 442 -8.65 -2.65 14.93
N ASN A 443 -8.60 -3.96 15.17
CA ASN A 443 -7.86 -4.86 14.25
C ASN A 443 -8.49 -6.25 14.26
N PHE A 444 -9.76 -6.34 13.84
CA PHE A 444 -10.57 -7.53 14.10
C PHE A 444 -10.09 -8.76 13.35
N ASN A 445 -9.40 -8.59 12.22
CA ASN A 445 -8.83 -9.73 11.52
C ASN A 445 -7.84 -10.49 12.40
N PHE A 446 -7.17 -9.76 13.29
CA PHE A 446 -6.14 -10.28 14.18
C PHE A 446 -6.70 -10.61 15.55
N SER A 447 -7.68 -9.84 16.04
CA SER A 447 -8.12 -9.96 17.43
C SER A 447 -9.37 -10.79 17.63
N ASN A 448 -10.13 -11.08 16.56
CA ASN A 448 -11.31 -11.93 16.65
C ASN A 448 -10.95 -13.38 16.31
N PRO A 449 -11.61 -14.34 16.96
CA PRO A 449 -11.40 -15.75 16.56
C PRO A 449 -11.67 -15.97 15.07
N GLU A 450 -10.87 -16.84 14.46
CA GLU A 450 -11.05 -17.19 13.05
C GLU A 450 -11.18 -15.90 12.21
N GLY A 451 -10.22 -15.01 12.39
CA GLY A 451 -10.21 -13.71 11.76
C GLY A 451 -10.14 -13.74 10.25
N GLN A 452 -9.82 -14.89 9.64
CA GLN A 452 -9.92 -14.96 8.19
C GLN A 452 -11.34 -14.66 7.72
N ARG A 453 -12.33 -14.80 8.62
CA ARG A 453 -13.69 -14.41 8.28
C ARG A 453 -13.79 -12.92 8.05
N TRP A 454 -12.99 -12.12 8.77
CA TRP A 454 -12.94 -10.67 8.51
C TRP A 454 -12.18 -10.37 7.22
N ASP A 455 -11.14 -11.14 6.90
CA ASP A 455 -10.55 -11.03 5.56
C ASP A 455 -11.63 -11.14 4.48
N GLU A 456 -12.45 -12.18 4.57
CA GLU A 456 -13.49 -12.41 3.56
C GLU A 456 -14.53 -11.29 3.59
N ALA A 457 -15.01 -10.95 4.77
CA ALA A 457 -16.04 -9.92 4.89
C ALA A 457 -15.55 -8.59 4.34
N LEU A 458 -14.35 -8.15 4.76
CA LEU A 458 -13.87 -6.84 4.32
C LEU A 458 -13.62 -6.82 2.82
N SER A 459 -13.22 -7.94 2.24
CA SER A 459 -13.02 -7.98 0.79
C SER A 459 -14.33 -7.82 0.04
N LYS A 460 -15.47 -7.95 0.71
CA LYS A 460 -16.78 -7.82 0.10
C LYS A 460 -17.44 -6.48 0.39
N VAL A 461 -16.76 -5.57 1.07
CA VAL A 461 -17.30 -4.25 1.40
C VAL A 461 -16.83 -3.25 0.35
N ASP A 462 -17.78 -2.53 -0.26
CA ASP A 462 -17.46 -1.65 -1.38
CA ASP A 462 -17.45 -1.66 -1.38
C ASP A 462 -16.47 -0.57 -0.97
N PHE A 463 -16.68 0.05 0.18
CA PHE A 463 -15.79 1.13 0.61
C PHE A 463 -15.58 1.11 2.12
N MET A 464 -14.31 1.02 2.54
CA MET A 464 -13.99 1.05 3.96
C MET A 464 -12.81 2.00 4.20
N ALA A 465 -12.90 2.74 5.29
CA ALA A 465 -11.85 3.63 5.75
C ALA A 465 -11.47 3.22 7.17
N HIS A 466 -10.17 3.16 7.44
CA HIS A 466 -9.62 2.74 8.73
C HIS A 466 -8.88 3.90 9.37
N ILE A 467 -9.28 4.26 10.59
CA ILE A 467 -8.61 5.29 11.40
C ILE A 467 -7.66 4.57 12.34
N THR A 468 -6.35 4.77 12.11
CA THR A 468 -5.32 3.93 12.70
C THR A 468 -3.99 4.69 12.66
N THR A 469 -3.10 4.31 13.58
CA THR A 469 -1.73 4.85 13.58
C THR A 469 -0.82 4.10 12.63
N ASN A 470 -1.01 2.79 12.53
CA ASN A 470 -0.18 1.88 11.77
C ASN A 470 -1.03 1.17 10.73
N VAL A 471 -0.38 0.67 9.68
CA VAL A 471 -1.05 -0.19 8.70
C VAL A 471 -1.08 -1.60 9.27
N SER A 472 -2.17 -1.94 9.96
CA SER A 472 -2.31 -3.24 10.58
C SER A 472 -3.03 -4.19 9.63
N GLU A 473 -3.28 -5.41 10.08
CA GLU A 473 -3.93 -6.41 9.24
C GLU A 473 -5.29 -5.94 8.72
N PHE A 474 -6.10 -5.31 9.59
CA PHE A 474 -7.39 -4.77 9.17
C PHE A 474 -7.19 -3.70 8.09
N SER A 475 -6.16 -2.86 8.23
CA SER A 475 -5.92 -1.78 7.27
C SER A 475 -5.68 -2.31 5.85
N TRP A 476 -5.13 -3.52 5.75
CA TRP A 476 -4.81 -4.11 4.45
C TRP A 476 -6.01 -4.14 3.50
N PHE A 477 -7.22 -4.15 4.05
CA PHE A 477 -8.45 -4.28 3.29
C PHE A 477 -9.15 -2.95 3.09
N ALA A 478 -8.53 -1.85 3.51
CA ALA A 478 -9.15 -0.54 3.41
C ALA A 478 -8.99 0.08 2.02
N ASP A 479 -9.99 0.86 1.62
CA ASP A 479 -9.86 1.77 0.50
C ASP A 479 -9.14 3.04 0.89
N VAL A 480 -9.34 3.53 2.11
CA VAL A 480 -8.74 4.78 2.55
C VAL A 480 -8.22 4.61 3.96
N LEU A 481 -7.03 5.13 4.20
CA LEU A 481 -6.42 5.16 5.53
C LEU A 481 -6.45 6.59 6.03
N LEU A 482 -6.93 6.77 7.27
CA LEU A 482 -7.01 8.08 7.93
C LEU A 482 -6.10 8.02 9.15
N PRO A 483 -4.91 8.61 9.10
CA PRO A 483 -3.94 8.36 10.18
C PRO A 483 -4.31 9.10 11.44
N SER A 484 -4.33 8.37 12.54
CA SER A 484 -4.72 8.95 13.83
C SER A 484 -3.52 9.55 14.57
N SER A 485 -3.74 10.70 15.19
CA SER A 485 -2.85 11.16 16.24
C SER A 485 -2.85 10.16 17.40
N HIS A 486 -1.68 9.94 17.98
CA HIS A 486 -1.55 8.86 18.96
C HIS A 486 -2.32 9.20 20.24
N HIS A 487 -3.13 8.24 20.70
CA HIS A 487 -4.06 8.51 21.81
C HIS A 487 -3.35 9.03 23.07
N MET A 488 -2.13 8.59 23.33
CA MET A 488 -1.52 8.82 24.63
C MET A 488 -0.66 10.08 24.65
N PHE A 489 -0.23 10.56 23.48
CA PHE A 489 0.69 11.70 23.40
C PHE A 489 0.20 12.87 22.56
N GLU A 490 -0.78 12.66 21.67
CA GLU A 490 -1.18 13.68 20.71
C GLU A 490 -2.68 13.95 20.72
N LYS A 491 -3.37 13.61 21.80
CA LYS A 491 -4.83 13.60 21.81
C LYS A 491 -5.39 14.21 23.10
N TRP A 492 -6.54 14.87 22.94
CA TRP A 492 -7.40 15.22 24.07
C TRP A 492 -8.44 14.13 24.27
N GLY A 493 -8.50 13.59 25.48
CA GLY A 493 -9.47 12.57 25.79
C GLY A 493 -9.75 12.53 27.29
N VAL A 494 -10.58 11.57 27.69
CA VAL A 494 -10.86 11.37 29.11
C VAL A 494 -11.23 9.92 29.34
N LEU A 495 -10.73 9.37 30.45
CA LEU A 495 -10.92 7.97 30.83
C LEU A 495 -11.21 7.91 32.33
N ASP A 496 -11.45 6.70 32.83
CA ASP A 496 -11.65 6.45 34.27
C ASP A 496 -10.94 5.16 34.66
N SER A 497 -10.80 4.96 35.98
CA SER A 497 -10.20 3.75 36.53
C SER A 497 -10.79 3.53 37.92
N ILE A 498 -10.80 2.25 38.36
CA ILE A 498 -11.32 1.93 39.68
C ILE A 498 -10.37 0.99 40.39
N GLY A 499 -10.33 1.12 41.71
CA GLY A 499 -9.47 0.35 42.59
C GLY A 499 -9.13 1.17 43.82
N ASN A 500 -8.61 0.48 44.83
CA ASN A 500 -8.22 1.14 46.08
C ASN A 500 -9.40 1.80 46.75
N GLY A 501 -10.60 1.31 46.47
CA GLY A 501 -11.82 1.83 47.06
C GLY A 501 -12.35 3.10 46.42
N VAL A 502 -11.78 3.53 45.30
CA VAL A 502 -12.18 4.77 44.65
C VAL A 502 -12.33 4.58 43.16
N ALA A 503 -12.99 5.56 42.54
CA ALA A 503 -13.00 5.74 41.09
C ALA A 503 -12.32 7.07 40.78
N GLN A 504 -11.54 7.10 39.70
CA GLN A 504 -10.90 8.34 39.29
C GLN A 504 -11.26 8.62 37.83
N ILE A 505 -11.24 9.92 37.47
CA ILE A 505 -11.41 10.40 36.09
C ILE A 505 -10.11 11.10 35.70
N SER A 506 -9.50 10.69 34.58
CA SER A 506 -8.21 11.26 34.19
C SER A 506 -8.24 11.83 32.79
N ILE A 507 -7.40 12.83 32.56
CA ILE A 507 -7.27 13.51 31.29
C ILE A 507 -6.28 12.80 30.40
N GLN A 508 -6.54 12.89 29.10
CA GLN A 508 -5.55 12.71 28.04
C GLN A 508 -5.35 14.06 27.38
N GLN A 509 -4.10 14.50 27.25
CA GLN A 509 -3.78 15.76 26.60
C GLN A 509 -2.50 15.61 25.79
N PRO A 510 -2.34 16.40 24.73
CA PRO A 510 -1.08 16.35 23.96
C PRO A 510 0.09 16.77 24.83
N SER A 511 1.16 15.97 24.82
CA SER A 511 2.37 16.34 25.54
C SER A 511 3.53 16.69 24.61
N ILE A 512 3.39 16.48 23.30
CA ILE A 512 4.40 16.83 22.31
C ILE A 512 3.70 17.57 21.17
N LYS A 513 4.48 18.31 20.39
CA LYS A 513 3.99 18.83 19.12
C LYS A 513 3.65 17.67 18.19
N ARG A 514 2.52 17.76 17.51
CA ARG A 514 2.10 16.66 16.65
C ARG A 514 3.18 16.30 15.64
N LEU A 515 3.50 15.01 15.55
CA LEU A 515 4.65 14.59 14.73
C LEU A 515 4.37 14.72 13.25
N TRP A 516 3.23 14.18 12.81
CA TRP A 516 2.90 13.99 11.40
C TRP A 516 1.53 14.61 11.08
N ASP A 517 1.09 14.46 9.84
CA ASP A 517 -0.19 15.02 9.36
C ASP A 517 -1.34 14.08 9.72
N THR A 518 -1.58 13.97 11.02
CA THR A 518 -2.60 13.09 11.57
C THR A 518 -3.69 13.92 12.22
N ARG A 519 -4.77 13.24 12.61
CA ARG A 519 -5.90 13.88 13.30
C ARG A 519 -6.42 12.95 14.39
N ILE A 520 -7.08 13.55 15.38
CA ILE A 520 -7.60 12.79 16.50
C ILE A 520 -8.85 12.03 16.06
N ASP A 521 -8.84 10.71 16.26
CA ASP A 521 -9.92 9.83 15.80
C ASP A 521 -11.31 10.30 16.23
N GLU A 522 -11.50 10.57 17.52
CA GLU A 522 -12.85 10.74 18.05
C GLU A 522 -13.35 12.18 18.03
N SER A 523 -12.56 13.15 17.61
CA SER A 523 -13.00 14.54 17.64
C SER A 523 -12.75 15.23 16.31
N GLU A 524 -11.49 15.45 15.97
CA GLU A 524 -11.19 16.17 14.74
C GLU A 524 -11.75 15.46 13.51
N ILE A 525 -11.70 14.14 13.45
CA ILE A 525 -12.13 13.46 12.23
C ILE A 525 -13.64 13.54 12.04
N PRO A 526 -14.47 13.23 13.04
CA PRO A 526 -15.92 13.41 12.82
C PRO A 526 -16.30 14.86 12.54
N TYR A 527 -15.58 15.82 13.14
CA TYR A 527 -15.80 17.24 12.86
C TYR A 527 -15.50 17.56 11.40
N MET A 528 -14.35 17.11 10.90
CA MET A 528 -13.98 17.35 9.50
C MET A 528 -14.92 16.63 8.54
N LEU A 529 -15.31 15.40 8.89
CA LEU A 529 -16.24 14.64 8.05
C LEU A 529 -17.61 15.32 8.02
N ALA A 530 -18.08 15.80 9.17
CA ALA A 530 -19.36 16.50 9.20
C ALA A 530 -19.33 17.73 8.32
N LYS A 531 -18.22 18.48 8.36
CA LYS A 531 -18.09 19.64 7.49
C LYS A 531 -18.15 19.23 6.02
N LYS A 532 -17.46 18.14 5.67
CA LYS A 532 -17.48 17.68 4.28
CA LYS A 532 -17.47 17.67 4.28
C LYS A 532 -18.87 17.23 3.85
N LEU A 533 -19.58 16.50 4.72
CA LEU A 533 -20.93 16.07 4.39
C LEU A 533 -21.85 17.25 4.19
N ALA A 534 -21.68 18.29 5.00
CA ALA A 534 -22.49 19.50 4.83
C ALA A 534 -22.19 20.19 3.50
N ASP A 535 -20.91 20.27 3.12
CA ASP A 535 -20.57 20.79 1.79
C ASP A 535 -21.28 20.05 0.68
N LYS A 536 -21.54 18.76 0.87
CA LYS A 536 -22.14 17.92 -0.15
C LYS A 536 -23.65 17.75 0.03
N GLY A 537 -24.27 18.53 0.90
CA GLY A 537 -25.72 18.61 0.98
C GLY A 537 -26.38 17.88 2.14
N PHE A 538 -25.61 17.32 3.07
CA PHE A 538 -26.17 16.62 4.22
C PHE A 538 -25.55 17.24 5.48
N ASP A 539 -26.23 18.23 6.05
CA ASP A 539 -25.62 19.06 7.09
C ASP A 539 -26.11 18.73 8.48
N ALA A 540 -26.90 17.68 8.64
CA ALA A 540 -27.40 17.36 9.98
C ALA A 540 -26.28 17.09 10.98
N PRO A 541 -25.28 16.26 10.68
CA PRO A 541 -24.17 16.08 11.64
C PRO A 541 -23.50 17.40 11.99
N TRP A 542 -23.25 18.25 10.99
CA TRP A 542 -22.59 19.52 11.25
C TRP A 542 -23.46 20.43 12.12
N ARG A 543 -24.76 20.49 11.83
CA ARG A 543 -25.64 21.30 12.65
C ARG A 543 -25.71 20.75 14.07
N TYR A 544 -25.79 19.43 14.22
CA TYR A 544 -25.80 18.84 15.56
C TYR A 544 -24.55 19.24 16.33
N ILE A 545 -23.38 19.12 15.69
CA ILE A 545 -22.13 19.41 16.37
C ILE A 545 -22.10 20.87 16.82
N ASN A 546 -22.36 21.82 15.91
CA ASN A 546 -22.11 23.21 16.26
C ASN A 546 -23.26 23.84 17.05
N GLU A 547 -24.40 23.19 17.13
CA GLU A 547 -25.49 23.68 17.98
C GLU A 547 -25.56 22.97 19.33
N GLN A 548 -25.13 21.71 19.42
CA GLN A 548 -25.24 20.95 20.66
C GLN A 548 -23.93 20.76 21.40
N ILE A 549 -22.79 20.68 20.72
CA ILE A 549 -21.51 20.49 21.39
C ILE A 549 -20.86 21.86 21.43
N VAL A 550 -21.21 22.63 22.46
CA VAL A 550 -20.72 23.99 22.64
C VAL A 550 -20.05 24.08 24.01
N ASP A 551 -19.22 25.10 24.17
CA ASP A 551 -18.36 25.20 25.33
C ASP A 551 -19.19 25.36 26.60
N PRO A 552 -18.86 24.63 27.67
CA PRO A 552 -19.65 24.73 28.90
C PRO A 552 -19.54 26.08 29.58
N GLU A 553 -18.48 26.84 29.33
CA GLU A 553 -18.32 28.16 29.94
C GLU A 553 -18.82 29.29 29.04
N THR A 554 -18.45 29.28 27.76
CA THR A 554 -18.78 30.39 26.87
C THR A 554 -20.03 30.16 26.05
N GLY A 555 -20.55 28.93 26.00
CA GLY A 555 -21.68 28.62 25.16
C GLY A 555 -21.41 28.64 23.67
N LYS A 556 -20.14 28.85 23.24
CA LYS A 556 -19.82 28.97 21.82
C LYS A 556 -19.34 27.65 21.23
N PRO A 557 -19.67 27.39 19.96
CA PRO A 557 -19.06 26.24 19.29
C PRO A 557 -17.58 26.45 19.04
N ALA A 558 -16.88 25.36 18.73
CA ALA A 558 -15.45 25.42 18.45
C ALA A 558 -15.17 26.25 17.21
N ALA A 559 -14.07 27.01 17.25
CA ALA A 559 -13.66 27.81 16.09
C ALA A 559 -12.92 27.01 15.03
N ASP A 560 -12.33 25.89 15.39
CA ASP A 560 -11.54 25.09 14.46
C ASP A 560 -11.32 23.70 15.04
N GLU A 561 -10.59 22.86 14.27
CA GLU A 561 -10.36 21.46 14.65
C GLU A 561 -9.71 21.35 16.02
N ALA A 562 -8.61 22.08 16.23
CA ALA A 562 -7.86 21.94 17.46
C ALA A 562 -8.70 22.33 18.66
N GLU A 563 -9.45 23.41 18.55
CA GLU A 563 -10.33 23.82 19.64
C GLU A 563 -11.40 22.77 19.91
N PHE A 564 -11.96 22.18 18.84
CA PHE A 564 -12.99 21.16 19.02
C PHE A 564 -12.45 19.93 19.76
N ALA A 565 -11.20 19.54 19.47
CA ALA A 565 -10.61 18.41 20.17
C ALA A 565 -10.65 18.60 21.69
N LYS A 566 -10.28 19.79 22.15
CA LYS A 566 -10.31 20.10 23.59
C LYS A 566 -11.74 20.30 24.09
N LEU A 567 -12.58 20.97 23.30
CA LEU A 567 -13.96 21.20 23.70
C LEU A 567 -14.68 19.90 24.04
N MET A 568 -14.45 18.83 23.26
CA MET A 568 -15.13 17.56 23.52
CA MET A 568 -15.15 17.59 23.53
C MET A 568 -14.85 17.07 24.92
N VAL A 569 -13.62 17.29 25.41
CA VAL A 569 -13.29 16.89 26.78
C VAL A 569 -13.87 17.86 27.80
N ARG A 570 -13.74 19.16 27.53
CA ARG A 570 -14.29 20.17 28.44
C ARG A 570 -15.78 19.95 28.68
N TYR A 571 -16.52 19.60 27.62
CA TYR A 571 -17.97 19.47 27.73
C TYR A 571 -18.35 18.36 28.72
N LEU A 572 -17.74 17.19 28.59
CA LEU A 572 -18.14 16.06 29.42
C LEU A 572 -17.60 16.15 30.84
N THR A 573 -16.49 16.87 31.05
CA THR A 573 -15.86 16.92 32.37
C THR A 573 -16.29 18.15 33.18
N ALA A 574 -17.10 19.04 32.61
CA ALA A 574 -17.44 20.27 33.30
C ALA A 574 -17.99 20.03 34.71
N PRO A 575 -18.77 18.98 34.96
CA PRO A 575 -19.25 18.74 36.35
C PRO A 575 -18.15 18.53 37.37
N LEU A 576 -16.94 18.21 36.94
CA LEU A 576 -15.81 17.98 37.82
C LEU A 576 -15.07 19.26 38.18
N TRP A 577 -15.00 20.23 37.26
CA TRP A 577 -14.18 21.43 37.45
C TRP A 577 -14.94 22.74 37.34
N LYS A 578 -16.11 22.76 36.69
CA LYS A 578 -16.91 23.96 36.63
C LYS A 578 -17.84 24.06 37.82
N GLU A 579 -18.39 22.92 38.25
CA GLU A 579 -19.20 22.81 39.44
C GLU A 579 -18.36 22.32 40.62
N ASP A 580 -18.96 22.39 41.80
CA ASP A 580 -18.38 21.84 43.01
C ASP A 580 -18.78 20.38 43.08
N ALA A 581 -17.82 19.47 42.91
CA ALA A 581 -18.08 18.03 42.91
C ALA A 581 -17.85 17.39 44.27
N SER A 582 -17.76 18.18 45.35
CA SER A 582 -17.42 17.71 46.69
C SER A 582 -18.31 16.56 47.17
N LYS A 583 -19.57 16.53 46.74
CA LYS A 583 -20.47 15.48 47.19
C LYS A 583 -19.98 14.10 46.75
N TYR A 584 -19.24 14.04 45.64
CA TYR A 584 -18.77 12.77 45.07
C TYR A 584 -17.29 12.51 45.28
N GLY A 585 -16.51 13.53 45.63
CA GLY A 585 -15.07 13.39 45.73
C GLY A 585 -14.37 14.73 45.73
N ASP A 586 -13.36 14.88 44.88
CA ASP A 586 -12.54 16.09 44.91
C ASP A 586 -13.36 17.33 44.53
N LYS A 587 -12.96 18.46 45.11
CA LYS A 587 -13.40 19.79 44.68
C LYS A 587 -12.26 20.42 43.86
N LEU A 588 -12.54 20.67 42.59
CA LEU A 588 -11.57 21.31 41.70
C LEU A 588 -12.01 22.73 41.41
N SER A 589 -11.04 23.64 41.33
CA SER A 589 -11.37 25.07 41.19
C SER A 589 -11.50 25.54 39.75
N SER A 590 -10.94 24.79 38.79
CA SER A 590 -10.93 25.29 37.42
C SER A 590 -10.54 24.17 36.47
N TRP A 591 -10.82 24.42 35.19
CA TRP A 591 -10.33 23.54 34.13
C TRP A 591 -8.82 23.41 34.17
N ASP A 592 -8.12 24.53 34.39
CA ASP A 592 -6.65 24.50 34.44
C ASP A 592 -6.14 23.60 35.57
N GLU A 593 -6.80 23.61 36.73
CA GLU A 593 -6.37 22.74 37.82
C GLU A 593 -6.58 21.28 37.46
N PHE A 594 -7.70 20.96 36.80
CA PHE A 594 -7.96 19.60 36.34
C PHE A 594 -6.87 19.16 35.37
N VAL A 595 -6.49 20.02 34.44
CA VAL A 595 -5.47 19.68 33.45
C VAL A 595 -4.11 19.50 34.12
N GLN A 596 -3.79 20.38 35.06
CA GLN A 596 -2.48 20.33 35.71
C GLN A 596 -2.36 19.09 36.60
N LYS A 597 -3.35 18.84 37.46
CA LYS A 597 -3.31 17.65 38.29
C LYS A 597 -3.50 16.40 37.44
N GLY A 598 -4.37 16.49 36.44
CA GLY A 598 -4.59 15.43 35.48
C GLY A 598 -5.61 14.39 35.90
N VAL A 599 -6.19 14.50 37.09
CA VAL A 599 -7.05 13.43 37.58
C VAL A 599 -7.95 14.01 38.65
N TRP A 600 -9.18 13.46 38.73
CA TRP A 600 -10.17 13.75 39.76
C TRP A 600 -10.43 12.45 40.50
N ASN A 601 -10.42 12.48 41.82
CA ASN A 601 -10.61 11.29 42.65
C ASN A 601 -11.95 11.33 43.39
N SER A 602 -12.66 10.19 43.41
CA SER A 602 -13.89 10.09 44.18
C SER A 602 -13.59 9.89 45.66
N SER A 603 -14.64 9.98 46.47
CA SER A 603 -14.58 9.60 47.86
C SER A 603 -14.46 8.08 47.96
N PRO A 604 -14.16 7.55 49.15
CA PRO A 604 -14.12 6.08 49.32
C PRO A 604 -15.49 5.45 49.16
N TYR A 605 -15.50 4.19 48.73
CA TYR A 605 -16.72 3.43 48.55
C TYR A 605 -17.38 3.19 49.91
N LYS A 606 -18.70 3.41 49.99
CA LYS A 606 -19.45 3.19 51.22
C LYS A 606 -19.88 1.73 51.28
N LEU A 607 -19.26 0.96 52.18
CA LEU A 607 -19.51 -0.47 52.25
C LEU A 607 -20.97 -0.76 52.57
N GLU A 608 -21.46 -1.86 51.98
CA GLU A 608 -22.85 -2.33 52.08
C GLU A 608 -23.84 -1.38 51.41
N ALA A 609 -23.35 -0.46 50.58
CA ALA A 609 -24.22 0.53 49.97
C ALA A 609 -25.36 -0.14 49.19
N ARG A 610 -25.08 -1.23 48.49
CA ARG A 610 -26.12 -1.82 47.65
C ARG A 610 -26.92 -2.90 48.35
N TRP A 611 -26.54 -3.29 49.56
CA TRP A 611 -27.30 -4.29 50.30
C TRP A 611 -28.76 -3.83 50.44
N GLY A 612 -29.68 -4.72 50.11
CA GLY A 612 -31.08 -4.38 50.20
C GLY A 612 -31.62 -3.55 49.06
N LYS A 613 -30.80 -3.20 48.07
CA LYS A 613 -31.25 -2.40 46.94
C LYS A 613 -30.49 -2.77 45.68
N PHE A 614 -30.31 -4.06 45.42
CA PHE A 614 -29.71 -4.44 44.16
C PHE A 614 -30.70 -4.22 43.04
N LYS A 615 -30.20 -3.94 41.85
CA LYS A 615 -31.05 -3.65 40.69
C LYS A 615 -31.42 -4.94 39.96
N THR A 616 -31.88 -5.90 40.76
CA THR A 616 -32.36 -7.18 40.27
C THR A 616 -33.89 -7.20 40.38
N GLU A 617 -34.49 -8.22 39.79
CA GLU A 617 -35.95 -8.35 39.84
C GLU A 617 -36.46 -8.39 41.28
N THR A 618 -35.75 -9.09 42.17
CA THR A 618 -36.17 -9.20 43.56
C THR A 618 -35.62 -8.11 44.46
N THR A 619 -34.65 -7.34 44.00
CA THR A 619 -33.78 -6.44 44.75
C THR A 619 -32.82 -7.18 45.67
N LYS A 620 -32.80 -8.51 45.60
CA LYS A 620 -31.87 -9.32 46.38
C LYS A 620 -30.69 -9.76 45.50
N PHE A 621 -29.66 -10.30 46.16
CA PHE A 621 -28.60 -11.05 45.47
C PHE A 621 -29.16 -12.42 45.12
N GLU A 622 -29.26 -12.72 43.84
CA GLU A 622 -30.10 -13.82 43.37
C GLU A 622 -29.28 -15.07 43.09
N PHE A 623 -29.31 -16.03 44.02
CA PHE A 623 -28.87 -17.38 43.72
C PHE A 623 -29.83 -18.06 42.74
N TYR A 624 -31.12 -17.75 42.84
CA TYR A 624 -32.11 -18.17 41.85
C TYR A 624 -32.46 -16.90 41.08
N SER A 625 -31.92 -16.76 39.88
CA SER A 625 -32.00 -15.48 39.18
C SER A 625 -33.33 -15.33 38.45
N LYS A 626 -34.29 -14.74 39.17
CA LYS A 626 -35.52 -14.29 38.53
C LYS A 626 -35.23 -13.24 37.48
N THR A 627 -34.10 -12.52 37.64
CA THR A 627 -33.69 -11.53 36.65
C THR A 627 -33.39 -12.20 35.31
N LEU A 628 -32.64 -13.31 35.35
CA LEU A 628 -32.32 -14.03 34.12
C LEU A 628 -33.56 -14.74 33.57
N GLU A 629 -34.42 -15.26 34.45
CA GLU A 629 -35.67 -15.87 33.97
C GLU A 629 -36.51 -14.86 33.20
N LYS A 630 -36.63 -13.64 33.71
CA LYS A 630 -37.40 -12.61 33.00
C LYS A 630 -36.80 -12.30 31.64
N ALA A 631 -35.48 -12.23 31.56
CA ALA A 631 -34.84 -11.92 30.28
C ALA A 631 -35.01 -13.09 29.30
N LEU A 632 -34.87 -14.32 29.78
CA LEU A 632 -35.07 -15.47 28.91
C LEU A 632 -36.52 -15.58 28.49
N GLN A 633 -37.47 -15.32 29.41
CA GLN A 633 -38.88 -15.34 29.06
C GLN A 633 -39.19 -14.32 27.95
N SER A 634 -38.61 -13.14 28.05
CA SER A 634 -38.80 -12.13 27.01
C SER A 634 -38.32 -12.62 25.65
N HIS A 635 -37.13 -13.22 25.61
CA HIS A 635 -36.58 -13.73 24.37
C HIS A 635 -37.42 -14.87 23.84
N ALA A 636 -37.83 -15.78 24.73
CA ALA A 636 -38.67 -16.90 24.32
C ALA A 636 -39.99 -16.41 23.75
N ASP A 637 -40.65 -15.46 24.44
CA ASP A 637 -41.94 -14.96 23.97
C ASP A 637 -41.80 -14.27 22.62
N LYS A 638 -40.69 -13.56 22.41
CA LYS A 638 -40.42 -12.89 21.15
C LYS A 638 -40.38 -13.87 19.99
N HIS A 639 -39.80 -15.05 20.21
CA HIS A 639 -39.65 -16.05 19.17
C HIS A 639 -40.66 -17.17 19.29
N LYS A 640 -41.67 -17.00 20.14
CA LYS A 640 -42.79 -17.93 20.28
C LYS A 640 -42.32 -19.35 20.55
N VAL A 641 -41.38 -19.48 21.49
CA VAL A 641 -40.89 -20.77 21.95
C VAL A 641 -40.82 -20.75 23.47
N SER A 642 -40.49 -21.91 24.05
CA SER A 642 -40.30 -22.05 25.48
C SER A 642 -38.87 -21.67 25.83
N ILE A 643 -38.61 -21.43 27.13
CA ILE A 643 -37.24 -21.15 27.56
C ILE A 643 -36.36 -22.38 27.33
N ASP A 644 -36.88 -23.58 27.59
CA ASP A 644 -36.11 -24.79 27.30
C ASP A 644 -35.69 -24.86 25.83
N GLU A 645 -36.59 -24.46 24.93
CA GLU A 645 -36.25 -24.45 23.51
C GLU A 645 -35.18 -23.40 23.19
N VAL A 646 -35.19 -22.28 23.91
CA VAL A 646 -34.08 -21.32 23.77
C VAL A 646 -32.77 -21.97 24.17
N MET A 647 -32.75 -22.63 25.33
CA MET A 647 -31.53 -23.26 25.80
CA MET A 647 -31.52 -23.24 25.80
C MET A 647 -30.99 -24.25 24.78
N LYS A 648 -31.86 -25.07 24.22
CA LYS A 648 -31.44 -26.05 23.22
C LYS A 648 -30.93 -25.36 21.95
N ALA A 649 -31.61 -24.31 21.52
CA ALA A 649 -31.18 -23.60 20.32
C ALA A 649 -29.84 -22.92 20.49
N CYS A 650 -29.47 -22.59 21.73
CA CYS A 650 -28.22 -21.92 22.04
C CYS A 650 -27.17 -22.88 22.57
N ASP A 651 -27.46 -24.19 22.59
CA ASP A 651 -26.54 -25.28 22.90
C ASP A 651 -26.05 -25.25 24.34
N TYR A 652 -26.93 -24.89 25.27
CA TYR A 652 -26.69 -25.09 26.68
C TYR A 652 -27.34 -26.39 27.12
N GLN A 653 -26.79 -27.00 28.16
CA GLN A 653 -27.34 -28.22 28.70
C GLN A 653 -28.52 -27.97 29.65
N ALA A 654 -28.60 -26.78 30.22
CA ALA A 654 -29.62 -26.47 31.22
C ALA A 654 -31.04 -26.64 30.68
N ARG A 655 -31.91 -27.23 31.50
CA ARG A 655 -33.34 -27.29 31.24
C ARG A 655 -34.06 -26.98 32.54
N GLY A 656 -35.29 -26.47 32.42
CA GLY A 656 -36.06 -26.24 33.64
C GLY A 656 -35.40 -25.20 34.54
N HIS A 657 -35.41 -25.49 35.84
CA HIS A 657 -34.93 -24.50 36.81
C HIS A 657 -33.43 -24.27 36.70
N LEU A 658 -32.70 -25.23 36.14
CA LEU A 658 -31.26 -25.10 35.99
C LEU A 658 -30.87 -23.89 35.16
N ALA A 659 -31.74 -23.39 34.29
CA ALA A 659 -31.41 -22.22 33.50
C ALA A 659 -31.21 -20.98 34.34
N PHE A 660 -31.71 -20.97 35.59
CA PHE A 660 -31.72 -19.77 36.41
C PHE A 660 -30.82 -19.87 37.64
N ILE A 661 -30.07 -20.96 37.81
CA ILE A 661 -29.26 -21.14 39.01
C ILE A 661 -27.84 -21.52 38.60
N PRO A 662 -26.89 -21.36 39.52
CA PRO A 662 -25.53 -21.88 39.28
C PRO A 662 -25.56 -23.39 39.16
N HIS A 663 -24.96 -23.89 38.09
CA HIS A 663 -24.98 -25.33 37.80
C HIS A 663 -23.84 -25.65 36.84
N TYR A 664 -23.55 -26.92 36.71
CA TYR A 664 -22.43 -27.39 35.91
C TYR A 664 -22.87 -27.59 34.47
N GLU A 665 -22.23 -26.86 33.56
CA GLU A 665 -22.31 -27.10 32.12
C GLU A 665 -21.00 -27.79 31.72
N GLU A 666 -21.09 -28.97 31.13
CA GLU A 666 -19.90 -29.61 30.57
C GLU A 666 -19.32 -28.67 29.53
N PRO A 667 -18.01 -28.40 29.55
CA PRO A 667 -17.45 -27.43 28.61
C PRO A 667 -17.59 -27.92 27.18
N TYR A 668 -18.01 -27.01 26.32
CA TYR A 668 -18.03 -27.29 24.89
C TYR A 668 -16.60 -27.53 24.38
N ARG A 669 -16.46 -28.54 23.51
CA ARG A 669 -15.18 -28.87 22.88
C ARG A 669 -15.43 -29.04 21.40
N PHE A 670 -14.46 -28.64 20.57
CA PHE A 670 -14.61 -28.79 19.12
C PHE A 670 -13.45 -29.54 18.50
N GLY A 671 -13.76 -30.62 17.79
CA GLY A 671 -12.74 -31.40 17.10
C GLY A 671 -12.58 -32.78 17.70
N ASP A 672 -12.05 -33.68 16.88
CA ASP A 672 -11.79 -35.05 17.30
C ASP A 672 -10.57 -35.08 18.22
N GLU A 673 -10.76 -35.58 19.44
CA GLU A 673 -9.67 -35.55 20.42
C GLU A 673 -8.51 -36.46 20.03
N SER A 674 -8.79 -37.53 19.28
CA SER A 674 -7.72 -38.42 18.85
C SER A 674 -6.83 -37.76 17.81
N GLU A 675 -7.41 -36.89 16.98
CA GLU A 675 -6.61 -36.16 15.99
C GLU A 675 -5.96 -34.93 16.61
N PHE A 676 -6.66 -34.28 17.54
CA PHE A 676 -6.20 -33.03 18.15
C PHE A 676 -6.13 -33.22 19.66
N PRO A 677 -5.03 -33.75 20.17
CA PRO A 677 -5.00 -34.20 21.57
C PRO A 677 -4.72 -33.13 22.62
N LEU A 678 -4.42 -31.89 22.24
CA LEU A 678 -4.04 -30.87 23.19
C LEU A 678 -5.09 -29.75 23.25
N LEU A 679 -5.33 -29.23 24.45
CA LEU A 679 -6.22 -28.09 24.64
C LEU A 679 -5.39 -26.82 24.68
N LEU A 680 -5.73 -25.85 23.83
CA LEU A 680 -5.05 -24.57 23.84
C LEU A 680 -5.41 -23.76 25.09
N VAL A 681 -4.38 -23.20 25.72
CA VAL A 681 -4.52 -22.28 26.84
C VAL A 681 -3.96 -20.95 26.34
N ASP A 682 -4.86 -20.14 25.76
CA ASP A 682 -4.50 -18.80 25.31
C ASP A 682 -4.27 -17.91 26.52
N GLN A 683 -3.28 -17.05 26.43
CA GLN A 683 -2.94 -16.11 27.51
C GLN A 683 -2.48 -14.80 26.87
N LYS A 684 -2.51 -13.73 27.66
CA LYS A 684 -1.94 -12.47 27.22
C LYS A 684 -0.50 -12.37 27.69
N SER A 685 0.32 -11.65 26.92
CA SER A 685 1.64 -11.28 27.39
C SER A 685 1.50 -10.12 28.36
N ARG A 686 2.31 -10.13 29.42
CA ARG A 686 2.28 -9.00 30.34
C ARG A 686 2.93 -7.77 29.74
N LEU A 687 3.53 -7.90 28.56
CA LEU A 687 4.03 -6.75 27.83
C LEU A 687 3.15 -6.37 26.65
N ASN A 688 2.04 -7.08 26.43
CA ASN A 688 1.08 -6.68 25.42
C ASN A 688 0.33 -5.43 25.88
N LYS A 689 0.43 -4.33 25.12
CA LYS A 689 -0.55 -3.24 25.21
C LYS A 689 -1.67 -3.59 24.22
N GLU A 690 -2.59 -4.46 24.68
CA GLU A 690 -3.57 -5.11 23.81
C GLU A 690 -2.83 -5.63 22.57
N GLY A 691 -3.32 -5.37 21.36
CA GLY A 691 -2.63 -5.86 20.17
C GLY A 691 -1.64 -4.88 19.55
N ARG A 692 -1.02 -4.04 20.39
CA ARG A 692 -0.33 -2.85 19.90
C ARG A 692 1.13 -2.67 20.29
N THR A 693 1.78 -3.65 20.95
CA THR A 693 3.22 -3.53 21.22
C THR A 693 4.10 -4.52 20.47
N ALA A 694 3.57 -5.21 19.46
CA ALA A 694 4.39 -6.14 18.70
C ALA A 694 5.36 -5.46 17.76
N ASN A 695 5.24 -4.14 17.56
CA ASN A 695 6.22 -3.41 16.77
C ASN A 695 7.19 -2.59 17.64
N SER A 696 7.31 -2.94 18.91
CA SER A 696 8.22 -2.28 19.84
CA SER A 696 8.21 -2.28 19.86
C SER A 696 9.39 -3.20 20.14
N PRO A 697 10.61 -2.83 19.77
CA PRO A 697 11.73 -3.76 20.02
C PRO A 697 11.94 -4.11 21.50
N TRP A 698 11.64 -3.20 22.42
CA TRP A 698 11.82 -3.53 23.83
C TRP A 698 10.90 -4.67 24.29
N TYR A 699 9.73 -4.81 23.65
CA TYR A 699 8.84 -5.94 23.93
C TYR A 699 9.60 -7.26 23.78
N TYR A 700 10.32 -7.42 22.68
CA TYR A 700 11.04 -8.66 22.44
C TYR A 700 12.22 -8.81 23.39
N GLU A 701 12.92 -7.72 23.67
CA GLU A 701 14.12 -7.80 24.50
C GLU A 701 13.80 -8.38 25.88
N PHE A 702 12.59 -8.14 26.39
CA PHE A 702 12.19 -8.56 27.73
C PHE A 702 11.03 -9.54 27.73
N LYS A 703 10.81 -10.25 26.62
CA LYS A 703 9.60 -11.06 26.52
C LYS A 703 9.55 -12.18 27.54
N ASP A 704 10.69 -12.61 28.08
CA ASP A 704 10.68 -13.70 29.05
C ASP A 704 10.21 -13.27 30.46
N VAL A 705 9.78 -12.01 30.66
CA VAL A 705 9.10 -11.70 31.91
C VAL A 705 7.75 -12.42 32.00
N ASP A 706 7.23 -12.90 30.89
CA ASP A 706 6.11 -13.86 30.89
C ASP A 706 6.64 -15.21 31.35
N PRO A 707 6.20 -15.74 32.50
CA PRO A 707 6.84 -16.96 33.05
C PRO A 707 6.80 -18.10 32.05
N GLY A 708 7.99 -18.67 31.80
CA GLY A 708 8.15 -19.77 30.88
C GLY A 708 8.48 -19.38 29.44
N ASP A 709 8.31 -18.11 29.08
CA ASP A 709 8.53 -17.68 27.71
C ASP A 709 9.99 -17.28 27.46
N VAL A 710 10.29 -16.87 26.23
CA VAL A 710 11.65 -16.76 25.74
C VAL A 710 11.84 -15.42 25.05
N ALA A 711 12.90 -14.71 25.43
CA ALA A 711 13.17 -13.42 24.83
C ALA A 711 13.34 -13.53 23.31
N ASN A 712 12.83 -12.53 22.61
CA ASN A 712 13.00 -12.40 21.16
C ASN A 712 12.36 -13.52 20.36
N GLU A 713 11.47 -14.30 20.97
CA GLU A 713 10.83 -15.41 20.29
C GLU A 713 9.33 -15.42 20.58
N ASP A 714 8.61 -16.23 19.78
CA ASP A 714 7.22 -16.62 20.07
C ASP A 714 7.22 -18.11 20.32
N VAL A 715 6.91 -18.52 21.57
CA VAL A 715 6.92 -19.94 21.92
C VAL A 715 5.54 -20.39 22.34
N ALA A 716 5.25 -21.65 22.03
CA ALA A 716 4.16 -22.40 22.64
C ALA A 716 4.76 -23.32 23.69
N LYS A 717 4.17 -23.34 24.88
CA LYS A 717 4.72 -24.05 26.04
C LYS A 717 3.98 -25.36 26.23
N PHE A 718 4.75 -26.45 26.30
CA PHE A 718 4.26 -27.80 26.50
C PHE A 718 4.85 -28.35 27.80
N ASN A 719 4.06 -29.13 28.52
CA ASN A 719 4.63 -29.90 29.61
C ASN A 719 5.64 -30.92 29.06
N PRO A 720 6.76 -31.14 29.75
CA PRO A 720 7.72 -32.13 29.23
C PRO A 720 7.14 -33.49 28.89
N ILE A 721 6.07 -33.92 29.56
CA ILE A 721 5.44 -35.19 29.23
C ILE A 721 4.99 -35.18 27.78
N ASP A 722 4.31 -34.11 27.36
CA ASP A 722 3.83 -34.01 26.00
C ASP A 722 4.95 -33.67 25.02
N GLY A 723 5.96 -32.91 25.45
CA GLY A 723 7.11 -32.69 24.58
C GLY A 723 7.79 -33.98 24.20
N LYS A 724 8.02 -34.85 25.20
CA LYS A 724 8.59 -36.16 24.91
C LYS A 724 7.67 -36.96 23.99
N LYS A 725 6.37 -36.90 24.22
CA LYS A 725 5.43 -37.68 23.43
C LYS A 725 5.46 -37.27 21.96
N PHE A 726 5.62 -35.98 21.68
CA PHE A 726 5.60 -35.48 20.31
C PHE A 726 6.99 -35.17 19.78
N GLY A 727 8.04 -35.60 20.50
CA GLY A 727 9.40 -35.45 20.00
C GLY A 727 9.86 -34.02 19.85
N LEU A 728 9.48 -33.15 20.79
CA LEU A 728 9.79 -31.73 20.73
C LEU A 728 10.97 -31.40 21.64
N LYS A 729 11.80 -30.47 21.18
CA LYS A 729 12.87 -29.92 22.01
C LYS A 729 12.77 -28.40 21.99
N ASP A 730 13.28 -27.78 23.05
CA ASP A 730 13.33 -26.33 23.11
C ASP A 730 13.95 -25.79 21.84
N GLY A 731 13.28 -24.82 21.23
CA GLY A 731 13.78 -24.15 20.05
C GLY A 731 13.37 -24.75 18.75
N ASP A 732 12.72 -25.92 18.75
CA ASP A 732 12.24 -26.50 17.51
C ASP A 732 11.20 -25.61 16.86
N GLU A 733 11.33 -25.40 15.55
CA GLU A 733 10.25 -24.79 14.78
C GLU A 733 9.09 -25.77 14.66
N ILE A 734 7.88 -25.34 15.03
CA ILE A 734 6.73 -26.22 15.04
C ILE A 734 5.54 -25.60 14.33
N ARG A 735 4.66 -26.47 13.86
CA ARG A 735 3.37 -26.09 13.31
CA ARG A 735 3.37 -26.09 13.31
C ARG A 735 2.27 -26.63 14.23
N ILE A 736 1.39 -25.75 14.68
CA ILE A 736 0.24 -26.13 15.51
C ILE A 736 -1.01 -26.00 14.67
N THR A 737 -1.82 -27.05 14.65
CA THR A 737 -2.98 -27.13 13.76
C THR A 737 -4.23 -27.43 14.57
N SER A 738 -5.30 -26.70 14.28
CA SER A 738 -6.61 -26.99 14.82
C SER A 738 -7.54 -27.37 13.66
N PRO A 739 -8.81 -27.70 13.93
CA PRO A 739 -9.76 -27.97 12.84
C PRO A 739 -9.96 -26.80 11.90
N VAL A 740 -9.67 -25.55 12.31
CA VAL A 740 -9.98 -24.39 11.48
C VAL A 740 -8.75 -23.65 10.96
N GLY A 741 -7.55 -23.98 11.41
CA GLY A 741 -6.40 -23.23 10.97
C GLY A 741 -5.11 -23.73 11.59
N MET A 742 -4.04 -23.00 11.32
CA MET A 742 -2.72 -23.40 11.77
C MET A 742 -1.88 -22.15 12.01
N LEU A 743 -0.79 -22.33 12.76
CA LEU A 743 0.25 -21.31 12.90
C LEU A 743 1.57 -22.03 13.03
N THR A 744 2.66 -21.27 12.87
CA THR A 744 4.00 -21.75 13.18
C THR A 744 4.64 -20.86 14.24
N CYS A 745 5.40 -21.48 15.12
CA CYS A 745 6.15 -20.79 16.16
C CYS A 745 7.28 -21.72 16.60
N LYS A 746 7.83 -21.49 17.78
CA LYS A 746 8.86 -22.35 18.35
C LYS A 746 8.34 -23.05 19.60
N ALA A 747 8.99 -24.15 19.96
CA ALA A 747 8.59 -24.97 21.09
C ALA A 747 9.37 -24.62 22.35
N LYS A 748 8.70 -24.63 23.49
CA LYS A 748 9.33 -24.51 24.79
C LYS A 748 8.71 -25.56 25.71
N LEU A 749 9.56 -26.35 26.38
CA LEU A 749 9.09 -27.31 27.37
C LEU A 749 9.12 -26.69 28.74
N TRP A 750 8.01 -26.78 29.48
CA TRP A 750 7.89 -26.08 30.76
C TRP A 750 6.93 -26.82 31.68
N GLU A 751 7.39 -27.11 32.89
CA GLU A 751 6.58 -27.88 33.83
C GLU A 751 5.38 -27.11 34.36
N GLY A 752 5.34 -25.79 34.15
CA GLY A 752 4.18 -25.02 34.54
C GLY A 752 2.98 -25.11 33.64
N VAL A 753 3.00 -26.05 32.69
CA VAL A 753 1.92 -26.30 31.75
C VAL A 753 1.22 -27.59 32.18
N ARG A 754 -0.10 -27.52 32.33
CA ARG A 754 -0.86 -28.73 32.65
C ARG A 754 -0.70 -29.74 31.51
N PRO A 755 -0.34 -30.99 31.78
CA PRO A 755 -0.25 -31.97 30.69
C PRO A 755 -1.58 -32.07 29.97
N GLY A 756 -1.51 -32.26 28.65
CA GLY A 756 -2.68 -32.25 27.80
C GLY A 756 -3.11 -30.88 27.32
N THR A 757 -2.37 -29.82 27.68
CA THR A 757 -2.65 -28.47 27.23
C THR A 757 -1.37 -27.88 26.64
N VAL A 758 -1.52 -26.78 25.91
CA VAL A 758 -0.40 -26.01 25.38
C VAL A 758 -0.70 -24.53 25.63
N ALA A 759 0.21 -23.87 26.34
CA ALA A 759 0.01 -22.49 26.76
C ALA A 759 0.83 -21.56 25.88
N LYS A 760 0.14 -20.66 25.17
CA LYS A 760 0.82 -19.76 24.25
C LYS A 760 0.21 -18.37 24.31
N CYS A 761 1.07 -17.35 24.41
CA CYS A 761 0.61 -15.97 24.43
C CYS A 761 0.01 -15.58 23.09
N PHE A 762 -1.16 -14.95 23.13
CA PHE A 762 -1.63 -14.11 22.05
C PHE A 762 -0.74 -12.85 21.94
N GLY A 763 -0.55 -12.38 20.71
CA GLY A 763 0.03 -11.06 20.51
C GLY A 763 1.03 -10.98 19.38
N GLN A 764 1.69 -12.08 19.10
CA GLN A 764 2.58 -12.16 17.96
C GLN A 764 1.78 -12.77 16.81
N GLY A 765 2.47 -13.04 15.70
CA GLY A 765 1.81 -13.50 14.50
C GLY A 765 1.32 -12.43 13.56
N HIS A 766 1.67 -11.18 13.81
CA HIS A 766 1.33 -10.13 12.87
C HIS A 766 2.02 -10.37 11.53
N TRP A 767 1.30 -10.13 10.44
CA TRP A 767 1.91 -10.08 9.11
C TRP A 767 1.98 -8.66 8.54
N ALA A 768 1.45 -7.69 9.29
CA ALA A 768 1.58 -6.28 8.94
C ALA A 768 2.02 -5.52 10.18
N TYR A 769 1.42 -4.35 10.42
CA TYR A 769 1.69 -3.46 11.55
C TYR A 769 3.03 -2.72 11.42
N GLY A 770 4.13 -3.44 11.22
CA GLY A 770 5.40 -2.77 11.06
C GLY A 770 6.53 -3.76 10.82
N ARG A 771 7.75 -3.22 10.77
CA ARG A 771 8.92 -4.02 10.40
C ARG A 771 9.41 -4.92 11.52
N TYR A 772 9.11 -4.59 12.77
CA TYR A 772 9.48 -5.46 13.89
C TYR A 772 8.43 -6.51 14.19
N ALA A 773 7.16 -6.19 13.92
CA ALA A 773 6.05 -7.09 14.21
C ALA A 773 5.86 -8.17 13.16
N SER A 774 6.38 -7.97 11.96
CA SER A 774 6.22 -8.93 10.87
C SER A 774 7.58 -9.37 10.40
N ALA A 775 7.63 -10.58 9.81
CA ALA A 775 8.88 -11.06 9.23
C ALA A 775 9.13 -10.40 7.88
N LYS A 776 8.13 -10.41 7.00
CA LYS A 776 8.17 -9.67 5.74
C LYS A 776 6.86 -8.92 5.63
N PHE A 777 6.91 -7.60 5.71
CA PHE A 777 5.69 -6.80 5.85
C PHE A 777 4.71 -7.11 4.73
N GLY A 778 3.49 -7.44 5.11
CA GLY A 778 2.46 -7.76 4.17
C GLY A 778 2.45 -9.18 3.67
N VAL A 779 3.45 -9.98 4.05
CA VAL A 779 3.62 -11.28 3.44
C VAL A 779 3.76 -12.39 4.47
N THR A 780 4.72 -12.25 5.39
CA THR A 780 5.11 -13.33 6.28
C THR A 780 5.04 -12.89 7.74
N PRO A 781 4.31 -13.60 8.59
CA PRO A 781 4.23 -13.19 9.98
C PRO A 781 5.48 -13.55 10.79
N ARG A 782 5.70 -12.76 11.83
CA ARG A 782 6.65 -13.08 12.88
C ARG A 782 5.90 -13.81 13.99
N GLY A 783 6.36 -15.01 14.32
CA GLY A 783 5.59 -15.76 15.29
C GLY A 783 4.30 -16.29 14.68
N GLY A 784 3.37 -16.67 15.55
CA GLY A 784 2.12 -17.28 15.12
C GLY A 784 0.89 -16.65 15.73
N SER A 785 -0.15 -16.53 14.89
CA SER A 785 -1.37 -15.80 15.24
C SER A 785 -2.37 -16.75 15.90
N ASN A 786 -2.52 -16.60 17.22
CA ASN A 786 -3.37 -17.53 17.98
C ASN A 786 -4.77 -17.64 17.42
N ASN A 787 -5.38 -16.52 17.02
CA ASN A 787 -6.78 -16.58 16.66
C ASN A 787 -7.06 -17.33 15.36
N ASP A 788 -6.04 -17.63 14.55
CA ASP A 788 -6.24 -18.53 13.42
C ASP A 788 -6.54 -19.96 13.87
N LEU A 789 -6.26 -20.28 15.13
CA LEU A 789 -6.55 -21.61 15.64
C LEU A 789 -7.94 -21.77 16.25
N ILE A 790 -8.59 -20.66 16.56
CA ILE A 790 -9.72 -20.62 17.48
C ILE A 790 -11.01 -20.54 16.68
N ALA A 791 -11.76 -21.64 16.67
CA ALA A 791 -13.00 -21.68 15.92
C ALA A 791 -13.98 -20.61 16.42
N ASP A 792 -14.73 -20.03 15.48
CA ASP A 792 -15.72 -18.96 15.70
C ASP A 792 -16.92 -19.52 16.46
N ARG A 793 -16.95 -19.29 17.77
CA ARG A 793 -17.98 -19.84 18.64
C ARG A 793 -18.40 -18.80 19.67
N TYR A 794 -19.58 -19.00 20.24
CA TYR A 794 -20.21 -17.97 21.06
C TYR A 794 -20.83 -18.51 22.33
N ASP A 795 -20.68 -17.76 23.43
CA ASP A 795 -21.57 -17.83 24.59
C ASP A 795 -22.83 -17.04 24.23
N ARG A 796 -23.83 -17.76 23.71
CA ARG A 796 -24.94 -17.09 23.02
C ARG A 796 -25.82 -16.30 23.96
N LEU A 797 -25.86 -16.67 25.25
CA LEU A 797 -26.68 -15.88 26.17
C LEU A 797 -26.12 -14.47 26.37
N SER A 798 -24.80 -14.29 26.25
CA SER A 798 -24.18 -12.98 26.41
C SER A 798 -23.79 -12.34 25.10
N GLY A 799 -23.61 -13.14 24.03
CA GLY A 799 -23.05 -12.67 22.80
C GLY A 799 -21.54 -12.78 22.74
N ALA A 800 -20.88 -13.20 23.81
CA ALA A 800 -19.42 -13.20 23.85
C ALA A 800 -18.82 -14.24 22.90
N SER A 801 -17.67 -13.90 22.32
CA SER A 801 -16.89 -14.88 21.58
C SER A 801 -16.15 -15.77 22.57
N ALA A 802 -15.99 -17.04 22.19
CA ALA A 802 -15.24 -17.99 23.00
C ALA A 802 -13.80 -18.07 22.54
N PHE A 803 -12.87 -17.90 23.47
CA PHE A 803 -11.44 -18.01 23.20
C PHE A 803 -10.77 -19.15 23.95
N TYR A 804 -11.53 -19.91 24.76
CA TYR A 804 -10.95 -20.83 25.71
C TYR A 804 -11.80 -22.10 25.80
N GLY A 805 -11.14 -23.18 26.20
CA GLY A 805 -11.85 -24.42 26.48
C GLY A 805 -12.19 -25.30 25.31
N HIS A 806 -12.67 -24.74 24.20
CA HIS A 806 -13.12 -25.58 23.08
C HIS A 806 -12.05 -25.85 22.05
N ILE A 807 -10.86 -25.28 22.21
CA ILE A 807 -9.85 -25.34 21.17
C ILE A 807 -8.96 -26.55 21.36
N ARG A 808 -9.10 -27.52 20.46
CA ARG A 808 -8.22 -28.68 20.38
C ARG A 808 -7.22 -28.50 19.24
N VAL A 809 -5.95 -28.86 19.50
CA VAL A 809 -4.90 -28.72 18.50
C VAL A 809 -4.00 -29.95 18.51
N ARG A 810 -3.22 -30.07 17.43
CA ARG A 810 -2.11 -30.99 17.33
C ARG A 810 -0.85 -30.22 16.98
N VAL A 811 0.32 -30.85 17.14
CA VAL A 811 1.59 -30.18 16.92
C VAL A 811 2.53 -31.12 16.17
N GLU A 812 3.39 -30.53 15.34
CA GLU A 812 4.40 -31.28 14.63
C GLU A 812 5.59 -30.36 14.36
N LYS A 813 6.74 -30.96 14.10
CA LYS A 813 7.92 -30.17 13.78
C LYS A 813 7.87 -29.68 12.34
N VAL A 814 8.47 -28.51 12.11
CA VAL A 814 8.58 -27.91 10.78
C VAL A 814 7.22 -27.52 10.25
N MET B 1 31.19 6.00 53.25
CA MET B 1 29.88 5.73 52.58
C MET B 1 29.95 4.54 51.64
N ARG B 2 28.91 3.69 51.72
CA ARG B 2 28.81 2.50 50.90
C ARG B 2 27.35 2.37 50.49
N LEU B 3 26.98 3.01 49.39
CA LEU B 3 25.61 2.92 48.90
C LEU B 3 25.28 1.50 48.48
N GLY B 4 24.03 1.12 48.70
CA GLY B 4 23.57 -0.18 48.25
C GLY B 4 22.06 -0.17 48.13
N MET B 5 21.53 -1.33 47.73
CA MET B 5 20.11 -1.50 47.45
C MET B 5 19.58 -2.73 48.18
N VAL B 6 18.37 -2.63 48.70
CA VAL B 6 17.65 -3.77 49.24
C VAL B 6 16.41 -3.97 48.37
N ILE B 7 16.21 -5.21 47.93
CA ILE B 7 15.09 -5.58 47.08
C ILE B 7 14.26 -6.61 47.82
N ASP B 8 12.96 -6.33 47.96
CA ASP B 8 12.02 -7.18 48.68
C ASP B 8 11.36 -8.11 47.68
N LEU B 9 11.77 -9.39 47.68
CA LEU B 9 11.30 -10.34 46.68
C LEU B 9 9.84 -10.72 46.87
N GLN B 10 9.31 -10.58 48.09
CA GLN B 10 7.88 -10.85 48.23
C GLN B 10 7.07 -9.77 47.53
N LYS B 11 7.50 -8.51 47.60
CA LYS B 11 6.82 -7.41 46.91
C LYS B 11 7.02 -7.47 45.40
N CYS B 12 8.16 -8.00 44.94
CA CYS B 12 8.47 -8.04 43.52
C CYS B 12 7.50 -8.95 42.79
N VAL B 13 6.97 -8.49 41.65
CA VAL B 13 6.05 -9.29 40.85
C VAL B 13 6.70 -9.79 39.56
N GLY B 14 7.99 -9.54 39.38
CA GLY B 14 8.74 -10.09 38.27
C GLY B 14 8.34 -9.52 36.93
N CYS B 15 8.00 -8.23 36.89
CA CYS B 15 7.42 -7.62 35.70
C CYS B 15 8.44 -6.99 34.74
N GLY B 16 9.67 -6.72 35.18
CA GLY B 16 10.66 -6.11 34.33
C GLY B 16 10.52 -4.62 34.17
N GLY B 17 9.63 -3.99 34.94
CA GLY B 17 9.45 -2.54 34.82
C GLY B 17 10.71 -1.76 35.13
N CYS B 18 11.47 -2.23 36.11
CA CYS B 18 12.75 -1.63 36.45
C CYS B 18 13.72 -1.69 35.27
N SER B 19 13.79 -2.82 34.58
CA SER B 19 14.71 -2.94 33.47
C SER B 19 14.28 -2.06 32.29
N LEU B 20 12.98 -1.95 32.05
CA LEU B 20 12.48 -1.07 30.99
C LEU B 20 12.73 0.39 31.34
N ALA B 21 12.55 0.76 32.61
CA ALA B 21 12.88 2.12 33.02
C ALA B 21 14.35 2.41 32.79
N CYS B 22 15.22 1.44 33.07
CA CYS B 22 16.65 1.63 32.85
C CYS B 22 16.95 1.91 31.38
N LYS B 23 16.26 1.22 30.46
CA LYS B 23 16.43 1.50 29.03
C LYS B 23 16.13 2.97 28.71
N THR B 24 15.00 3.48 29.24
CA THR B 24 14.61 4.87 28.93
C THR B 24 15.55 5.87 29.57
N GLU B 25 16.13 5.51 30.72
CA GLU B 25 16.97 6.44 31.47
C GLU B 25 18.35 6.56 30.84
N ASN B 26 18.92 5.44 30.39
CA ASN B 26 20.34 5.35 30.14
C ASN B 26 20.71 5.12 28.67
N ASN B 27 19.73 5.00 27.78
CA ASN B 27 20.00 5.01 26.35
CA ASN B 27 19.95 4.98 26.34
C ASN B 27 20.83 3.81 25.89
N THR B 28 20.67 2.68 26.57
CA THR B 28 21.41 1.49 26.20
C THR B 28 20.97 1.02 24.81
N ASN B 29 21.91 0.47 24.06
CA ASN B 29 21.63 -0.04 22.73
C ASN B 29 20.63 -1.19 22.82
N ASP B 30 19.96 -1.44 21.71
CA ASP B 30 19.11 -2.62 21.65
C ASP B 30 19.89 -3.87 22.04
N GLY B 31 19.32 -4.63 22.96
CA GLY B 31 19.97 -5.83 23.44
C GLY B 31 20.89 -5.66 24.62
N ILE B 32 21.20 -4.43 25.01
CA ILE B 32 22.04 -4.16 26.18
C ILE B 32 21.12 -3.69 27.30
N HIS B 33 21.12 -4.41 28.40
CA HIS B 33 20.25 -4.10 29.53
C HIS B 33 21.06 -4.13 30.82
N TRP B 34 21.31 -2.96 31.39
CA TRP B 34 22.06 -2.87 32.64
C TRP B 34 21.30 -3.52 33.79
N SER B 35 20.01 -3.22 33.90
CA SER B 35 19.08 -3.93 34.76
C SER B 35 18.55 -5.13 33.99
N HIS B 36 18.51 -6.28 34.63
CA HIS B 36 17.96 -7.48 34.02
C HIS B 36 17.40 -8.39 35.12
N HIS B 37 17.44 -9.70 34.90
CA HIS B 37 16.84 -10.60 35.88
C HIS B 37 17.43 -11.98 35.70
N ILE B 38 17.23 -12.81 36.73
CA ILE B 38 17.51 -14.24 36.70
C ILE B 38 16.23 -14.94 37.15
N ALA B 39 15.63 -15.71 36.25
CA ALA B 39 14.42 -16.46 36.55
C ALA B 39 14.72 -17.94 36.53
N THR B 40 14.03 -18.69 37.40
CA THR B 40 14.23 -20.12 37.51
C THR B 40 12.88 -20.82 37.67
N THR B 41 12.73 -21.98 37.05
CA THR B 41 11.60 -22.87 37.29
C THR B 41 12.15 -24.17 37.84
N GLU B 42 11.61 -24.59 38.99
CA GLU B 42 12.05 -25.83 39.64
C GLU B 42 10.84 -26.71 39.96
N GLY B 43 11.03 -28.02 39.85
CA GLY B 43 10.01 -28.95 40.25
C GLY B 43 9.30 -29.56 39.05
N THR B 44 8.63 -30.68 39.32
CA THR B 44 7.84 -31.39 38.34
C THR B 44 6.35 -31.15 38.60
N PHE B 45 5.59 -30.97 37.53
CA PHE B 45 4.16 -30.73 37.64
C PHE B 45 3.53 -31.75 38.57
N PRO B 46 2.64 -31.35 39.49
CA PRO B 46 2.10 -30.00 39.68
C PRO B 46 2.84 -29.14 40.69
N ASP B 47 3.95 -29.65 41.22
CA ASP B 47 4.66 -28.97 42.30
C ASP B 47 5.78 -28.11 41.74
N VAL B 48 5.40 -27.01 41.10
CA VAL B 48 6.31 -26.20 40.29
C VAL B 48 6.53 -24.86 40.96
N LYS B 49 7.79 -24.46 41.07
CA LYS B 49 8.17 -23.21 41.70
C LYS B 49 8.86 -22.34 40.65
N TYR B 50 8.30 -21.16 40.43
CA TYR B 50 8.86 -20.15 39.54
C TYR B 50 9.29 -18.97 40.40
N THR B 51 10.54 -18.57 40.27
CA THR B 51 11.08 -17.43 41.00
C THR B 51 11.81 -16.49 40.05
N TYR B 52 11.83 -15.22 40.42
CA TYR B 52 12.40 -14.12 39.64
C TYR B 52 13.24 -13.27 40.56
N ILE B 53 14.48 -13.01 40.15
CA ILE B 53 15.40 -12.17 40.90
C ILE B 53 15.82 -11.01 39.98
N PRO B 54 15.49 -9.76 40.31
CA PRO B 54 16.02 -8.64 39.52
C PRO B 54 17.50 -8.47 39.79
N THR B 55 18.26 -8.14 38.75
CA THR B 55 19.71 -7.97 38.88
C THR B 55 20.16 -6.62 38.33
N LEU B 56 21.29 -6.17 38.86
CA LEU B 56 21.96 -4.95 38.45
C LEU B 56 23.41 -5.09 38.90
N CYS B 57 24.18 -4.02 38.75
CA CYS B 57 25.54 -4.01 39.31
C CYS B 57 25.47 -3.96 40.84
N ASN B 58 26.31 -4.75 41.50
CA ASN B 58 26.29 -4.84 42.95
C ASN B 58 27.25 -3.86 43.61
N HIS B 59 27.93 -3.03 42.83
CA HIS B 59 28.82 -1.99 43.33
C HIS B 59 29.65 -2.49 44.51
N CYS B 60 30.42 -3.52 44.20
CA CYS B 60 31.03 -4.41 45.16
C CYS B 60 32.09 -3.72 46.01
N ASP B 61 32.25 -4.22 47.23
CA ASP B 61 33.30 -3.72 48.12
C ASP B 61 34.69 -4.00 47.55
N ASP B 62 34.87 -5.21 46.99
CA ASP B 62 36.14 -5.64 46.41
CA ASP B 62 36.15 -5.62 46.41
C ASP B 62 35.84 -6.07 44.98
N ALA B 63 35.83 -5.09 44.06
CA ALA B 63 35.31 -5.30 42.72
C ALA B 63 36.37 -5.83 41.77
N PRO B 64 36.22 -7.05 41.25
CA PRO B 64 37.19 -7.54 40.25
C PRO B 64 37.25 -6.67 39.00
N CYS B 65 36.14 -6.06 38.59
CA CYS B 65 36.16 -5.21 37.39
C CYS B 65 37.11 -4.04 37.55
N VAL B 66 37.19 -3.46 38.75
CA VAL B 66 38.14 -2.39 39.01
C VAL B 66 39.56 -2.94 39.03
N LYS B 67 39.77 -4.08 39.70
CA LYS B 67 41.12 -4.58 39.88
C LYS B 67 41.79 -4.96 38.56
N VAL B 68 41.03 -5.52 37.62
CA VAL B 68 41.65 -5.98 36.39
C VAL B 68 41.82 -4.88 35.36
N CYS B 69 41.19 -3.73 35.56
CA CYS B 69 41.17 -2.68 34.53
C CYS B 69 42.57 -2.11 34.33
N PRO B 70 43.16 -2.25 33.14
CA PRO B 70 44.57 -1.85 32.99
C PRO B 70 44.79 -0.36 32.94
N THR B 71 43.76 0.43 32.62
CA THR B 71 43.89 1.88 32.50
C THR B 71 43.35 2.63 33.71
N GLY B 72 42.68 1.95 34.64
CA GLY B 72 42.02 2.64 35.72
C GLY B 72 40.70 3.27 35.35
N ALA B 73 40.18 3.02 34.15
CA ALA B 73 38.90 3.59 33.74
C ALA B 73 37.77 3.17 34.69
N MET B 74 37.71 1.88 35.02
CA MET B 74 36.78 1.38 36.02
C MET B 74 37.35 1.62 37.41
N HIS B 75 36.57 2.27 38.28
CA HIS B 75 37.10 2.77 39.55
C HIS B 75 35.96 2.95 40.55
N LYS B 76 36.34 3.05 41.82
CA LYS B 76 35.38 3.36 42.89
C LYS B 76 35.33 4.87 43.10
N ASP B 77 34.15 5.37 43.46
CA ASP B 77 34.01 6.78 43.85
C ASP B 77 33.79 6.89 45.35
N LYS B 78 33.60 8.13 45.82
CA LYS B 78 33.53 8.38 47.25
C LYS B 78 32.23 7.89 47.87
N ARG B 79 31.26 7.48 47.08
CA ARG B 79 30.03 6.89 47.57
C ARG B 79 30.08 5.37 47.63
N GLY B 80 31.19 4.76 47.22
CA GLY B 80 31.25 3.33 47.10
C GLY B 80 30.76 2.79 45.78
N LEU B 81 30.40 3.66 44.85
CA LEU B 81 29.90 3.22 43.55
C LEU B 81 31.06 2.79 42.67
N THR B 82 30.83 1.78 41.84
CA THR B 82 31.76 1.42 40.79
C THR B 82 31.31 2.17 39.56
N LEU B 83 32.12 3.13 39.12
CA LEU B 83 31.83 3.97 37.96
C LEU B 83 32.95 3.79 36.94
N GLN B 84 32.68 4.29 35.74
CA GLN B 84 33.61 4.11 34.63
C GLN B 84 33.85 5.46 33.97
N ASN B 85 35.12 5.82 33.79
CA ASN B 85 35.49 6.92 32.91
C ASN B 85 35.53 6.34 31.51
N ASN B 86 34.41 6.45 30.78
CA ASN B 86 34.27 5.79 29.47
C ASN B 86 35.32 6.27 28.48
N ASP B 87 35.75 7.53 28.57
CA ASP B 87 36.78 8.02 27.66
C ASP B 87 38.09 7.23 27.78
N GLU B 88 38.40 6.71 28.97
CA GLU B 88 39.65 6.00 29.18
C GLU B 88 39.51 4.48 28.95
N CYS B 89 38.35 4.01 28.51
CA CYS B 89 38.17 2.61 28.21
C CYS B 89 38.80 2.28 26.86
N ILE B 90 39.70 1.31 26.85
CA ILE B 90 40.37 0.85 25.64
C ILE B 90 39.76 -0.44 25.09
N GLY B 91 38.63 -0.87 25.64
CA GLY B 91 37.93 -2.02 25.08
C GLY B 91 38.65 -3.33 25.20
N CYS B 92 39.42 -3.53 26.28
CA CYS B 92 40.15 -4.78 26.47
C CYS B 92 39.24 -5.90 26.94
N LYS B 93 38.04 -5.57 27.42
CA LYS B 93 36.99 -6.47 27.86
C LYS B 93 37.31 -7.23 29.14
N LYS B 94 38.41 -6.92 29.82
CA LYS B 94 38.75 -7.71 31.00
C LYS B 94 37.70 -7.56 32.09
N CYS B 95 37.17 -6.35 32.27
CA CYS B 95 36.16 -6.15 33.32
C CYS B 95 34.98 -7.10 33.11
N MET B 96 34.53 -7.23 31.86
CA MET B 96 33.35 -8.04 31.58
C MET B 96 33.55 -9.47 32.03
N ASN B 97 34.71 -10.03 31.71
CA ASN B 97 34.99 -11.42 32.06
C ASN B 97 35.32 -11.59 33.53
N ALA B 98 35.93 -10.57 34.15
CA ALA B 98 36.28 -10.70 35.56
C ALA B 98 35.05 -10.56 36.47
N CYS B 99 34.03 -9.86 36.02
CA CYS B 99 32.85 -9.66 36.86
C CYS B 99 32.17 -11.00 37.07
N PRO B 100 32.03 -11.47 38.31
CA PRO B 100 31.38 -12.78 38.53
C PRO B 100 29.90 -12.79 38.19
N TYR B 101 29.29 -11.62 38.04
CA TYR B 101 27.85 -11.51 37.89
C TYR B 101 27.39 -11.32 36.46
N GLY B 102 28.31 -11.12 35.53
CA GLY B 102 27.95 -10.95 34.13
C GLY B 102 27.06 -9.77 33.82
N VAL B 103 27.22 -8.65 34.54
CA VAL B 103 26.34 -7.50 34.34
C VAL B 103 26.95 -6.42 33.44
N ILE B 104 28.17 -6.63 32.93
CA ILE B 104 28.80 -5.65 32.02
C ILE B 104 28.54 -6.07 30.58
N SER B 105 28.28 -5.09 29.72
CA SER B 105 28.05 -5.30 28.31
C SER B 105 29.12 -4.58 27.50
N PHE B 106 29.31 -5.04 26.25
CA PHE B 106 30.29 -4.52 25.30
C PHE B 106 29.58 -3.97 24.07
N ASN B 107 29.91 -2.73 23.71
CA ASN B 107 29.35 -2.10 22.52
C ASN B 107 30.11 -2.61 21.30
N ALA B 108 29.77 -3.83 20.86
CA ALA B 108 30.41 -4.35 19.65
C ALA B 108 29.99 -3.53 18.42
N ALA B 109 28.74 -3.10 18.37
CA ALA B 109 28.22 -2.23 17.33
C ALA B 109 28.11 -0.78 17.81
N THR B 110 28.19 0.15 16.88
CA THR B 110 27.83 1.52 17.17
C THR B 110 26.38 1.55 17.64
N PRO B 111 26.09 2.07 18.82
CA PRO B 111 24.71 2.01 19.31
C PRO B 111 23.72 2.70 18.38
N HIS B 112 22.52 2.14 18.28
CA HIS B 112 21.37 2.78 17.64
C HIS B 112 21.53 2.90 16.14
N ARG B 113 22.30 1.99 15.55
CA ARG B 113 22.49 1.99 14.10
C ARG B 113 21.18 1.78 13.36
N ARG B 114 20.20 1.11 13.98
CA ARG B 114 18.94 0.83 13.30
C ARG B 114 18.18 2.11 12.98
N TRP B 115 18.50 3.22 13.65
CA TRP B 115 17.83 4.49 13.40
C TRP B 115 18.39 5.23 12.18
N GLN B 116 19.44 4.73 11.53
CA GLN B 116 19.94 5.35 10.31
C GLN B 116 19.23 4.83 9.05
N ASP B 117 18.34 3.86 9.18
CA ASP B 117 17.60 3.27 8.07
C ASP B 117 16.49 4.19 7.57
N ASP B 118 16.47 4.45 6.26
CA ASP B 118 15.42 5.31 5.71
C ASP B 118 14.37 4.55 4.92
N SER B 119 14.33 3.23 5.04
CA SER B 119 13.33 2.44 4.33
C SER B 119 11.96 2.60 5.00
N GLU B 120 10.90 2.50 4.18
CA GLU B 120 9.52 2.70 4.59
C GLU B 120 8.69 1.45 4.24
N VAL B 121 7.88 0.97 5.18
CA VAL B 121 7.08 -0.23 4.90
C VAL B 121 5.97 0.06 3.91
N VAL B 122 5.47 1.30 3.87
CA VAL B 122 4.55 1.77 2.82
C VAL B 122 5.15 3.05 2.23
N ALA B 123 5.63 2.98 1.00
CA ALA B 123 6.39 4.10 0.44
C ALA B 123 5.57 5.39 0.43
N ASN B 124 6.22 6.49 0.85
CA ASN B 124 5.60 7.81 0.86
C ASN B 124 4.30 7.81 1.66
N GLY B 125 4.21 6.91 2.65
CA GLY B 125 3.00 6.78 3.45
C GLY B 125 3.31 6.59 4.93
N THR B 126 4.02 5.51 5.27
CA THR B 126 4.58 5.37 6.60
C THR B 126 5.95 6.03 6.63
N VAL B 127 6.49 6.26 7.83
CA VAL B 127 7.74 6.98 7.97
C VAL B 127 8.90 5.99 7.99
N SER B 128 10.02 6.37 8.59
CA SER B 128 11.19 5.51 8.67
C SER B 128 11.97 5.89 9.90
N PRO B 129 12.89 5.04 10.36
CA PRO B 129 13.72 5.42 11.53
C PRO B 129 14.47 6.72 11.31
N LEU B 130 15.10 6.89 10.15
CA LEU B 130 15.85 8.11 9.90
C LEU B 130 14.93 9.32 9.87
N MET B 131 13.76 9.19 9.25
CA MET B 131 12.86 10.33 9.11
C MET B 131 12.33 10.75 10.49
N LEU B 132 12.05 9.78 11.35
CA LEU B 132 11.62 10.09 12.72
C LEU B 132 12.76 10.73 13.51
N LEU B 133 13.97 10.25 13.33
CA LEU B 133 15.11 10.89 13.95
C LEU B 133 15.20 12.36 13.57
N LYS B 134 15.08 12.65 12.28
CA LYS B 134 15.18 14.04 11.82
C LYS B 134 14.02 14.86 12.36
N ARG B 135 12.82 14.30 12.38
CA ARG B 135 11.65 15.06 12.80
C ARG B 135 11.75 15.48 14.27
N THR B 136 12.26 14.59 15.12
CA THR B 136 12.27 14.88 16.56
C THR B 136 13.47 15.70 16.99
N GLY B 137 14.50 15.80 16.16
CA GLY B 137 15.73 16.51 16.49
C GLY B 137 16.73 15.74 17.33
N ALA B 138 16.49 14.46 17.58
CA ALA B 138 17.43 13.66 18.35
C ALA B 138 18.66 13.31 17.52
N THR B 139 19.76 13.00 18.21
CA THR B 139 21.02 12.72 17.55
C THR B 139 21.13 11.26 17.11
N ALA B 140 20.75 10.32 17.97
CA ALA B 140 20.93 8.89 17.71
C ALA B 140 19.62 8.09 17.73
N THR B 141 18.71 8.38 18.65
CA THR B 141 17.43 7.71 18.74
C THR B 141 16.43 8.70 19.30
N PRO B 142 15.19 8.72 18.80
CA PRO B 142 14.20 9.64 19.37
C PRO B 142 13.93 9.39 20.85
N ASN B 143 14.35 8.25 21.41
CA ASN B 143 14.15 7.93 22.83
C ASN B 143 15.35 8.31 23.70
N GLU B 144 16.33 9.04 23.17
CA GLU B 144 17.54 9.30 23.94
C GLU B 144 17.28 10.32 25.06
N ASN B 145 17.78 9.99 26.26
CA ASN B 145 17.64 10.84 27.43
C ASN B 145 18.87 11.74 27.57
N PRO B 146 18.77 13.05 27.33
CA PRO B 146 19.96 13.90 27.45
C PRO B 146 20.50 14.00 28.87
N GLU B 147 19.69 13.75 29.89
CA GLU B 147 20.16 13.82 31.27
C GLU B 147 21.34 12.90 31.51
N ARG B 148 21.37 11.76 30.82
CA ARG B 148 22.43 10.78 30.98
C ARG B 148 23.80 11.41 30.76
N GLY B 149 23.88 12.39 29.86
CA GLY B 149 25.14 13.02 29.52
C GLY B 149 25.76 13.87 30.61
N ASP B 150 25.07 14.03 31.74
CA ASP B 150 25.61 14.84 32.83
C ASP B 150 26.95 14.29 33.34
N THR B 151 27.08 12.96 33.39
CA THR B 151 28.21 12.34 34.04
C THR B 151 28.82 11.19 33.25
N TYR B 152 28.30 10.90 32.05
CA TYR B 152 28.62 9.71 31.29
C TYR B 152 28.19 10.00 29.86
N PRO B 153 28.77 9.34 28.86
CA PRO B 153 28.31 9.60 27.48
C PRO B 153 26.82 9.27 27.37
N MET B 154 26.06 10.21 26.81
CA MET B 154 24.66 9.94 26.50
C MET B 154 24.53 8.72 25.60
N ILE B 155 25.41 8.63 24.59
CA ILE B 155 25.51 7.48 23.70
C ILE B 155 26.96 6.99 23.80
N ARG B 156 27.16 5.73 24.16
CA ARG B 156 28.54 5.30 24.29
C ARG B 156 29.14 4.93 22.94
N PRO B 157 30.44 5.07 22.79
CA PRO B 157 31.09 4.64 21.55
C PRO B 157 31.25 3.13 21.46
N LYS B 158 31.35 2.67 20.20
CA LYS B 158 31.75 1.31 19.89
C LYS B 158 33.07 1.00 20.57
N ARG B 159 33.27 -0.26 20.92
CA ARG B 159 34.49 -0.75 21.55
C ARG B 159 34.68 -0.25 22.98
N THR B 160 33.61 0.11 23.68
CA THR B 160 33.67 0.34 25.12
C THR B 160 32.66 -0.56 25.82
N THR B 161 32.94 -0.84 27.10
CA THR B 161 32.04 -1.57 27.98
C THR B 161 31.16 -0.60 28.75
N GLU B 162 30.11 -1.13 29.38
CA GLU B 162 29.18 -0.30 30.15
C GLU B 162 28.32 -1.19 31.03
N LYS B 163 27.76 -0.58 32.08
CA LYS B 163 26.97 -1.26 33.08
C LYS B 163 26.19 -0.25 33.91
N CYS B 164 25.36 -0.77 34.82
CA CYS B 164 24.62 0.05 35.77
C CYS B 164 25.55 1.00 36.53
N THR B 165 25.17 2.28 36.53
CA THR B 165 25.91 3.32 37.25
C THR B 165 25.19 3.76 38.52
N PHE B 166 24.19 2.99 38.96
CA PHE B 166 23.36 3.36 40.11
C PHE B 166 22.66 4.71 39.90
N CYS B 167 22.43 5.07 38.63
CA CYS B 167 21.82 6.36 38.27
C CYS B 167 22.53 7.50 39.01
N ASP B 168 23.87 7.43 39.02
CA ASP B 168 24.68 8.44 39.70
C ASP B 168 24.27 9.85 39.31
N HIS B 169 23.91 10.07 38.04
CA HIS B 169 23.50 11.40 37.60
C HIS B 169 22.22 11.86 38.28
N ARG B 170 21.32 10.91 38.59
CA ARG B 170 20.14 11.28 39.35
C ARG B 170 20.47 11.50 40.83
N LEU B 171 21.32 10.64 41.40
CA LEU B 171 21.74 10.83 42.78
C LEU B 171 22.39 12.19 42.97
N ASP B 172 23.15 12.67 41.97
CA ASP B 172 23.80 13.97 42.10
C ASP B 172 22.78 15.10 42.30
N LYS B 173 21.57 14.93 41.79
CA LYS B 173 20.51 15.93 41.91
C LYS B 173 19.54 15.64 43.05
N GLY B 174 19.83 14.65 43.89
CA GLY B 174 18.92 14.29 44.95
C GLY B 174 17.71 13.49 44.53
N LEU B 175 17.74 12.93 43.32
CA LEU B 175 16.61 12.18 42.79
C LEU B 175 16.87 10.69 42.91
N ASN B 176 15.79 9.90 42.66
CA ASN B 176 15.92 8.46 42.80
C ASN B 176 16.39 7.82 41.51
N PRO B 177 17.02 6.65 41.61
CA PRO B 177 17.28 5.85 40.41
C PRO B 177 15.98 5.56 39.67
N ALA B 178 16.08 5.47 38.34
CA ALA B 178 14.89 5.24 37.53
C ALA B 178 14.17 3.96 37.93
N CYS B 179 14.92 2.88 38.21
CA CYS B 179 14.29 1.62 38.53
C CYS B 179 13.54 1.68 39.84
N VAL B 180 14.00 2.52 40.77
CA VAL B 180 13.35 2.67 42.07
C VAL B 180 11.97 3.31 41.91
N ASP B 181 11.90 4.41 41.14
CA ASP B 181 10.62 5.07 40.88
C ASP B 181 9.70 4.20 40.02
N ALA B 182 10.25 3.29 39.24
CA ALA B 182 9.44 2.51 38.32
C ALA B 182 8.77 1.30 38.97
N CYS B 183 9.17 0.95 40.19
CA CYS B 183 8.70 -0.30 40.80
C CYS B 183 7.35 -0.08 41.47
N PRO B 184 6.29 -0.80 41.04
CA PRO B 184 4.94 -0.47 41.53
C PRO B 184 4.75 -0.76 43.00
N SER B 185 5.51 -1.72 43.54
CA SER B 185 5.37 -2.11 44.93
C SER B 185 6.45 -1.51 45.83
N GLU B 186 7.26 -0.58 45.31
CA GLU B 186 8.35 0.01 46.08
C GLU B 186 9.25 -1.08 46.65
N ALA B 187 9.52 -2.10 45.85
CA ALA B 187 10.31 -3.22 46.33
C ALA B 187 11.78 -2.88 46.45
N ARG B 188 12.22 -1.82 45.77
CA ARG B 188 13.63 -1.45 45.70
C ARG B 188 13.85 -0.21 46.56
N VAL B 189 14.83 -0.28 47.46
CA VAL B 189 15.19 0.81 48.35
C VAL B 189 16.71 0.97 48.35
N ILE B 190 17.19 2.21 48.27
CA ILE B 190 18.64 2.45 48.29
C ILE B 190 18.99 3.31 49.48
N GLY B 191 20.27 3.30 49.82
CA GLY B 191 20.78 4.10 50.93
C GLY B 191 22.20 3.73 51.27
N ASP B 192 22.69 4.37 52.33
CA ASP B 192 24.08 4.21 52.77
C ASP B 192 24.13 3.08 53.79
N LEU B 193 24.82 1.99 53.44
CA LEU B 193 24.95 0.85 54.32
C LEU B 193 25.86 1.13 55.51
N ASP B 194 26.73 2.15 55.41
CA ASP B 194 27.56 2.55 56.55
C ASP B 194 26.81 3.40 57.57
N ASP B 195 25.59 3.83 57.26
CA ASP B 195 24.77 4.61 58.18
C ASP B 195 23.81 3.66 58.89
N PRO B 196 23.97 3.42 60.19
CA PRO B 196 23.08 2.45 60.87
C PRO B 196 21.62 2.86 60.85
N GLN B 197 21.29 4.12 60.61
CA GLN B 197 19.92 4.59 60.63
C GLN B 197 19.28 4.64 59.23
N SER B 198 20.01 4.32 58.18
CA SER B 198 19.40 4.30 56.85
C SER B 198 18.35 3.19 56.82
N LYS B 199 17.34 3.36 55.94
CA LYS B 199 16.34 2.33 55.79
C LYS B 199 16.95 1.02 55.32
N VAL B 200 17.93 1.08 54.41
CA VAL B 200 18.56 -0.16 53.93
C VAL B 200 19.27 -0.86 55.08
N SER B 201 19.97 -0.11 55.93
CA SER B 201 20.68 -0.74 57.04
C SER B 201 19.71 -1.41 58.00
N GLN B 202 18.56 -0.79 58.25
CA GLN B 202 17.57 -1.40 59.13
C GLN B 202 16.90 -2.59 58.47
N LEU B 203 16.63 -2.50 57.17
CA LEU B 203 15.97 -3.62 56.49
C LEU B 203 16.80 -4.89 56.60
N ILE B 204 18.13 -4.77 56.46
CA ILE B 204 18.94 -5.99 56.50
C ILE B 204 19.21 -6.45 57.93
N LYS B 205 18.91 -5.62 58.92
CA LYS B 205 18.92 -6.07 60.31
C LYS B 205 17.60 -6.72 60.70
N LEU B 206 16.49 -6.29 60.11
CA LEU B 206 15.19 -6.86 60.37
C LEU B 206 14.95 -8.16 59.62
N HIS B 207 15.64 -8.39 58.49
CA HIS B 207 15.48 -9.61 57.70
C HIS B 207 16.85 -10.22 57.40
N LYS B 208 16.90 -11.55 57.32
CA LYS B 208 18.13 -12.27 56.96
C LYS B 208 18.27 -12.15 55.45
N PRO B 209 19.18 -11.33 54.95
CA PRO B 209 19.24 -11.10 53.51
C PRO B 209 20.01 -12.19 52.78
N MET B 210 19.69 -12.33 51.50
CA MET B 210 20.43 -13.18 50.57
C MET B 210 21.22 -12.27 49.64
N GLN B 211 22.42 -12.70 49.26
CA GLN B 211 23.22 -12.01 48.26
C GLN B 211 23.52 -13.00 47.13
N LEU B 212 23.77 -12.44 45.94
CA LEU B 212 24.19 -13.26 44.81
C LEU B 212 25.68 -13.59 44.91
N LYS B 213 26.02 -14.84 44.60
CA LYS B 213 27.39 -15.35 44.59
C LYS B 213 28.26 -14.81 45.70
N PRO B 214 27.82 -14.92 46.96
CA PRO B 214 28.67 -14.45 48.06
C PRO B 214 30.01 -15.17 48.13
N GLU B 215 30.08 -16.39 47.61
CA GLU B 215 31.33 -17.15 47.62
C GLU B 215 32.42 -16.53 46.75
N ALA B 216 32.06 -15.64 45.83
CA ALA B 216 33.07 -14.99 45.01
C ALA B 216 33.90 -13.99 45.80
N GLY B 217 33.41 -13.55 46.96
CA GLY B 217 34.17 -12.69 47.83
C GLY B 217 34.26 -11.23 47.45
N THR B 218 33.32 -10.72 46.66
CA THR B 218 33.38 -9.34 46.21
C THR B 218 32.70 -8.36 47.16
N GLY B 219 31.92 -8.83 48.12
CA GLY B 219 31.17 -7.95 48.98
C GLY B 219 30.11 -7.15 48.21
N PRO B 220 29.18 -7.87 47.57
CA PRO B 220 28.15 -7.17 46.80
C PRO B 220 27.27 -6.37 47.76
N ARG B 221 26.68 -5.31 47.23
CA ARG B 221 25.86 -4.41 48.05
C ARG B 221 24.42 -4.30 47.56
N VAL B 222 23.95 -5.27 46.80
CA VAL B 222 22.53 -5.49 46.58
C VAL B 222 22.10 -6.67 47.45
N PHE B 223 21.11 -6.45 48.32
CA PHE B 223 20.61 -7.44 49.26
C PHE B 223 19.17 -7.77 48.94
N TYR B 224 18.83 -9.04 49.00
CA TYR B 224 17.47 -9.52 48.75
C TYR B 224 16.85 -10.02 50.05
N ILE B 225 15.62 -9.58 50.33
CA ILE B 225 14.91 -10.02 51.53
C ILE B 225 13.62 -10.74 51.17
N ARG B 226 13.23 -11.65 52.06
CA ARG B 226 12.02 -12.46 51.90
CA ARG B 226 12.00 -12.42 51.88
C ARG B 226 12.13 -13.33 50.66
N SER B 227 11.01 -13.79 50.13
CA SER B 227 11.04 -14.75 49.04
C SER B 227 9.98 -14.42 48.00
N PHE B 228 10.25 -14.74 46.75
CA PHE B 228 9.31 -14.46 45.66
C PHE B 228 8.02 -15.22 45.85
N GLY B 229 8.11 -16.49 46.26
CA GLY B 229 6.93 -17.28 46.52
C GLY B 229 6.64 -17.40 48.01
N VAL B 230 5.52 -18.07 48.29
CA VAL B 230 5.06 -18.27 49.66
C VAL B 230 4.76 -19.75 49.91
N LYS B 231 4.65 -20.11 51.18
CA LYS B 231 4.49 -21.52 51.54
C LYS B 231 3.19 -22.08 50.98
N THR B 232 3.29 -23.27 50.40
CA THR B 232 2.13 -23.90 49.76
C THR B 232 1.15 -24.41 50.83
N ALA B 233 -0.12 -24.07 50.67
CA ALA B 233 -1.16 -24.53 51.56
C ALA B 233 -1.74 -25.86 51.08
N TYR B 234 -2.58 -26.45 51.92
CA TYR B 234 -3.30 -27.67 51.56
C TYR B 234 -2.34 -28.82 51.23
N GLY C 1 35.74 -17.50 -11.96
CA GLY C 1 36.51 -17.42 -10.67
C GLY C 1 35.64 -17.72 -9.47
N ALA C 2 36.23 -17.65 -8.28
CA ALA C 2 35.48 -17.87 -7.05
C ALA C 2 34.43 -16.79 -6.90
N GLU C 3 33.33 -17.14 -6.21
CA GLU C 3 32.38 -16.12 -5.78
C GLU C 3 33.12 -15.06 -4.96
N LEU C 4 32.70 -13.81 -5.10
CA LEU C 4 33.41 -12.76 -4.37
C LEU C 4 32.96 -12.75 -2.90
N PRO C 5 33.86 -12.39 -1.99
CA PRO C 5 33.47 -12.26 -0.58
C PRO C 5 32.55 -11.07 -0.42
N ALA C 6 31.71 -11.12 0.60
CA ALA C 6 30.65 -10.14 0.75
C ALA C 6 31.14 -8.70 0.68
N PRO C 7 32.25 -8.34 1.34
CA PRO C 7 32.69 -6.92 1.27
C PRO C 7 33.00 -6.45 -0.13
N LEU C 8 33.26 -7.34 -1.07
CA LEU C 8 33.64 -6.93 -2.42
C LEU C 8 32.55 -7.16 -3.45
N ARG C 9 31.40 -7.66 -3.04
CA ARG C 9 30.30 -7.84 -3.98
C ARG C 9 29.71 -6.51 -4.39
N ARG C 10 29.17 -6.46 -5.60
CA ARG C 10 28.68 -5.22 -6.18
C ARG C 10 27.18 -5.22 -6.47
N THR C 11 26.51 -6.36 -6.42
CA THR C 11 25.09 -6.37 -6.74
C THR C 11 24.31 -5.44 -5.82
N GLY C 12 23.56 -4.50 -6.42
CA GLY C 12 22.61 -3.67 -5.69
C GLY C 12 23.16 -2.39 -5.08
N VAL C 13 24.45 -2.11 -5.21
CA VAL C 13 25.02 -0.96 -4.50
C VAL C 13 25.13 0.30 -5.37
N GLY C 14 24.81 0.22 -6.64
CA GLY C 14 24.86 1.40 -7.51
C GLY C 14 23.80 2.43 -7.20
N GLU C 15 23.81 3.49 -8.00
CA GLU C 15 22.93 4.64 -7.80
C GLU C 15 21.81 4.68 -8.84
N TRP C 16 20.61 4.98 -8.37
CA TRP C 16 19.47 5.19 -9.25
C TRP C 16 19.21 6.69 -9.37
N LEU C 17 19.15 7.20 -10.61
CA LEU C 17 18.88 8.61 -10.88
C LEU C 17 17.64 8.75 -11.75
N ALA C 18 16.77 9.69 -11.38
CA ALA C 18 15.50 9.86 -12.06
C ALA C 18 15.67 10.56 -13.41
N THR C 19 14.89 10.10 -14.39
CA THR C 19 14.79 10.80 -15.66
C THR C 19 13.42 10.46 -16.26
N THR C 20 13.25 10.73 -17.56
CA THR C 20 12.02 10.41 -18.26
C THR C 20 12.35 9.77 -19.61
N CYS C 21 11.69 8.68 -19.93
CA CYS C 21 11.78 8.02 -21.22
C CYS C 21 10.86 8.71 -22.23
N GLN C 22 11.28 8.71 -23.50
CA GLN C 22 10.44 9.26 -24.55
C GLN C 22 10.34 8.35 -25.76
N GLY C 23 10.45 7.03 -25.54
CA GLY C 23 10.22 6.07 -26.60
C GLY C 23 8.83 6.14 -27.19
N CYS C 24 7.87 6.69 -26.44
CA CYS C 24 6.58 7.09 -26.96
C CYS C 24 6.05 8.20 -26.06
N THR C 25 4.92 8.78 -26.47
CA THR C 25 4.34 9.88 -25.73
C THR C 25 3.65 9.44 -24.45
N SER C 26 3.85 8.18 -24.05
CA SER C 26 3.60 7.80 -22.66
C SER C 26 4.49 8.60 -21.71
N TRP C 27 5.71 8.91 -22.15
CA TRP C 27 6.67 9.72 -21.41
C TRP C 27 6.77 9.27 -19.95
N CYS C 28 7.14 8.00 -19.77
CA CYS C 28 7.19 7.41 -18.43
C CYS C 28 8.35 7.99 -17.61
N ALA C 29 8.08 8.23 -16.33
CA ALA C 29 9.12 8.55 -15.39
C ALA C 29 9.95 7.30 -15.12
N LYS C 30 11.27 7.47 -15.13
CA LYS C 30 12.20 6.36 -15.01
C LYS C 30 13.22 6.63 -13.91
N GLN C 31 13.94 5.58 -13.53
CA GLN C 31 15.24 5.69 -12.87
C GLN C 31 16.29 4.94 -13.67
N ILE C 32 17.49 5.50 -13.73
CA ILE C 32 18.66 4.90 -14.39
C ILE C 32 19.62 4.39 -13.31
N TYR C 33 20.07 3.15 -13.45
CA TYR C 33 21.07 2.57 -12.55
C TYR C 33 22.46 2.80 -13.11
N VAL C 34 23.33 3.42 -12.31
CA VAL C 34 24.66 3.82 -12.74
C VAL C 34 25.71 3.17 -11.84
N MET C 35 26.71 2.56 -12.47
CA MET C 35 27.84 1.95 -11.79
C MET C 35 29.06 2.15 -12.68
N ASP C 36 30.21 2.48 -12.07
CA ASP C 36 31.44 2.77 -12.82
C ASP C 36 31.20 3.81 -13.90
N GLY C 37 30.32 4.76 -13.60
CA GLY C 37 30.03 5.85 -14.52
C GLY C 37 29.18 5.48 -15.72
N ARG C 38 28.67 4.25 -15.80
CA ARG C 38 27.89 3.81 -16.94
C ARG C 38 26.46 3.49 -16.54
N ALA C 39 25.53 3.84 -17.43
CA ALA C 39 24.13 3.48 -17.28
C ALA C 39 23.95 2.02 -17.63
N LEU C 40 23.38 1.23 -16.70
CA LEU C 40 23.31 -0.22 -16.84
C LEU C 40 21.90 -0.78 -16.88
N LYS C 41 20.94 -0.06 -16.31
CA LYS C 41 19.57 -0.54 -16.26
C LYS C 41 18.62 0.64 -16.30
N VAL C 42 17.37 0.34 -16.68
CA VAL C 42 16.28 1.30 -16.65
C VAL C 42 15.11 0.62 -15.96
N ARG C 43 14.46 1.33 -15.04
CA ARG C 43 13.21 0.85 -14.47
C ARG C 43 12.22 1.99 -14.34
N GLY C 44 10.93 1.65 -14.30
CA GLY C 44 9.93 2.66 -14.00
C GLY C 44 10.15 3.24 -12.60
N ASN C 45 9.95 4.56 -12.49
CA ASN C 45 10.12 5.28 -11.23
C ASN C 45 9.04 4.86 -10.24
N PRO C 46 9.39 4.21 -9.14
CA PRO C 46 8.35 3.70 -8.22
C PRO C 46 7.43 4.78 -7.67
N ASN C 47 7.89 6.03 -7.60
CA ASN C 47 7.08 7.11 -7.08
C ASN C 47 6.00 7.58 -8.06
N SER C 48 6.07 7.13 -9.32
CA SER C 48 5.09 7.55 -10.31
C SER C 48 3.69 7.08 -9.94
N GLY C 49 2.75 8.02 -9.96
CA GLY C 49 1.35 7.73 -9.72
C GLY C 49 0.60 7.20 -10.91
N VAL C 50 1.14 7.41 -12.12
CA VAL C 50 0.50 6.90 -13.32
C VAL C 50 0.80 5.41 -13.50
N HIS C 51 2.09 5.04 -13.47
CA HIS C 51 2.52 3.71 -13.86
C HIS C 51 3.37 2.99 -12.81
N GLY C 52 3.88 3.68 -11.80
CA GLY C 52 4.74 3.04 -10.83
C GLY C 52 5.95 2.43 -11.50
N MET C 53 6.41 1.30 -10.94
CA MET C 53 7.56 0.64 -11.55
C MET C 53 7.21 -0.06 -12.87
N SER C 54 5.94 -0.15 -13.25
CA SER C 54 5.57 -0.83 -14.49
C SER C 54 6.21 -0.16 -15.70
N SER C 55 6.63 -0.97 -16.67
CA SER C 55 7.26 -0.48 -17.90
C SER C 55 6.95 -1.39 -19.08
N CYS C 56 6.93 -0.79 -20.27
CA CYS C 56 6.96 -1.56 -21.51
C CYS C 56 8.40 -2.03 -21.79
N PRO C 57 8.59 -2.88 -22.78
CA PRO C 57 9.92 -3.50 -22.97
C PRO C 57 10.95 -2.55 -23.53
N ARG C 58 10.56 -1.44 -24.14
CA ARG C 58 11.51 -0.58 -24.83
C ARG C 58 12.41 0.19 -23.87
N GLN C 59 12.08 0.23 -22.57
CA GLN C 59 12.94 0.98 -21.66
C GLN C 59 14.37 0.46 -21.77
N HIS C 60 14.55 -0.84 -21.99
CA HIS C 60 15.88 -1.43 -22.00
C HIS C 60 16.66 -1.05 -23.26
N LEU C 61 15.97 -0.86 -24.38
CA LEU C 61 16.64 -0.46 -25.63
C LEU C 61 17.29 0.92 -25.51
N SER C 62 16.81 1.75 -24.56
CA SER C 62 17.42 3.06 -24.31
C SER C 62 18.93 2.96 -24.15
N LEU C 63 19.41 1.89 -23.55
CA LEU C 63 20.82 1.72 -23.27
C LEU C 63 21.64 1.52 -24.54
N GLN C 64 21.05 1.02 -25.62
CA GLN C 64 21.74 0.92 -26.90
C GLN C 64 21.60 2.19 -27.72
N GLN C 65 20.84 3.18 -27.24
CA GLN C 65 20.74 4.47 -27.90
C GLN C 65 21.78 5.44 -27.37
N VAL C 66 21.91 5.59 -26.05
CA VAL C 66 22.93 6.48 -25.53
C VAL C 66 24.32 5.94 -25.87
N TYR C 67 24.48 4.61 -25.82
CA TYR C 67 25.72 3.94 -26.19
C TYR C 67 25.63 3.38 -27.61
N ASP C 68 25.09 4.17 -28.54
CA ASP C 68 25.02 3.85 -29.95
C ASP C 68 26.37 4.20 -30.59
N PRO C 69 27.06 3.25 -31.21
CA PRO C 69 28.41 3.51 -31.72
C PRO C 69 28.43 4.33 -33.01
N ASP C 70 27.27 4.79 -33.47
CA ASP C 70 27.19 5.67 -34.63
C ASP C 70 26.71 7.07 -34.26
N ARG C 71 26.71 7.41 -32.98
CA ARG C 71 26.41 8.79 -32.60
C ARG C 71 27.49 9.75 -33.11
N LEU C 72 27.07 10.95 -33.48
CA LEU C 72 28.01 12.04 -33.76
C LEU C 72 28.70 12.50 -32.48
N ARG C 73 29.99 12.79 -32.58
CA ARG C 73 30.71 13.32 -31.44
C ARG C 73 31.16 14.76 -31.64
N THR C 74 30.82 15.38 -32.76
CA THR C 74 31.34 16.71 -33.09
C THR C 74 30.39 17.39 -34.08
N PRO C 75 30.33 18.73 -34.07
CA PRO C 75 29.69 19.43 -35.20
C PRO C 75 30.39 19.07 -36.49
N MET C 76 29.66 19.20 -37.60
CA MET C 76 30.22 18.94 -38.91
C MET C 76 29.61 19.90 -39.92
N MET C 77 30.31 20.06 -41.05
CA MET C 77 29.78 20.75 -42.21
C MET C 77 29.95 19.85 -43.43
N ARG C 78 28.99 19.88 -44.35
CA ARG C 78 29.16 19.16 -45.60
C ARG C 78 30.18 19.90 -46.49
N THR C 79 30.89 19.14 -47.31
CA THR C 79 31.81 19.72 -48.30
C THR C 79 31.40 19.43 -49.73
N ASN C 80 30.37 18.62 -49.95
CA ASN C 80 29.75 18.51 -51.26
C ASN C 80 28.63 19.54 -51.36
N PRO C 81 28.73 20.54 -52.25
CA PRO C 81 27.67 21.57 -52.31
C PRO C 81 26.35 21.04 -52.86
N LYS C 82 26.36 19.94 -53.59
CA LYS C 82 25.13 19.34 -54.07
C LYS C 82 24.49 18.51 -52.97
N LYS C 83 23.16 18.52 -52.92
CA LYS C 83 22.37 17.74 -51.99
C LYS C 83 21.49 16.79 -52.79
N GLY C 84 21.26 15.62 -52.22
CA GLY C 84 20.38 14.64 -52.82
C GLY C 84 20.64 13.25 -52.28
N ARG C 85 19.65 12.38 -52.49
CA ARG C 85 19.77 10.99 -52.08
C ARG C 85 21.00 10.34 -52.69
N ASP C 86 21.43 10.83 -53.86
CA ASP C 86 22.58 10.28 -54.58
C ASP C 86 23.87 11.06 -54.32
N GLN C 87 23.86 12.02 -53.43
CA GLN C 87 25.00 12.91 -53.19
C GLN C 87 25.56 12.65 -51.80
N ASP C 88 26.80 12.15 -51.75
CA ASP C 88 27.52 11.99 -50.49
C ASP C 88 27.88 13.37 -49.93
N PRO C 89 27.41 13.72 -48.74
CA PRO C 89 27.68 15.09 -48.22
C PRO C 89 29.15 15.34 -47.93
N LYS C 90 29.94 14.29 -47.71
CA LYS C 90 31.35 14.43 -47.37
C LYS C 90 31.52 15.38 -46.18
N PHE C 91 30.85 15.04 -45.10
CA PHE C 91 30.93 15.83 -43.88
C PHE C 91 32.35 15.85 -43.36
N VAL C 92 32.75 17.00 -42.80
CA VAL C 92 34.03 17.10 -42.11
C VAL C 92 33.81 17.75 -40.75
N PRO C 93 34.61 17.42 -39.73
CA PRO C 93 34.37 17.95 -38.39
C PRO C 93 34.78 19.42 -38.28
N ILE C 94 33.99 20.16 -37.50
CA ILE C 94 34.26 21.55 -37.18
C ILE C 94 33.87 21.80 -35.73
N SER C 95 34.20 22.97 -35.23
CA SER C 95 33.91 23.32 -33.84
C SER C 95 32.48 23.83 -33.71
N TRP C 96 31.98 23.84 -32.47
CA TRP C 96 30.69 24.46 -32.20
C TRP C 96 30.70 25.94 -32.60
N ASP C 97 31.78 26.66 -32.29
CA ASP C 97 31.84 28.08 -32.63
C ASP C 97 31.74 28.30 -34.13
N LYS C 98 32.42 27.48 -34.92
CA LYS C 98 32.36 27.63 -36.36
C LYS C 98 30.98 27.26 -36.89
N ALA C 99 30.40 26.17 -36.38
CA ALA C 99 29.09 25.74 -36.85
C ALA C 99 28.02 26.80 -36.59
N LEU C 100 28.02 27.36 -35.38
CA LEU C 100 27.04 28.39 -35.07
C LEU C 100 27.38 29.71 -35.77
N ASP C 101 28.66 29.96 -36.01
CA ASP C 101 29.03 31.12 -36.81
C ASP C 101 28.40 31.04 -38.20
N MET C 102 28.48 29.87 -38.84
CA MET C 102 27.90 29.72 -40.17
C MET C 102 26.39 29.93 -40.16
N LEU C 103 25.71 29.29 -39.19
CA LEU C 103 24.25 29.45 -39.10
C LEU C 103 23.87 30.90 -38.79
N ALA C 104 24.58 31.53 -37.85
CA ALA C 104 24.26 32.90 -37.45
C ALA C 104 24.43 33.86 -38.63
N ASP C 105 25.47 33.67 -39.43
CA ASP C 105 25.66 34.57 -40.58
C ASP C 105 24.46 34.49 -41.51
N LYS C 106 23.94 33.29 -41.74
CA LYS C 106 22.82 33.11 -42.66
C LYS C 106 21.55 33.72 -42.11
N ILE C 107 21.33 33.62 -40.80
CA ILE C 107 20.13 34.20 -40.21
C ILE C 107 20.17 35.70 -40.32
N ILE C 108 21.31 36.30 -39.98
CA ILE C 108 21.43 37.75 -40.02
C ILE C 108 21.28 38.28 -41.44
N ALA C 109 21.74 37.51 -42.44
CA ALA C 109 21.58 37.95 -43.82
C ALA C 109 20.11 38.07 -44.19
N LEU C 110 19.28 37.16 -43.68
CA LEU C 110 17.85 37.24 -43.93
C LEU C 110 17.29 38.55 -43.40
N ARG C 111 17.67 38.93 -42.18
CA ARG C 111 17.12 40.14 -41.57
C ARG C 111 17.56 41.38 -42.34
N VAL C 112 18.83 41.43 -42.74
CA VAL C 112 19.34 42.55 -43.52
C VAL C 112 18.56 42.71 -44.82
N ALA C 113 18.21 41.60 -45.44
CA ALA C 113 17.46 41.60 -46.68
C ALA C 113 15.95 41.66 -46.46
N ASN C 114 15.51 41.87 -45.22
CA ASN C 114 14.08 42.00 -44.90
C ASN C 114 13.30 40.78 -45.33
N GLU C 115 13.87 39.59 -45.10
CA GLU C 115 13.20 38.35 -45.43
C GLU C 115 13.36 37.35 -44.29
N PRO C 116 13.11 37.77 -43.04
CA PRO C 116 13.25 36.82 -41.91
C PRO C 116 12.24 35.67 -41.98
N HIS C 117 11.13 35.84 -42.69
CA HIS C 117 10.13 34.78 -42.81
C HIS C 117 10.62 33.59 -43.62
N LYS C 118 11.73 33.73 -44.33
CA LYS C 118 12.35 32.64 -45.07
C LYS C 118 13.22 31.76 -44.19
N TYR C 119 13.15 31.97 -42.87
CA TYR C 119 13.69 31.07 -41.87
C TYR C 119 12.60 30.11 -41.40
N ALA C 120 12.97 28.86 -41.14
CA ALA C 120 12.03 27.87 -40.63
C ALA C 120 12.67 27.04 -39.53
N LEU C 121 11.90 26.76 -38.48
CA LEU C 121 12.31 25.91 -37.38
C LEU C 121 11.41 24.67 -37.40
N LEU C 122 12.02 23.51 -37.55
CA LEU C 122 11.29 22.25 -37.59
C LEU C 122 11.50 21.48 -36.29
N ARG C 123 10.42 21.03 -35.68
CA ARG C 123 10.42 20.30 -34.41
C ARG C 123 9.80 18.93 -34.63
N GLY C 124 10.53 17.88 -34.25
CA GLY C 124 10.01 16.53 -34.18
C GLY C 124 9.58 16.22 -32.75
N ARG C 125 10.32 15.37 -32.05
CA ARG C 125 10.13 15.21 -30.61
C ARG C 125 10.71 16.42 -29.89
N TYR C 126 10.41 16.50 -28.61
CA TYR C 126 10.60 17.72 -27.85
C TYR C 126 10.30 17.42 -26.38
N SER C 127 10.58 18.40 -25.53
CA SER C 127 10.14 18.39 -24.15
C SER C 127 9.40 19.70 -23.85
N HIS C 128 8.90 19.82 -22.63
CA HIS C 128 8.11 21.01 -22.30
C HIS C 128 8.95 22.25 -22.08
N ILE C 129 10.28 22.20 -22.30
CA ILE C 129 11.06 23.43 -22.32
C ILE C 129 11.23 23.98 -23.75
N ASN C 130 10.46 23.47 -24.71
CA ASN C 130 10.73 23.81 -26.12
C ASN C 130 10.36 25.25 -26.50
N ASP C 131 9.61 25.96 -25.67
CA ASP C 131 9.09 27.27 -26.09
C ASP C 131 10.18 28.20 -26.60
N LEU C 132 11.34 28.22 -25.95
CA LEU C 132 12.42 29.12 -26.38
C LEU C 132 12.87 28.82 -27.81
N LEU C 133 13.32 27.59 -28.06
CA LEU C 133 13.88 27.26 -29.38
C LEU C 133 12.79 27.26 -30.45
N TYR C 134 11.63 26.71 -30.12
CA TYR C 134 10.56 26.50 -31.09
C TYR C 134 9.84 27.79 -31.46
N LYS C 135 9.44 28.58 -30.48
CA LYS C 135 8.58 29.74 -30.72
C LYS C 135 9.31 31.06 -30.58
N LYS C 136 9.95 31.31 -29.42
CA LYS C 136 10.47 32.64 -29.12
C LYS C 136 11.63 33.00 -30.06
N MET C 137 12.61 32.12 -30.19
CA MET C 137 13.72 32.38 -31.11
CA MET C 137 13.72 32.38 -31.11
C MET C 137 13.21 32.60 -32.52
N THR C 138 12.24 31.78 -32.95
CA THR C 138 11.73 31.88 -34.32
C THR C 138 11.06 33.21 -34.58
N ASN C 139 10.20 33.65 -33.64
CA ASN C 139 9.47 34.89 -33.83
C ASN C 139 10.40 36.10 -33.69
N LEU C 140 11.34 36.06 -32.75
CA LEU C 140 12.27 37.18 -32.60
C LEU C 140 13.13 37.35 -33.85
N ILE C 141 13.58 36.25 -34.45
CA ILE C 141 14.22 36.34 -35.76
C ILE C 141 13.29 37.01 -36.75
N GLY C 142 12.00 36.65 -36.71
CA GLY C 142 11.00 37.31 -37.51
C GLY C 142 10.26 36.37 -38.45
N SER C 143 10.07 35.12 -38.00
CA SER C 143 9.46 34.13 -38.85
C SER C 143 8.20 33.54 -38.23
N PRO C 144 7.18 33.24 -39.04
CA PRO C 144 6.01 32.48 -38.55
C PRO C 144 6.16 30.98 -38.66
N ASN C 145 7.28 30.49 -39.14
CA ASN C 145 7.40 29.09 -39.57
C ASN C 145 8.08 28.23 -38.50
N ASN C 146 7.48 28.22 -37.31
CA ASN C 146 7.76 27.17 -36.34
C ASN C 146 6.83 26.00 -36.63
N ILE C 147 7.39 24.93 -37.21
CA ILE C 147 6.63 23.80 -37.75
C ILE C 147 6.88 22.57 -36.89
N SER C 148 5.87 22.15 -36.13
CA SER C 148 5.93 20.93 -35.35
C SER C 148 5.62 19.73 -36.23
N HIS C 149 5.64 18.52 -35.63
CA HIS C 149 5.26 17.31 -36.36
C HIS C 149 3.83 16.86 -36.04
N SER C 150 3.01 17.71 -35.41
CA SER C 150 1.77 17.20 -34.85
C SER C 150 0.88 16.57 -35.92
N SER C 151 0.87 17.12 -37.13
CA SER C 151 -0.08 16.63 -38.12
C SER C 151 0.33 15.31 -38.76
N VAL C 152 1.59 14.88 -38.62
CA VAL C 152 1.92 13.51 -38.97
C VAL C 152 1.83 12.57 -37.76
N CYS C 153 1.31 13.07 -36.64
CA CYS C 153 1.16 12.27 -35.43
C CYS C 153 -0.30 11.87 -35.24
N ALA C 154 -1.13 12.75 -34.71
CA ALA C 154 -2.49 12.31 -34.38
C ALA C 154 -3.52 13.44 -34.28
N GLU C 155 -3.35 14.51 -35.05
CA GLU C 155 -4.26 15.63 -34.87
C GLU C 155 -5.70 15.26 -35.23
N ALA C 156 -5.88 14.32 -36.19
CA ALA C 156 -7.24 13.90 -36.52
C ALA C 156 -7.93 13.23 -35.33
N HIS C 157 -7.16 12.62 -34.42
CA HIS C 157 -7.66 11.96 -33.22
C HIS C 157 -8.18 12.95 -32.19
N LYS C 158 -7.81 14.22 -32.32
CA LYS C 158 -8.29 15.27 -31.43
C LYS C 158 -9.58 15.93 -31.93
N MET C 159 -9.99 15.67 -33.17
CA MET C 159 -11.15 16.37 -33.73
C MET C 159 -12.43 15.99 -32.98
N GLY C 160 -12.64 14.70 -32.73
CA GLY C 160 -13.81 14.27 -32.01
C GLY C 160 -13.89 14.89 -30.61
N PRO C 161 -12.85 14.65 -29.81
CA PRO C 161 -12.85 15.24 -28.46
C PRO C 161 -13.02 16.74 -28.44
N TYR C 162 -12.46 17.48 -29.42
CA TYR C 162 -12.61 18.92 -29.37
C TYR C 162 -14.00 19.37 -29.79
N TYR C 163 -14.47 18.89 -30.95
CA TYR C 163 -15.74 19.35 -31.49
C TYR C 163 -16.94 18.72 -30.82
N LEU C 164 -16.75 17.69 -29.99
CA LEU C 164 -17.84 17.15 -29.17
C LEU C 164 -17.79 17.60 -27.71
N ASP C 165 -16.60 17.66 -27.08
CA ASP C 165 -16.57 18.06 -25.68
C ASP C 165 -15.45 19.05 -25.35
N GLY C 166 -14.87 19.71 -26.34
CA GLY C 166 -14.01 20.84 -26.07
C GLY C 166 -12.59 20.54 -25.68
N ASN C 167 -12.12 19.31 -25.88
CA ASN C 167 -10.79 18.88 -25.50
C ASN C 167 -9.94 18.74 -26.76
N TRP C 168 -9.11 19.74 -27.05
CA TRP C 168 -8.13 19.59 -28.12
C TRP C 168 -6.92 18.88 -27.51
N GLY C 169 -7.02 17.56 -27.40
CA GLY C 169 -6.03 16.80 -26.69
C GLY C 169 -6.45 15.36 -26.53
N TYR C 170 -5.64 14.62 -25.78
CA TYR C 170 -5.87 13.20 -25.57
C TYR C 170 -6.70 12.93 -24.31
N ASN C 171 -7.07 11.66 -24.15
CA ASN C 171 -7.77 11.18 -22.95
C ASN C 171 -6.94 10.09 -22.29
N GLN C 172 -7.24 9.91 -20.99
CA GLN C 172 -6.83 8.73 -20.24
C GLN C 172 -8.04 7.81 -20.10
N TYR C 173 -7.79 6.51 -20.03
CA TYR C 173 -8.84 5.50 -20.08
C TYR C 173 -8.85 4.72 -18.77
N ASP C 174 -10.00 4.69 -18.10
CA ASP C 174 -10.12 4.14 -16.73
C ASP C 174 -10.36 2.63 -16.76
N VAL C 175 -9.35 1.90 -17.25
CA VAL C 175 -9.45 0.46 -17.48
C VAL C 175 -9.75 -0.30 -16.20
N LYS C 176 -9.24 0.17 -15.06
CA LYS C 176 -9.40 -0.57 -13.80
C LYS C 176 -10.87 -0.70 -13.42
N ASN C 177 -11.70 0.24 -13.85
CA ASN C 177 -13.10 0.27 -13.49
C ASN C 177 -14.02 0.07 -14.69
N ALA C 178 -13.46 -0.21 -15.86
CA ALA C 178 -14.27 -0.38 -17.06
C ALA C 178 -15.06 -1.67 -17.01
N LYS C 179 -16.28 -1.64 -17.56
CA LYS C 179 -17.04 -2.84 -17.82
C LYS C 179 -17.14 -3.19 -19.29
N PHE C 180 -16.88 -2.23 -20.19
CA PHE C 180 -16.81 -2.52 -21.62
C PHE C 180 -15.75 -1.64 -22.26
N ILE C 181 -14.87 -2.26 -23.05
CA ILE C 181 -13.80 -1.55 -23.75
C ILE C 181 -13.99 -1.85 -25.23
N LEU C 182 -14.15 -0.80 -26.03
CA LEU C 182 -14.29 -0.94 -27.49
C LEU C 182 -13.15 -0.15 -28.11
N SER C 183 -12.26 -0.85 -28.81
CA SER C 183 -11.08 -0.24 -29.38
C SER C 183 -11.16 -0.25 -30.91
N PHE C 184 -11.22 0.94 -31.51
CA PHE C 184 -11.12 1.10 -32.96
C PHE C 184 -9.66 1.34 -33.33
N GLY C 185 -8.93 0.23 -33.47
CA GLY C 185 -7.56 0.25 -33.92
C GLY C 185 -6.51 0.44 -32.86
N ALA C 186 -6.89 0.72 -31.62
CA ALA C 186 -5.90 0.92 -30.58
C ALA C 186 -5.42 -0.42 -30.03
N ASP C 187 -4.13 -0.45 -29.63
CA ASP C 187 -3.42 -1.67 -29.24
C ASP C 187 -2.62 -1.29 -27.99
N PRO C 188 -3.32 -1.02 -26.88
CA PRO C 188 -2.69 -0.29 -25.76
C PRO C 188 -1.65 -1.05 -24.97
N ILE C 189 -1.49 -2.36 -25.18
CA ILE C 189 -0.43 -3.11 -24.52
C ILE C 189 0.80 -3.19 -25.42
N ALA C 190 0.80 -2.41 -26.51
CA ALA C 190 1.93 -2.37 -27.44
C ALA C 190 2.24 -0.94 -27.88
N SER C 191 1.24 -0.15 -28.26
CA SER C 191 1.45 1.26 -28.57
C SER C 191 0.38 2.07 -27.85
N ASN C 192 0.11 3.28 -28.37
CA ASN C 192 -0.69 4.31 -27.70
C ASN C 192 0.10 4.91 -26.51
N ARG C 193 -0.59 5.59 -25.57
CA ARG C 193 0.08 6.63 -24.77
C ARG C 193 0.15 6.35 -23.27
N GLN C 194 -0.01 5.10 -22.84
CA GLN C 194 0.57 4.69 -21.58
C GLN C 194 0.80 3.18 -21.62
N VAL C 195 1.77 2.75 -22.45
CA VAL C 195 1.94 1.32 -22.65
C VAL C 195 2.26 0.64 -21.32
N SER C 196 3.03 1.31 -20.47
CA SER C 196 3.41 0.73 -19.17
C SER C 196 2.18 0.48 -18.30
N PHE C 197 1.32 1.50 -18.17
CA PHE C 197 0.16 1.36 -17.29
C PHE C 197 -0.91 0.43 -17.88
N TYR C 198 -1.19 0.56 -19.19
CA TYR C 198 -2.23 -0.29 -19.76
C TYR C 198 -1.76 -1.74 -19.86
N SER C 199 -0.44 -1.96 -20.02
CA SER C 199 0.09 -3.33 -19.90
C SER C 199 -0.03 -3.85 -18.47
N GLN C 200 0.16 -2.99 -17.49
CA GLN C 200 0.00 -3.38 -16.08
C GLN C 200 -1.41 -3.91 -15.80
N THR C 201 -2.41 -3.31 -16.41
CA THR C 201 -3.80 -3.53 -16.03
C THR C 201 -4.60 -4.37 -17.00
N TRP C 202 -4.12 -4.58 -18.23
CA TRP C 202 -5.00 -5.15 -19.26
C TRP C 202 -5.52 -6.54 -18.87
N GLY C 203 -4.62 -7.45 -18.52
CA GLY C 203 -5.04 -8.81 -18.22
C GLY C 203 -6.01 -8.87 -17.05
N ASP C 204 -5.71 -8.15 -15.98
CA ASP C 204 -6.62 -8.12 -14.84
C ASP C 204 -8.00 -7.60 -15.22
N SER C 205 -8.06 -6.61 -16.12
CA SER C 205 -9.33 -6.01 -16.48
C SER C 205 -10.26 -6.99 -17.19
N LEU C 206 -9.73 -8.04 -17.82
CA LEU C 206 -10.57 -8.99 -18.55
C LEU C 206 -11.52 -9.74 -17.62
N ASP C 207 -11.27 -9.73 -16.32
CA ASP C 207 -12.18 -10.37 -15.38
C ASP C 207 -13.40 -9.52 -15.04
N HIS C 208 -13.41 -8.24 -15.40
CA HIS C 208 -14.57 -7.40 -15.14
C HIS C 208 -14.97 -6.54 -16.33
N ALA C 209 -14.27 -6.64 -17.45
CA ALA C 209 -14.63 -5.87 -18.63
C ALA C 209 -14.70 -6.80 -19.83
N LYS C 210 -15.67 -6.53 -20.69
CA LYS C 210 -15.77 -7.18 -22.00
C LYS C 210 -15.05 -6.31 -23.00
N VAL C 211 -14.15 -6.90 -23.78
CA VAL C 211 -13.20 -6.15 -24.59
C VAL C 211 -13.34 -6.57 -26.05
N VAL C 212 -13.55 -5.60 -26.92
CA VAL C 212 -13.69 -5.80 -28.35
C VAL C 212 -12.65 -4.94 -29.04
N VAL C 213 -11.84 -5.55 -29.89
CA VAL C 213 -10.77 -4.85 -30.60
C VAL C 213 -11.04 -4.93 -32.10
N VAL C 214 -11.14 -3.75 -32.73
CA VAL C 214 -11.48 -3.59 -34.13
C VAL C 214 -10.20 -3.19 -34.85
N ASP C 215 -9.63 -4.10 -35.65
CA ASP C 215 -8.33 -3.85 -36.28
C ASP C 215 -8.17 -4.81 -37.44
N PRO C 216 -7.68 -4.35 -38.60
CA PRO C 216 -7.51 -5.29 -39.73
C PRO C 216 -6.54 -6.41 -39.47
N ARG C 217 -5.67 -6.28 -38.47
CA ARG C 217 -4.77 -7.35 -38.05
C ARG C 217 -5.09 -7.78 -36.62
N LEU C 218 -4.67 -9.01 -36.28
CA LEU C 218 -4.78 -9.54 -34.92
C LEU C 218 -3.62 -8.96 -34.12
N SER C 219 -3.88 -7.83 -33.46
CA SER C 219 -2.88 -7.19 -32.61
C SER C 219 -2.72 -7.95 -31.30
N ALA C 220 -1.65 -7.62 -30.57
CA ALA C 220 -1.47 -8.19 -29.23
C ALA C 220 -2.72 -7.97 -28.39
N SER C 221 -3.31 -6.77 -28.47
CA SER C 221 -4.50 -6.49 -27.66
C SER C 221 -5.67 -7.34 -28.12
N ALA C 222 -5.86 -7.49 -29.43
CA ALA C 222 -6.95 -8.30 -29.94
C ALA C 222 -6.79 -9.76 -29.53
N ALA C 223 -5.55 -10.23 -29.50
CA ALA C 223 -5.29 -11.60 -29.07
C ALA C 223 -5.65 -11.81 -27.59
N LYS C 224 -5.66 -10.74 -26.81
CA LYS C 224 -6.09 -10.78 -25.41
C LYS C 224 -7.42 -10.05 -25.24
N ALA C 225 -8.33 -10.24 -26.19
CA ALA C 225 -9.64 -9.65 -26.15
C ALA C 225 -10.71 -10.72 -26.32
N HIS C 226 -11.94 -10.36 -25.93
CA HIS C 226 -13.06 -11.27 -26.10
C HIS C 226 -13.58 -11.32 -27.52
N LYS C 227 -13.24 -10.33 -28.36
CA LYS C 227 -13.65 -10.38 -29.76
C LYS C 227 -12.68 -9.57 -30.59
N TRP C 228 -12.18 -10.17 -31.67
CA TRP C 228 -11.41 -9.47 -32.69
C TRP C 228 -12.30 -9.26 -33.90
N ILE C 229 -12.54 -8.00 -34.26
CA ILE C 229 -13.31 -7.65 -35.45
C ILE C 229 -12.30 -7.20 -36.51
N PRO C 230 -12.04 -8.01 -37.55
CA PRO C 230 -11.01 -7.67 -38.57
C PRO C 230 -11.57 -6.74 -39.65
N ILE C 231 -11.75 -5.48 -39.26
CA ILE C 231 -12.42 -4.51 -40.12
C ILE C 231 -11.62 -4.27 -41.39
N GLU C 232 -12.34 -4.06 -42.50
CA GLU C 232 -11.69 -3.57 -43.70
C GLU C 232 -11.15 -2.17 -43.42
N PRO C 233 -9.90 -1.86 -43.79
CA PRO C 233 -9.36 -0.51 -43.52
C PRO C 233 -10.32 0.59 -43.98
N GLY C 234 -10.57 1.54 -43.10
CA GLY C 234 -11.37 2.70 -43.42
C GLY C 234 -12.86 2.57 -43.20
N GLN C 235 -13.35 1.45 -42.65
CA GLN C 235 -14.79 1.27 -42.47
C GLN C 235 -15.22 1.34 -41.01
N ASP C 236 -14.34 1.78 -40.12
CA ASP C 236 -14.64 1.77 -38.69
C ASP C 236 -15.93 2.51 -38.36
N SER C 237 -16.14 3.67 -38.97
CA SER C 237 -17.28 4.49 -38.57
C SER C 237 -18.60 3.77 -38.82
N VAL C 238 -18.63 2.87 -39.81
CA VAL C 238 -19.85 2.10 -40.07
C VAL C 238 -20.29 1.36 -38.81
N LEU C 239 -19.36 0.70 -38.14
CA LEU C 239 -19.68 -0.04 -36.93
C LEU C 239 -20.05 0.92 -35.80
N ALA C 240 -19.31 2.01 -35.65
CA ALA C 240 -19.60 2.96 -34.57
C ALA C 240 -21.00 3.55 -34.71
N LEU C 241 -21.38 3.90 -35.94
CA LEU C 241 -22.69 4.50 -36.18
C LEU C 241 -23.83 3.51 -35.95
N ALA C 242 -23.67 2.27 -36.43
CA ALA C 242 -24.68 1.25 -36.24
C ALA C 242 -24.88 0.95 -34.76
N ILE C 243 -23.80 0.93 -33.98
CA ILE C 243 -23.93 0.72 -32.53
C ILE C 243 -24.80 1.80 -31.92
N ALA C 244 -24.55 3.07 -32.27
CA ALA C 244 -25.35 4.16 -31.73
C ALA C 244 -26.81 4.02 -32.16
N HIS C 245 -27.04 3.66 -33.42
CA HIS C 245 -28.40 3.43 -33.90
C HIS C 245 -29.12 2.42 -33.02
N VAL C 246 -28.47 1.28 -32.77
CA VAL C 246 -29.11 0.23 -31.97
C VAL C 246 -29.34 0.72 -30.54
N ALA C 247 -28.41 1.49 -30.01
CA ALA C 247 -28.57 2.02 -28.66
C ALA C 247 -29.86 2.82 -28.54
N LEU C 248 -30.16 3.68 -29.52
CA LEU C 248 -31.37 4.48 -29.46
C LEU C 248 -32.62 3.63 -29.64
N VAL C 249 -32.60 2.71 -30.61
CA VAL C 249 -33.75 1.83 -30.84
C VAL C 249 -34.04 1.02 -29.59
N GLU C 250 -33.00 0.56 -28.90
CA GLU C 250 -33.18 -0.26 -27.71
C GLU C 250 -33.40 0.56 -26.44
N GLY C 251 -33.21 1.88 -26.51
CA GLY C 251 -33.42 2.72 -25.35
C GLY C 251 -32.35 2.61 -24.28
N VAL C 252 -31.08 2.42 -24.66
CA VAL C 252 -30.04 2.12 -23.69
C VAL C 252 -28.89 3.14 -23.74
N TRP C 253 -29.14 4.34 -24.22
CA TRP C 253 -28.21 5.44 -23.94
C TRP C 253 -28.19 5.70 -22.44
N HIS C 254 -27.21 6.49 -21.98
CA HIS C 254 -27.04 6.71 -20.55
C HIS C 254 -27.87 7.93 -20.14
N LYS C 255 -29.07 7.68 -19.63
CA LYS C 255 -30.01 8.76 -19.37
C LYS C 255 -29.48 9.80 -18.41
N PRO C 256 -28.73 9.46 -17.36
CA PRO C 256 -28.21 10.53 -16.47
C PRO C 256 -27.33 11.53 -17.19
N PHE C 257 -26.67 11.14 -18.28
CA PHE C 257 -25.86 12.09 -19.02
C PHE C 257 -26.64 12.70 -20.18
N VAL C 258 -27.35 11.88 -20.95
CA VAL C 258 -27.92 12.31 -22.21
C VAL C 258 -29.28 12.98 -22.02
N GLY C 259 -30.11 12.45 -21.13
CA GLY C 259 -31.48 12.87 -21.00
C GLY C 259 -32.44 11.77 -21.41
N ASP C 260 -33.68 12.17 -21.70
CA ASP C 260 -34.73 11.20 -22.02
C ASP C 260 -35.92 11.90 -22.66
N PHE C 261 -36.79 11.10 -23.25
CA PHE C 261 -38.03 11.62 -23.81
C PHE C 261 -38.91 12.17 -22.68
N ILE C 262 -39.56 13.31 -22.94
CA ILE C 262 -40.36 13.98 -21.92
C ILE C 262 -41.45 13.06 -21.39
N GLU C 263 -42.11 12.33 -22.26
CA GLU C 263 -43.19 11.44 -21.84
C GLU C 263 -42.71 10.01 -21.59
N GLY C 264 -41.41 9.77 -21.54
CA GLY C 264 -40.90 8.49 -21.11
C GLY C 264 -40.80 7.42 -22.18
N LYS C 265 -41.77 7.37 -23.08
CA LYS C 265 -41.77 6.34 -24.11
C LYS C 265 -40.65 6.59 -25.11
N ASN C 266 -39.94 5.51 -25.46
CA ASN C 266 -38.86 5.60 -26.45
C ASN C 266 -39.47 5.69 -27.84
N LEU C 267 -39.29 6.84 -28.50
CA LEU C 267 -39.89 7.10 -29.80
C LEU C 267 -38.93 6.87 -30.95
N PHE C 268 -37.70 6.45 -30.69
CA PHE C 268 -36.74 6.19 -31.77
C PHE C 268 -37.11 4.87 -32.46
N LYS C 269 -37.69 4.97 -33.65
CA LYS C 269 -38.00 3.82 -34.48
C LYS C 269 -37.19 3.90 -35.76
N ALA C 270 -36.56 2.79 -36.14
CA ALA C 270 -35.66 2.77 -37.28
C ALA C 270 -36.30 3.42 -38.49
N GLY C 271 -35.55 4.30 -39.15
CA GLY C 271 -35.97 4.92 -40.38
C GLY C 271 -36.92 6.09 -40.23
N LYS C 272 -37.43 6.35 -39.03
CA LYS C 272 -38.49 7.34 -38.81
C LYS C 272 -37.96 8.50 -37.99
N THR C 273 -38.30 9.71 -38.40
CA THR C 273 -37.86 10.90 -37.69
C THR C 273 -38.61 11.06 -36.38
N VAL C 274 -38.07 11.92 -35.52
CA VAL C 274 -38.59 12.14 -34.18
C VAL C 274 -38.70 13.64 -33.94
N SER C 275 -39.72 14.03 -33.18
CA SER C 275 -39.90 15.44 -32.85
C SER C 275 -38.81 15.91 -31.89
N VAL C 276 -38.11 16.99 -32.26
CA VAL C 276 -37.06 17.52 -31.40
C VAL C 276 -37.63 17.91 -30.05
N GLU C 277 -38.85 18.44 -30.02
CA GLU C 277 -39.45 18.91 -28.78
C GLU C 277 -39.92 17.76 -27.88
N SER C 278 -39.89 16.52 -28.37
CA SER C 278 -40.30 15.40 -27.53
C SER C 278 -39.20 14.90 -26.62
N PHE C 279 -37.98 15.42 -26.74
CA PHE C 279 -36.83 14.92 -25.99
C PHE C 279 -36.17 16.08 -25.24
N LYS C 280 -35.79 15.82 -23.99
CA LYS C 280 -35.14 16.82 -23.13
C LYS C 280 -33.71 16.33 -22.87
N GLU C 281 -32.73 16.93 -23.54
CA GLU C 281 -31.34 16.57 -23.31
C GLU C 281 -30.84 17.20 -22.01
N THR C 282 -29.93 16.49 -21.34
CA THR C 282 -29.39 16.96 -20.07
C THR C 282 -28.04 17.66 -20.27
N HIS C 283 -27.01 16.87 -20.56
CA HIS C 283 -25.67 17.41 -20.74
C HIS C 283 -25.18 17.32 -22.19
N THR C 284 -26.01 16.84 -23.10
CA THR C 284 -25.67 16.73 -24.50
C THR C 284 -26.51 17.70 -25.33
N TYR C 285 -26.11 17.86 -26.60
CA TYR C 285 -26.91 18.65 -27.53
C TYR C 285 -26.99 17.99 -28.89
N GLY C 286 -28.19 17.89 -29.43
CA GLY C 286 -28.36 17.52 -30.83
C GLY C 286 -28.70 16.09 -31.11
N LEU C 287 -29.11 15.32 -30.10
CA LEU C 287 -29.36 13.90 -30.31
C LEU C 287 -30.41 13.68 -31.39
N VAL C 288 -31.54 14.38 -31.29
CA VAL C 288 -32.64 14.12 -32.22
C VAL C 288 -32.28 14.61 -33.62
N GLU C 289 -31.65 15.78 -33.71
CA GLU C 289 -31.18 16.28 -35.00
CA GLU C 289 -31.20 16.26 -35.01
C GLU C 289 -30.26 15.25 -35.65
N TRP C 290 -29.32 14.69 -34.89
CA TRP C 290 -28.44 13.64 -35.41
C TRP C 290 -29.24 12.44 -35.92
N TRP C 291 -30.18 11.97 -35.12
CA TRP C 291 -31.07 10.88 -35.53
C TRP C 291 -31.83 11.23 -36.82
N ASN C 292 -32.51 12.39 -36.83
CA ASN C 292 -33.38 12.70 -37.96
C ASN C 292 -32.59 12.81 -39.26
N GLN C 293 -31.37 13.33 -39.20
CA GLN C 293 -30.60 13.65 -40.38
C GLN C 293 -29.72 12.50 -40.87
N ALA C 294 -29.51 11.47 -40.06
CA ALA C 294 -28.63 10.39 -40.50
C ALA C 294 -28.75 9.11 -39.69
N LEU C 295 -28.69 9.22 -38.36
CA LEU C 295 -28.52 8.01 -37.54
C LEU C 295 -29.73 7.08 -37.63
N LYS C 296 -30.92 7.62 -37.92
CA LYS C 296 -32.12 6.79 -38.01
C LYS C 296 -32.01 5.70 -39.08
N ASP C 297 -31.14 5.88 -40.08
CA ASP C 297 -30.98 4.93 -41.16
C ASP C 297 -29.69 4.12 -41.09
N TYR C 298 -28.86 4.33 -40.08
CA TYR C 298 -27.61 3.58 -39.93
C TYR C 298 -27.87 2.27 -39.18
N THR C 299 -28.64 1.40 -39.82
CA THR C 299 -29.09 0.15 -39.21
C THR C 299 -28.00 -0.92 -39.18
N PRO C 300 -28.21 -1.97 -38.38
CA PRO C 300 -27.26 -3.09 -38.41
C PRO C 300 -27.17 -3.75 -39.76
N GLU C 301 -28.28 -3.81 -40.50
CA GLU C 301 -28.26 -4.40 -41.84
C GLU C 301 -27.47 -3.53 -42.81
N TRP C 302 -27.66 -2.21 -42.76
CA TRP C 302 -26.84 -1.30 -43.55
C TRP C 302 -25.35 -1.52 -43.26
N ALA C 303 -25.00 -1.64 -41.97
CA ALA C 303 -23.61 -1.81 -41.58
C ALA C 303 -23.07 -3.17 -42.00
N SER C 304 -23.89 -4.22 -41.86
CA SER C 304 -23.45 -5.56 -42.24
C SER C 304 -23.15 -5.64 -43.72
N LYS C 305 -23.94 -4.96 -44.55
CA LYS C 305 -23.72 -5.00 -45.99
C LYS C 305 -22.36 -4.40 -46.36
N ILE C 306 -21.96 -3.33 -45.67
CA ILE C 306 -20.69 -2.69 -46.01
C ILE C 306 -19.51 -3.45 -45.44
N THR C 307 -19.63 -3.91 -44.18
CA THR C 307 -18.48 -4.43 -43.44
C THR C 307 -18.40 -5.95 -43.41
N GLY C 308 -19.51 -6.65 -43.64
CA GLY C 308 -19.57 -8.07 -43.45
C GLY C 308 -19.75 -8.52 -42.02
N ILE C 309 -19.83 -7.59 -41.07
CA ILE C 309 -20.03 -7.95 -39.68
C ILE C 309 -21.44 -8.49 -39.48
N ASP C 310 -21.57 -9.56 -38.73
CA ASP C 310 -22.88 -10.10 -38.40
C ASP C 310 -23.74 -9.03 -37.71
N PRO C 311 -24.94 -8.73 -38.22
CA PRO C 311 -25.76 -7.73 -37.51
C PRO C 311 -26.11 -8.11 -36.09
N LYS C 312 -26.20 -9.41 -35.78
CA LYS C 312 -26.42 -9.81 -34.40
C LYS C 312 -25.25 -9.42 -33.50
N THR C 313 -24.03 -9.43 -34.04
CA THR C 313 -22.88 -8.99 -33.26
C THR C 313 -22.96 -7.50 -32.98
N ILE C 314 -23.36 -6.71 -33.99
CA ILE C 314 -23.56 -5.28 -33.78
C ILE C 314 -24.58 -5.06 -32.67
N ILE C 315 -25.70 -5.78 -32.75
CA ILE C 315 -26.78 -5.59 -31.78
C ILE C 315 -26.31 -5.99 -30.38
N ALA C 316 -25.62 -7.12 -30.27
CA ALA C 316 -25.19 -7.60 -28.96
C ALA C 316 -24.18 -6.63 -28.34
N ILE C 317 -23.25 -6.10 -29.15
CA ILE C 317 -22.28 -5.13 -28.63
C ILE C 317 -22.99 -3.91 -28.07
N ALA C 318 -23.95 -3.38 -28.83
CA ALA C 318 -24.67 -2.18 -28.41
C ALA C 318 -25.38 -2.42 -27.08
N LYS C 319 -26.02 -3.57 -26.95
CA LYS C 319 -26.74 -3.88 -25.72
C LYS C 319 -25.77 -4.05 -24.54
N ASP C 320 -24.66 -4.75 -24.77
CA ASP C 320 -23.67 -4.91 -23.71
C ASP C 320 -23.14 -3.56 -23.25
N MET C 321 -22.89 -2.63 -24.20
CA MET C 321 -22.45 -1.29 -23.83
C MET C 321 -23.54 -0.56 -23.06
N GLY C 322 -24.79 -0.74 -23.47
CA GLY C 322 -25.90 -0.15 -22.73
C GLY C 322 -25.92 -0.58 -21.28
N ALA C 323 -25.76 -1.90 -21.05
CA ALA C 323 -25.82 -2.44 -19.69
C ALA C 323 -24.59 -2.08 -18.88
N ALA C 324 -23.44 -1.86 -19.54
CA ALA C 324 -22.23 -1.47 -18.84
C ALA C 324 -22.19 0.00 -18.51
N ALA C 325 -22.99 0.83 -19.21
CA ALA C 325 -22.93 2.27 -19.05
C ALA C 325 -23.05 2.65 -17.58
N PRO C 326 -22.34 3.68 -17.10
CA PRO C 326 -21.42 4.56 -17.86
C PRO C 326 -19.98 4.08 -17.89
N ALA C 327 -19.75 2.84 -17.47
CA ALA C 327 -18.40 2.29 -17.41
C ALA C 327 -18.00 1.74 -18.77
N VAL C 328 -18.03 2.63 -19.76
CA VAL C 328 -17.84 2.30 -21.17
C VAL C 328 -16.81 3.26 -21.75
N GLN C 329 -15.85 2.72 -22.47
CA GLN C 329 -14.79 3.53 -23.06
C GLN C 329 -14.51 3.07 -24.48
N VAL C 330 -14.45 4.03 -25.40
CA VAL C 330 -14.18 3.78 -26.80
C VAL C 330 -12.85 4.45 -27.17
N TRP C 331 -11.90 3.65 -27.63
CA TRP C 331 -10.60 4.13 -28.06
C TRP C 331 -10.59 4.34 -29.57
N THR C 332 -9.92 5.40 -30.03
CA THR C 332 -9.55 5.50 -31.44
C THR C 332 -8.04 5.56 -31.59
N SER C 333 -7.51 4.83 -32.57
CA SER C 333 -6.10 4.92 -32.93
C SER C 333 -5.90 5.77 -34.18
N ARG C 334 -4.63 6.11 -34.43
CA ARG C 334 -4.20 6.66 -35.72
C ARG C 334 -4.78 5.86 -36.87
N GLY C 335 -4.78 4.53 -36.77
CA GLY C 335 -5.21 3.71 -37.90
C GLY C 335 -6.63 4.01 -38.34
N ALA C 336 -7.52 4.25 -37.38
CA ALA C 336 -8.90 4.51 -37.72
C ALA C 336 -9.12 5.92 -38.26
N VAL C 337 -8.34 6.91 -37.81
CA VAL C 337 -8.69 8.29 -38.05
C VAL C 337 -7.70 9.07 -38.92
N MET C 338 -6.46 8.60 -39.09
CA MET C 338 -5.49 9.32 -39.92
C MET C 338 -5.67 8.88 -41.38
N GLN C 339 -6.81 9.33 -41.93
CA GLN C 339 -7.27 9.06 -43.27
C GLN C 339 -7.86 10.34 -43.82
N ALA C 340 -7.94 10.42 -45.15
CA ALA C 340 -8.26 11.69 -45.81
C ALA C 340 -9.63 12.23 -45.41
N ARG C 341 -10.56 11.36 -45.00
CA ARG C 341 -11.84 11.79 -44.49
C ARG C 341 -12.02 11.43 -43.02
N GLY C 342 -10.91 11.28 -42.28
CA GLY C 342 -10.93 10.66 -40.96
C GLY C 342 -11.48 11.52 -39.84
N THR C 343 -11.58 12.84 -40.04
CA THR C 343 -12.20 13.67 -39.00
C THR C 343 -13.51 13.06 -38.55
N TYR C 344 -14.30 12.53 -39.49
CA TYR C 344 -15.63 12.03 -39.13
C TYR C 344 -15.61 10.62 -38.58
N THR C 345 -14.47 9.93 -38.66
CA THR C 345 -14.32 8.70 -37.91
C THR C 345 -14.02 9.00 -36.44
N SER C 346 -13.16 9.99 -36.17
CA SER C 346 -12.95 10.43 -34.80
C SER C 346 -14.26 10.85 -34.15
N ILE C 347 -15.06 11.65 -34.87
CA ILE C 347 -16.33 12.14 -34.36
C ILE C 347 -17.30 10.99 -34.12
N SER C 348 -17.40 10.08 -35.09
CA SER C 348 -18.38 8.99 -34.99
C SER C 348 -18.04 8.05 -33.85
N CYS C 349 -16.77 7.68 -33.71
CA CYS C 349 -16.39 6.78 -32.64
C CYS C 349 -16.48 7.47 -31.29
N HIS C 350 -16.01 8.72 -31.19
CA HIS C 350 -16.00 9.40 -29.90
C HIS C 350 -17.40 9.76 -29.44
N ALA C 351 -18.34 9.95 -30.39
CA ALA C 351 -19.73 10.18 -29.99
C ALA C 351 -20.25 9.09 -29.06
N LEU C 352 -19.78 7.84 -29.22
CA LEU C 352 -20.22 6.76 -28.35
C LEU C 352 -19.80 6.97 -26.90
N ASN C 353 -18.68 7.68 -26.67
CA ASN C 353 -18.28 7.99 -25.30
C ASN C 353 -19.26 8.93 -24.61
N GLY C 354 -19.98 9.76 -25.38
CA GLY C 354 -21.03 10.57 -24.80
C GLY C 354 -22.35 9.83 -24.70
N LEU C 355 -22.69 9.06 -25.74
CA LEU C 355 -23.97 8.37 -25.78
C LEU C 355 -24.13 7.40 -24.61
N PHE C 356 -23.05 6.70 -24.25
CA PHE C 356 -23.08 5.77 -23.13
C PHE C 356 -22.58 6.39 -21.83
N GLY C 357 -22.33 7.70 -21.81
CA GLY C 357 -22.02 8.38 -20.55
C GLY C 357 -20.63 8.16 -20.01
N GLY C 358 -19.72 7.61 -20.80
CA GLY C 358 -18.40 7.29 -20.30
C GLY C 358 -17.51 8.49 -20.13
N ILE C 359 -17.80 9.58 -20.85
CA ILE C 359 -16.95 10.76 -20.78
C ILE C 359 -17.00 11.31 -19.36
N ASP C 360 -15.83 11.46 -18.73
CA ASP C 360 -15.69 11.93 -17.36
C ASP C 360 -16.37 11.01 -16.33
N SER C 361 -16.57 9.74 -16.64
CA SER C 361 -17.21 8.82 -15.70
C SER C 361 -16.29 7.67 -15.27
N LYS C 362 -16.67 7.04 -14.16
CA LYS C 362 -15.94 5.86 -13.67
C LYS C 362 -15.98 4.73 -14.67
N GLY C 363 -14.81 4.21 -15.04
CA GLY C 363 -14.70 3.20 -16.06
C GLY C 363 -14.67 3.74 -17.48
N GLY C 364 -14.81 5.04 -17.66
CA GLY C 364 -14.82 5.65 -18.99
C GLY C 364 -13.48 6.28 -19.37
N LEU C 365 -13.52 7.51 -19.87
CA LEU C 365 -12.30 8.21 -20.25
C LEU C 365 -12.48 9.68 -19.98
N PHE C 366 -11.36 10.38 -19.78
CA PHE C 366 -11.41 11.82 -19.51
C PHE C 366 -10.02 12.41 -19.75
N PRO C 367 -9.93 13.73 -19.79
CA PRO C 367 -8.63 14.36 -20.07
C PRO C 367 -7.63 14.26 -18.93
N GLY C 368 -6.42 14.75 -19.18
CA GLY C 368 -5.43 14.81 -18.12
C GLY C 368 -5.83 15.79 -17.02
N ASN C 369 -5.49 15.43 -15.78
CA ASN C 369 -5.75 16.27 -14.63
C ASN C 369 -5.00 17.60 -14.75
N LYS C 370 -5.53 18.63 -14.09
CA LYS C 370 -4.84 19.92 -14.05
C LYS C 370 -3.54 19.84 -13.24
N THR C 371 -2.50 20.49 -13.74
CA THR C 371 -1.26 20.66 -12.99
C THR C 371 -0.80 22.10 -13.12
N PRO C 372 0.07 22.56 -12.22
CA PRO C 372 0.57 23.94 -12.32
C PRO C 372 1.85 24.12 -13.13
N LEU C 373 2.27 23.11 -13.89
CA LEU C 373 3.45 23.24 -14.74
C LEU C 373 3.27 24.40 -15.71
N LEU C 374 4.28 25.26 -15.80
CA LEU C 374 4.31 26.30 -16.83
C LEU C 374 4.81 25.72 -18.15
N LYS C 375 4.25 26.21 -19.26
CA LYS C 375 4.55 25.68 -20.58
C LYS C 375 5.19 26.71 -21.51
N GLU C 376 5.29 27.97 -21.09
CA GLU C 376 5.88 29.00 -21.91
C GLU C 376 6.78 29.88 -21.05
N TYR C 377 7.85 30.38 -21.65
CA TYR C 377 8.64 31.46 -21.04
C TYR C 377 7.93 32.79 -21.28
N PRO C 378 8.40 33.87 -20.67
CA PRO C 378 7.66 35.13 -20.74
C PRO C 378 7.47 35.65 -22.17
N GLU C 379 6.42 36.46 -22.32
CA GLU C 379 6.15 37.09 -23.60
CA GLU C 379 6.13 37.13 -23.58
C GLU C 379 7.35 37.85 -24.11
N ALA C 380 7.54 37.81 -25.43
CA ALA C 380 8.69 38.44 -26.08
C ALA C 380 8.32 39.66 -26.92
N LYS C 381 7.11 40.21 -26.77
CA LYS C 381 6.66 41.29 -27.64
C LYS C 381 7.59 42.50 -27.58
N ALA C 382 8.09 42.82 -26.38
CA ALA C 382 8.94 44.00 -26.23
C ALA C 382 10.29 43.85 -26.91
N TYR C 383 10.66 42.65 -27.35
CA TYR C 383 11.94 42.39 -28.00
C TYR C 383 11.79 42.22 -29.51
N MET C 384 10.56 42.30 -30.02
CA MET C 384 10.31 42.25 -31.45
C MET C 384 10.63 43.61 -32.07
N ASP C 385 11.52 43.66 -33.03
CA ASP C 385 11.75 44.89 -33.77
C ASP C 385 10.80 44.93 -34.97
N GLU C 386 10.88 46.00 -35.74
CA GLU C 386 9.97 46.17 -36.87
C GLU C 386 10.15 45.07 -37.91
N ILE C 387 11.39 44.63 -38.13
CA ILE C 387 11.63 43.53 -39.07
C ILE C 387 10.89 42.29 -38.61
N ALA C 388 10.99 41.96 -37.31
CA ALA C 388 10.35 40.76 -36.81
C ALA C 388 8.84 40.89 -36.81
N ALA C 389 8.32 42.05 -36.40
CA ALA C 389 6.88 42.25 -36.36
C ALA C 389 6.26 42.03 -37.73
N LYS C 390 6.93 42.47 -38.79
CA LYS C 390 6.40 42.28 -40.14
C LYS C 390 6.50 40.82 -40.57
N GLY C 391 7.61 40.16 -40.28
CA GLY C 391 7.81 38.81 -40.78
C GLY C 391 6.84 37.79 -40.19
N VAL C 392 6.52 37.92 -38.90
CA VAL C 392 5.69 36.91 -38.26
C VAL C 392 4.26 36.93 -38.78
N LYS C 393 3.90 37.96 -39.55
CA LYS C 393 2.58 38.05 -40.14
C LYS C 393 2.45 37.32 -41.47
N LYS C 394 3.55 36.83 -42.04
CA LYS C 394 3.47 36.18 -43.34
C LYS C 394 2.75 34.85 -43.25
N GLU C 395 2.18 34.42 -44.37
CA GLU C 395 1.57 33.10 -44.44
C GLU C 395 2.61 32.04 -44.10
N LYS C 396 2.20 31.02 -43.34
CA LYS C 396 3.10 29.93 -43.01
C LYS C 396 3.43 29.11 -44.25
N ILE C 397 4.64 28.52 -44.25
CA ILE C 397 5.13 27.76 -45.39
C ILE C 397 4.31 26.50 -45.65
N ASP C 398 3.56 26.03 -44.66
CA ASP C 398 2.72 24.84 -44.84
C ASP C 398 1.33 25.19 -45.34
N GLN C 399 1.09 26.45 -45.69
CA GLN C 399 -0.11 26.89 -46.38
C GLN C 399 -1.37 26.71 -45.53
N ARG C 400 -1.23 26.55 -44.22
CA ARG C 400 -2.40 26.37 -43.37
C ARG C 400 -3.34 27.55 -43.52
N GLY C 401 -4.63 27.26 -43.55
CA GLY C 401 -5.64 28.29 -43.65
C GLY C 401 -6.16 28.56 -45.05
N ARG C 402 -5.51 28.06 -46.08
CA ARG C 402 -6.05 28.16 -47.43
C ARG C 402 -7.38 27.42 -47.52
N LEU C 403 -8.14 27.73 -48.57
CA LEU C 403 -9.46 27.12 -48.73
C LEU C 403 -9.40 25.61 -48.55
N GLU C 404 -8.45 24.97 -49.22
CA GLU C 404 -8.36 23.51 -49.19
C GLU C 404 -7.53 22.98 -48.02
N PHE C 405 -7.08 23.83 -47.11
CA PHE C 405 -6.29 23.40 -45.95
C PHE C 405 -6.79 24.13 -44.69
N PRO C 406 -8.07 23.92 -44.32
CA PRO C 406 -8.60 24.65 -43.16
C PRO C 406 -7.85 24.36 -41.86
N ALA C 407 -7.49 23.09 -41.60
CA ALA C 407 -6.69 22.72 -40.45
C ALA C 407 -7.21 23.38 -39.18
N LEU C 408 -8.43 22.98 -38.82
CA LEU C 408 -9.23 23.70 -37.84
C LEU C 408 -8.88 23.34 -36.40
N ALA C 409 -7.61 23.44 -36.05
CA ALA C 409 -7.21 23.18 -34.68
C ALA C 409 -7.86 24.21 -33.75
N LYS C 410 -8.55 23.72 -32.72
CA LYS C 410 -9.17 24.58 -31.71
C LYS C 410 -10.14 25.58 -32.32
N GLY C 411 -10.76 25.22 -33.43
CA GLY C 411 -11.81 26.02 -34.03
C GLY C 411 -11.34 27.13 -34.95
N LYS C 412 -10.05 27.26 -35.22
CA LYS C 412 -9.51 28.38 -35.97
C LYS C 412 -9.12 27.94 -37.38
N SER C 413 -9.57 28.70 -38.38
CA SER C 413 -9.09 28.52 -39.73
C SER C 413 -7.59 28.78 -39.79
N GLY C 414 -6.83 27.83 -40.32
CA GLY C 414 -5.39 27.95 -40.29
C GLY C 414 -4.81 27.80 -38.90
N GLY C 415 -5.52 27.14 -37.99
CA GLY C 415 -5.05 27.03 -36.62
C GLY C 415 -4.05 25.93 -36.39
N GLY C 416 -4.03 24.92 -37.26
CA GLY C 416 -3.23 23.73 -37.05
C GLY C 416 -2.09 23.64 -38.04
N VAL C 417 -1.00 22.98 -37.59
CA VAL C 417 0.13 22.71 -38.47
C VAL C 417 -0.27 21.73 -39.57
N ILE C 418 0.45 21.79 -40.69
CA ILE C 418 0.33 20.80 -41.76
C ILE C 418 1.74 20.34 -42.11
N THR C 419 2.31 19.54 -41.21
CA THR C 419 3.73 19.20 -41.27
C THR C 419 4.16 18.72 -42.66
N ALA C 420 3.46 17.72 -43.20
CA ALA C 420 3.90 17.11 -44.45
C ALA C 420 3.78 18.08 -45.61
N ASN C 421 2.88 19.06 -45.51
CA ASN C 421 2.69 20.00 -46.60
C ASN C 421 3.78 21.08 -46.62
N ALA C 422 4.52 21.26 -45.54
CA ALA C 422 5.67 22.16 -45.57
C ALA C 422 6.67 21.75 -46.65
N ALA C 423 6.85 20.45 -46.87
CA ALA C 423 7.74 20.00 -47.95
C ALA C 423 7.23 20.49 -49.29
N ASN C 424 5.90 20.53 -49.47
CA ASN C 424 5.34 20.95 -50.74
C ASN C 424 5.49 22.45 -50.91
N GLY C 425 5.26 23.22 -49.86
CA GLY C 425 5.49 24.64 -49.94
C GLY C 425 6.95 24.98 -50.23
N ILE C 426 7.87 24.26 -49.60
CA ILE C 426 9.28 24.53 -49.83
C ILE C 426 9.68 24.20 -51.27
N ARG C 427 9.34 23.00 -51.75
CA ARG C 427 9.76 22.59 -53.08
C ARG C 427 9.12 23.46 -54.15
N ASN C 428 7.95 24.03 -53.88
CA ASN C 428 7.26 24.89 -54.84
C ASN C 428 7.49 26.38 -54.55
N GLN C 429 8.26 26.70 -53.51
CA GLN C 429 8.48 28.08 -53.11
C GLN C 429 7.16 28.85 -53.04
N ASP C 430 6.16 28.21 -52.46
CA ASP C 430 4.82 28.77 -52.31
C ASP C 430 4.38 28.57 -50.87
N PRO C 431 4.18 29.62 -50.07
CA PRO C 431 4.13 31.05 -50.41
C PRO C 431 5.44 31.74 -50.75
N TYR C 432 6.57 31.12 -50.45
CA TYR C 432 7.87 31.74 -50.72
C TYR C 432 8.94 30.70 -50.46
N GLU C 433 10.19 31.08 -50.77
CA GLU C 433 11.34 30.21 -50.58
C GLU C 433 11.76 30.16 -49.12
N ILE C 434 12.14 28.98 -48.65
CA ILE C 434 12.81 28.83 -47.36
C ILE C 434 14.30 28.84 -47.64
N LYS C 435 15.03 29.77 -47.02
CA LYS C 435 16.46 29.93 -47.26
C LYS C 435 17.33 29.43 -46.13
N VAL C 436 16.84 29.45 -44.88
CA VAL C 436 17.59 28.98 -43.73
C VAL C 436 16.66 28.13 -42.89
N MET C 437 17.10 26.93 -42.54
CA MET C 437 16.30 26.01 -41.75
C MET C 437 17.11 25.47 -40.58
N LEU C 438 16.51 25.49 -39.40
CA LEU C 438 17.03 24.80 -38.22
C LEU C 438 15.99 23.76 -37.82
N ALA C 439 16.44 22.53 -37.61
CA ALA C 439 15.55 21.41 -37.32
C ALA C 439 16.15 20.58 -36.20
N TYR C 440 15.30 20.06 -35.33
CA TYR C 440 15.80 19.24 -34.24
C TYR C 440 14.88 18.06 -33.95
N PHE C 441 15.50 16.91 -33.63
CA PHE C 441 14.81 15.76 -33.05
C PHE C 441 13.77 15.21 -34.03
N ASN C 442 14.08 15.28 -35.34
CA ASN C 442 13.11 14.99 -36.38
C ASN C 442 13.76 14.29 -37.56
N ASN C 443 12.95 13.52 -38.29
CA ASN C 443 13.43 12.79 -39.48
C ASN C 443 12.34 12.68 -40.53
N PHE C 444 11.91 13.83 -41.07
CA PHE C 444 10.70 13.87 -41.87
C PHE C 444 10.85 13.14 -43.20
N ASN C 445 12.07 12.98 -43.72
CA ASN C 445 12.25 12.22 -44.96
C ASN C 445 11.78 10.77 -44.79
N PHE C 446 11.87 10.26 -43.56
CA PHE C 446 11.55 8.88 -43.21
C PHE C 446 10.17 8.73 -42.60
N SER C 447 9.74 9.71 -41.82
CA SER C 447 8.53 9.59 -41.00
C SER C 447 7.30 10.19 -41.64
N ASN C 448 7.46 11.04 -42.69
CA ASN C 448 6.33 11.64 -43.40
C ASN C 448 5.96 10.77 -44.60
N PRO C 449 4.68 10.66 -44.95
CA PRO C 449 4.30 9.96 -46.19
C PRO C 449 5.00 10.57 -47.40
N GLU C 450 5.38 9.70 -48.32
CA GLU C 450 6.04 10.12 -49.55
C GLU C 450 7.18 11.09 -49.24
N GLY C 451 8.08 10.65 -48.36
CA GLY C 451 9.16 11.48 -47.88
C GLY C 451 10.17 11.91 -48.93
N GLN C 452 10.18 11.28 -50.10
CA GLN C 452 11.04 11.81 -51.15
C GLN C 452 10.72 13.26 -51.46
N ARG C 453 9.51 13.72 -51.11
CA ARG C 453 9.21 15.14 -51.25
C ARG C 453 10.10 15.97 -50.34
N TRP C 454 10.49 15.42 -49.19
CA TRP C 454 11.44 16.10 -48.31
C TRP C 454 12.85 16.02 -48.87
N ASP C 455 13.21 14.90 -49.50
CA ASP C 455 14.47 14.87 -50.23
C ASP C 455 14.54 16.08 -51.17
N GLU C 456 13.48 16.26 -51.97
CA GLU C 456 13.45 17.33 -52.96
C GLU C 456 13.48 18.71 -52.30
N ALA C 457 12.62 18.90 -51.30
CA ALA C 457 12.53 20.20 -50.64
C ALA C 457 13.86 20.58 -49.99
N LEU C 458 14.46 19.67 -49.22
CA LEU C 458 15.68 20.02 -48.50
C LEU C 458 16.84 20.30 -49.47
N SER C 459 16.86 19.61 -50.60
CA SER C 459 17.89 19.88 -51.60
C SER C 459 17.75 21.27 -52.21
N LYS C 460 16.62 21.94 -51.99
CA LYS C 460 16.38 23.29 -52.48
C LYS C 460 16.53 24.36 -51.42
N VAL C 461 16.97 24.01 -50.21
CA VAL C 461 17.13 24.97 -49.12
C VAL C 461 18.59 25.41 -49.08
N ASP C 462 18.82 26.72 -49.13
CA ASP C 462 20.18 27.25 -49.20
CA ASP C 462 20.17 27.26 -49.20
C ASP C 462 21.02 26.80 -48.02
N PHE C 463 20.48 26.86 -46.81
CA PHE C 463 21.26 26.47 -45.63
C PHE C 463 20.37 25.79 -44.60
N MET C 464 20.72 24.56 -44.24
CA MET C 464 19.98 23.86 -43.19
C MET C 464 20.94 23.26 -42.18
N ALA C 465 20.56 23.31 -40.91
CA ALA C 465 21.30 22.71 -39.82
C ALA C 465 20.38 21.75 -39.09
N HIS C 466 20.91 20.56 -38.75
CA HIS C 466 20.12 19.51 -38.10
C HIS C 466 20.70 19.23 -36.72
N ILE C 467 19.85 19.33 -35.70
CA ILE C 467 20.19 19.02 -34.31
C ILE C 467 19.76 17.58 -34.05
N THR C 468 20.72 16.68 -33.89
CA THR C 468 20.45 15.26 -33.95
C THR C 468 21.57 14.50 -33.26
N THR C 469 21.24 13.30 -32.76
CA THR C 469 22.25 12.42 -32.17
C THR C 469 22.96 11.60 -33.24
N ASN C 470 22.23 11.21 -34.29
CA ASN C 470 22.72 10.35 -35.36
C ASN C 470 22.57 11.06 -36.69
N VAL C 471 23.37 10.64 -37.66
CA VAL C 471 23.19 11.09 -39.03
C VAL C 471 22.05 10.26 -39.64
N SER C 472 20.84 10.79 -39.56
CA SER C 472 19.67 10.09 -40.07
C SER C 472 19.40 10.55 -41.50
N GLU C 473 18.30 10.06 -42.08
CA GLU C 473 18.00 10.38 -43.47
C GLU C 473 17.89 11.89 -43.68
N PHE C 474 17.23 12.59 -42.76
CA PHE C 474 17.10 14.04 -42.84
C PHE C 474 18.48 14.72 -42.77
N SER C 475 19.38 14.17 -41.95
CA SER C 475 20.69 14.78 -41.77
C SER C 475 21.46 14.79 -43.07
N TRP C 476 21.22 13.80 -43.94
CA TRP C 476 21.93 13.69 -45.21
C TRP C 476 21.88 14.98 -46.03
N PHE C 477 20.87 15.80 -45.81
CA PHE C 477 20.65 17.01 -46.58
C PHE C 477 21.09 18.27 -45.86
N ALA C 478 21.73 18.13 -44.70
CA ALA C 478 22.13 19.27 -43.91
C ALA C 478 23.44 19.86 -44.41
N ASP C 479 23.56 21.19 -44.27
CA ASP C 479 24.85 21.85 -44.43
C ASP C 479 25.70 21.73 -43.17
N VAL C 480 25.06 21.73 -42.00
CA VAL C 480 25.74 21.67 -40.71
C VAL C 480 25.01 20.69 -39.82
N LEU C 481 25.77 19.86 -39.11
CA LEU C 481 25.24 18.95 -38.10
C LEU C 481 25.63 19.49 -36.74
N LEU C 482 24.65 19.58 -35.85
CA LEU C 482 24.86 20.06 -34.49
C LEU C 482 24.48 18.91 -33.56
N PRO C 483 25.45 18.17 -33.04
CA PRO C 483 25.12 16.90 -32.37
C PRO C 483 24.49 17.14 -31.01
N SER C 484 23.37 16.47 -30.78
CA SER C 484 22.62 16.67 -29.53
C SER C 484 23.09 15.71 -28.43
N SER C 485 23.17 16.24 -27.20
CA SER C 485 23.24 15.39 -26.03
C SER C 485 21.96 14.55 -25.95
N HIS C 486 22.08 13.30 -25.56
CA HIS C 486 20.93 12.40 -25.64
C HIS C 486 19.86 12.78 -24.63
N HIS C 487 18.60 12.86 -25.11
CA HIS C 487 17.52 13.40 -24.28
C HIS C 487 17.34 12.67 -22.95
N MET C 488 17.61 11.36 -22.92
CA MET C 488 17.23 10.55 -21.77
C MET C 488 18.33 10.41 -20.72
N PHE C 489 19.58 10.64 -21.10
CA PHE C 489 20.74 10.41 -20.24
C PHE C 489 21.65 11.62 -20.04
N GLU C 490 21.59 12.63 -20.92
CA GLU C 490 22.54 13.74 -20.90
C GLU C 490 21.85 15.10 -20.92
N LYS C 491 20.59 15.15 -20.53
CA LYS C 491 19.79 16.36 -20.73
C LYS C 491 18.95 16.72 -19.51
N TRP C 492 18.78 18.03 -19.28
CA TRP C 492 17.77 18.54 -18.37
C TRP C 492 16.49 18.84 -19.15
N GLY C 493 15.37 18.26 -18.69
CA GLY C 493 14.11 18.49 -19.36
C GLY C 493 12.95 18.21 -18.41
N VAL C 494 11.74 18.36 -18.92
CA VAL C 494 10.56 18.03 -18.13
C VAL C 494 9.42 17.60 -19.05
N LEU C 495 8.68 16.59 -18.61
CA LEU C 495 7.61 15.99 -19.39
C LEU C 495 6.43 15.73 -18.47
N ASP C 496 5.33 15.22 -19.03
CA ASP C 496 4.16 14.84 -18.25
C ASP C 496 3.59 13.55 -18.80
N SER C 497 2.70 12.93 -18.00
CA SER C 497 2.05 11.70 -18.41
C SER C 497 0.71 11.61 -17.71
N ILE C 498 -0.26 10.92 -18.34
CA ILE C 498 -1.59 10.79 -17.75
C ILE C 498 -2.05 9.35 -17.81
N GLY C 499 -2.81 8.95 -16.81
CA GLY C 499 -3.33 7.61 -16.65
C GLY C 499 -3.53 7.29 -15.17
N ASN C 500 -4.28 6.23 -14.92
CA ASN C 500 -4.55 5.77 -13.55
C ASN C 500 -5.26 6.84 -12.73
N GLY C 501 -5.97 7.73 -13.42
CA GLY C 501 -6.70 8.79 -12.76
C GLY C 501 -5.86 9.99 -12.36
N VAL C 502 -4.60 10.07 -12.77
CA VAL C 502 -3.74 11.17 -12.37
C VAL C 502 -2.97 11.70 -13.57
N ALA C 503 -2.43 12.91 -13.38
CA ALA C 503 -1.41 13.46 -14.26
C ALA C 503 -0.15 13.62 -13.44
N GLN C 504 1.00 13.30 -14.02
CA GLN C 504 2.27 13.46 -13.36
C GLN C 504 3.21 14.33 -14.20
N ILE C 505 4.13 15.00 -13.51
CA ILE C 505 5.18 15.83 -14.11
C ILE C 505 6.50 15.20 -13.71
N SER C 506 7.33 14.85 -14.68
CA SER C 506 8.59 14.18 -14.38
C SER C 506 9.80 14.93 -14.94
N ILE C 507 10.93 14.77 -14.27
CA ILE C 507 12.18 15.40 -14.64
C ILE C 507 12.95 14.53 -15.63
N GLN C 508 13.69 15.20 -16.51
CA GLN C 508 14.82 14.64 -17.22
C GLN C 508 16.10 15.28 -16.67
N GLN C 509 17.09 14.46 -16.34
CA GLN C 509 18.34 15.00 -15.82
C GLN C 509 19.49 14.15 -16.33
N PRO C 510 20.69 14.72 -16.45
CA PRO C 510 21.86 13.91 -16.84
C PRO C 510 22.15 12.87 -15.77
N SER C 511 22.32 11.61 -16.19
CA SER C 511 22.71 10.54 -15.28
C SER C 511 24.13 10.01 -15.51
N ILE C 512 24.79 10.45 -16.56
CA ILE C 512 26.18 10.09 -16.87
C ILE C 512 26.94 11.36 -17.22
N LYS C 513 28.26 11.28 -17.15
CA LYS C 513 29.10 12.34 -17.71
C LYS C 513 28.90 12.39 -19.22
N ARG C 514 28.81 13.60 -19.76
CA ARG C 514 28.56 13.73 -21.19
C ARG C 514 29.61 12.96 -21.99
N LEU C 515 29.14 12.14 -22.93
CA LEU C 515 30.06 11.26 -23.64
C LEU C 515 30.94 12.03 -24.61
N TRP C 516 30.32 12.86 -25.47
CA TRP C 516 31.00 13.46 -26.62
C TRP C 516 30.81 14.98 -26.56
N ASP C 517 31.29 15.66 -27.61
CA ASP C 517 31.23 17.13 -27.69
C ASP C 517 29.86 17.54 -28.25
N THR C 518 28.83 17.29 -27.45
CA THR C 518 27.45 17.56 -27.82
C THR C 518 26.87 18.64 -26.94
N ARG C 519 25.67 19.12 -27.31
CA ARG C 519 24.96 20.13 -26.52
C ARG C 519 23.48 19.80 -26.49
N ILE C 520 22.79 20.26 -25.45
CA ILE C 520 21.37 19.98 -25.32
C ILE C 520 20.56 20.80 -26.30
N ASP C 521 19.74 20.13 -27.09
CA ASP C 521 19.01 20.76 -28.19
C ASP C 521 18.23 21.99 -27.75
N GLU C 522 17.43 21.89 -26.70
CA GLU C 522 16.42 22.91 -26.39
C GLU C 522 16.91 24.01 -25.45
N SER C 523 18.13 23.91 -24.94
CA SER C 523 18.59 24.92 -23.99
C SER C 523 19.96 25.46 -24.39
N GLU C 524 20.99 24.62 -24.30
CA GLU C 524 22.36 25.10 -24.56
C GLU C 524 22.50 25.64 -25.99
N ILE C 525 21.89 24.99 -26.97
CA ILE C 525 22.12 25.39 -28.37
C ILE C 525 21.47 26.74 -28.64
N PRO C 526 20.19 26.97 -28.30
CA PRO C 526 19.65 28.34 -28.50
C PRO C 526 20.38 29.39 -27.69
N TYR C 527 20.88 29.04 -26.51
CA TYR C 527 21.69 29.96 -25.70
C TYR C 527 22.97 30.34 -26.43
N MET C 528 23.68 29.34 -26.98
CA MET C 528 24.92 29.60 -27.70
C MET C 528 24.65 30.35 -29.00
N LEU C 529 23.57 30.00 -29.71
CA LEU C 529 23.22 30.71 -30.93
C LEU C 529 22.88 32.17 -30.64
N ALA C 530 22.11 32.42 -29.57
CA ALA C 530 21.77 33.80 -29.23
C ALA C 530 23.02 34.62 -28.94
N LYS C 531 23.98 34.03 -28.22
CA LYS C 531 25.24 34.74 -27.96
C LYS C 531 25.96 35.06 -29.26
N LYS C 532 26.00 34.09 -30.18
CA LYS C 532 26.66 34.32 -31.48
C LYS C 532 25.95 35.41 -32.29
N LEU C 533 24.61 35.38 -32.31
CA LEU C 533 23.87 36.43 -33.01
C LEU C 533 24.13 37.80 -32.38
N ALA C 534 24.21 37.84 -31.05
CA ALA C 534 24.52 39.11 -30.38
C ALA C 534 25.92 39.59 -30.75
N ASP C 535 26.89 38.66 -30.80
CA ASP C 535 28.23 39.02 -31.26
C ASP C 535 28.18 39.66 -32.64
N LYS C 536 27.22 39.26 -33.47
CA LYS C 536 27.16 39.71 -34.85
C LYS C 536 26.16 40.84 -35.06
N GLY C 537 25.65 41.43 -33.99
CA GLY C 537 24.86 42.65 -34.11
C GLY C 537 23.36 42.49 -33.97
N PHE C 538 22.88 41.30 -33.64
CA PHE C 538 21.44 41.05 -33.47
C PHE C 538 21.29 40.43 -32.08
N ASP C 539 21.04 41.27 -31.07
CA ASP C 539 21.11 40.82 -29.68
C ASP C 539 19.73 40.67 -29.03
N ALA C 540 18.66 40.78 -29.80
CA ALA C 540 17.32 40.65 -29.23
C ALA C 540 17.12 39.30 -28.57
N PRO C 541 17.44 38.17 -29.21
CA PRO C 541 17.30 36.88 -28.51
C PRO C 541 18.12 36.81 -27.24
N TRP C 542 19.37 37.30 -27.29
CA TRP C 542 20.24 37.27 -26.11
C TRP C 542 19.67 38.12 -24.98
N ARG C 543 19.16 39.30 -25.32
CA ARG C 543 18.55 40.17 -24.32
C ARG C 543 17.30 39.53 -23.74
N TYR C 544 16.46 38.93 -24.59
CA TYR C 544 15.27 38.25 -24.09
C TYR C 544 15.64 37.15 -23.12
N ILE C 545 16.64 36.33 -23.48
CA ILE C 545 16.99 35.18 -22.64
C ILE C 545 17.49 35.65 -21.28
N ASN C 546 18.42 36.60 -21.27
CA ASN C 546 19.12 37.04 -20.07
CA ASN C 546 19.07 36.95 -20.02
C ASN C 546 18.27 37.93 -19.18
N GLU C 547 17.18 38.49 -19.71
CA GLU C 547 16.31 39.38 -18.93
C GLU C 547 15.01 38.72 -18.52
N GLN C 548 14.51 37.76 -19.28
CA GLN C 548 13.24 37.11 -18.97
C GLN C 548 13.40 35.69 -18.43
N ILE C 549 14.43 34.96 -18.84
CA ILE C 549 14.63 33.60 -18.34
C ILE C 549 15.70 33.65 -17.26
N VAL C 550 15.27 33.96 -16.03
CA VAL C 550 16.15 34.11 -14.89
C VAL C 550 15.66 33.14 -13.79
N ASP C 551 16.55 32.88 -12.84
CA ASP C 551 16.29 31.82 -11.87
C ASP C 551 15.08 32.18 -11.01
N PRO C 552 14.17 31.23 -10.76
CA PRO C 552 12.98 31.55 -9.95
C PRO C 552 13.30 31.87 -8.49
N GLU C 553 14.46 31.43 -7.99
CA GLU C 553 14.83 31.74 -6.61
C GLU C 553 15.73 32.96 -6.49
N THR C 554 16.78 33.04 -7.32
CA THR C 554 17.76 34.11 -7.19
C THR C 554 17.49 35.30 -8.09
N GLY C 555 16.63 35.15 -9.09
CA GLY C 555 16.41 36.20 -10.06
C GLY C 555 17.56 36.46 -11.00
N LYS C 556 18.59 35.68 -10.95
CA LYS C 556 19.75 35.93 -11.78
C LYS C 556 19.71 35.10 -13.05
N PRO C 557 20.23 35.65 -14.15
CA PRO C 557 20.36 34.84 -15.37
C PRO C 557 21.43 33.77 -15.21
N ALA C 558 21.41 32.81 -16.13
CA ALA C 558 22.39 31.73 -16.11
C ALA C 558 23.80 32.28 -16.32
N ALA C 559 24.76 31.71 -15.59
CA ALA C 559 26.15 32.09 -15.73
C ALA C 559 26.83 31.43 -16.93
N ASP C 560 26.33 30.30 -17.39
CA ASP C 560 26.97 29.57 -18.47
C ASP C 560 25.98 28.54 -19.03
N GLU C 561 26.45 27.79 -20.04
CA GLU C 561 25.60 26.83 -20.75
C GLU C 561 24.99 25.81 -19.81
N ALA C 562 25.82 25.15 -19.00
CA ALA C 562 25.32 24.09 -18.14
C ALA C 562 24.28 24.61 -17.16
N GLU C 563 24.55 25.76 -16.55
CA GLU C 563 23.59 26.34 -15.62
C GLU C 563 22.28 26.65 -16.33
N PHE C 564 22.36 27.17 -17.57
CA PHE C 564 21.16 27.51 -18.31
C PHE C 564 20.31 26.27 -18.60
N ALA C 565 20.97 25.15 -18.91
CA ALA C 565 20.23 23.93 -19.19
C ALA C 565 19.31 23.58 -18.02
N LYS C 566 19.82 23.67 -16.79
CA LYS C 566 19.02 23.37 -15.61
C LYS C 566 18.02 24.51 -15.33
N LEU C 567 18.45 25.75 -15.53
CA LEU C 567 17.57 26.90 -15.28
C LEU C 567 16.28 26.81 -16.08
N MET C 568 16.36 26.34 -17.33
CA MET C 568 15.16 26.23 -18.16
CA MET C 568 15.14 26.27 -18.13
C MET C 568 14.13 25.33 -17.51
N VAL C 569 14.57 24.25 -16.86
CA VAL C 569 13.63 23.38 -16.16
C VAL C 569 13.18 23.98 -14.84
N ARG C 570 14.12 24.57 -14.07
CA ARG C 570 13.77 25.18 -12.79
C ARG C 570 12.67 26.21 -12.97
N TYR C 571 12.76 27.01 -14.04
CA TYR C 571 11.83 28.11 -14.26
C TYR C 571 10.40 27.59 -14.42
N LEU C 572 10.21 26.60 -15.30
CA LEU C 572 8.85 26.14 -15.60
C LEU C 572 8.26 25.28 -14.48
N THR C 573 9.11 24.62 -13.68
CA THR C 573 8.62 23.73 -12.65
C THR C 573 8.48 24.40 -11.28
N ALA C 574 8.87 25.66 -11.17
CA ALA C 574 8.84 26.33 -9.87
C ALA C 574 7.49 26.25 -9.19
N PRO C 575 6.36 26.30 -9.89
CA PRO C 575 5.06 26.15 -9.21
C PRO C 575 4.92 24.82 -8.48
N LEU C 576 5.73 23.81 -8.81
CA LEU C 576 5.65 22.52 -8.14
C LEU C 576 6.51 22.44 -6.89
N TRP C 577 7.68 23.09 -6.87
CA TRP C 577 8.64 22.91 -5.81
C TRP C 577 8.98 24.17 -5.05
N LYS C 578 8.83 25.36 -5.65
CA LYS C 578 9.06 26.59 -4.93
C LYS C 578 7.79 27.07 -4.23
N GLU C 579 6.65 26.92 -4.90
CA GLU C 579 5.36 27.25 -4.33
C GLU C 579 4.73 25.98 -3.79
N ASP C 580 3.61 26.15 -3.10
CA ASP C 580 2.83 25.05 -2.54
C ASP C 580 1.84 24.59 -3.61
N ALA C 581 2.04 23.37 -4.13
CA ALA C 581 1.17 22.82 -5.16
C ALA C 581 0.07 21.92 -4.57
N SER C 582 -0.15 22.00 -3.26
CA SER C 582 -1.06 21.09 -2.58
C SER C 582 -2.45 21.09 -3.20
N LYS C 583 -2.91 22.24 -3.72
CA LYS C 583 -4.27 22.31 -4.25
C LYS C 583 -4.44 21.37 -5.44
N TYR C 584 -3.35 21.06 -6.14
CA TYR C 584 -3.43 20.21 -7.33
C TYR C 584 -2.90 18.80 -7.14
N GLY C 585 -2.13 18.55 -6.08
CA GLY C 585 -1.52 17.25 -5.87
C GLY C 585 -0.41 17.29 -4.84
N ASP C 586 0.75 16.73 -5.18
CA ASP C 586 1.82 16.56 -4.20
C ASP C 586 2.34 17.90 -3.71
N LYS C 587 2.79 17.92 -2.44
CA LYS C 587 3.49 19.06 -1.88
C LYS C 587 4.97 18.73 -1.82
N LEU C 588 5.77 19.47 -2.57
CA LEU C 588 7.21 19.28 -2.62
C LEU C 588 7.88 20.40 -1.84
N SER C 589 8.92 20.04 -1.08
CA SER C 589 9.53 21.01 -0.18
C SER C 589 10.66 21.78 -0.85
N SER C 590 11.20 21.29 -1.95
CA SER C 590 12.39 21.92 -2.51
C SER C 590 12.63 21.37 -3.91
N TRP C 591 13.46 22.11 -4.66
CA TRP C 591 13.95 21.63 -5.95
C TRP C 591 14.68 20.30 -5.77
N ASP C 592 15.50 20.19 -4.72
CA ASP C 592 16.23 18.95 -4.51
C ASP C 592 15.30 17.76 -4.30
N GLU C 593 14.20 17.94 -3.56
CA GLU C 593 13.25 16.85 -3.35
C GLU C 593 12.57 16.47 -4.67
N PHE C 594 12.25 17.46 -5.51
CA PHE C 594 11.69 17.19 -6.83
C PHE C 594 12.66 16.36 -7.66
N VAL C 595 13.94 16.69 -7.63
CA VAL C 595 14.92 15.94 -8.42
C VAL C 595 15.09 14.53 -7.85
N GLN C 596 15.13 14.40 -6.53
CA GLN C 596 15.32 13.09 -5.91
C GLN C 596 14.14 12.16 -6.16
N LYS C 597 12.91 12.64 -5.94
CA LYS C 597 11.76 11.81 -6.25
C LYS C 597 11.60 11.62 -7.74
N GLY C 598 11.88 12.66 -8.51
CA GLY C 598 11.88 12.64 -9.96
C GLY C 598 10.53 12.84 -10.58
N VAL C 599 9.47 12.96 -9.78
CA VAL C 599 8.12 13.03 -10.33
C VAL C 599 7.22 13.70 -9.30
N TRP C 600 6.25 14.46 -9.82
CA TRP C 600 5.17 15.08 -9.08
C TRP C 600 3.87 14.47 -9.59
N ASN C 601 3.01 14.07 -8.65
CA ASN C 601 1.73 13.45 -8.98
C ASN C 601 0.57 14.36 -8.60
N SER C 602 -0.44 14.44 -9.48
CA SER C 602 -1.66 15.16 -9.14
C SER C 602 -2.53 14.30 -8.20
N SER C 603 -3.57 14.94 -7.65
CA SER C 603 -4.61 14.23 -6.95
C SER C 603 -5.42 13.42 -7.95
N PRO C 604 -6.23 12.47 -7.48
CA PRO C 604 -7.06 11.69 -8.40
C PRO C 604 -8.11 12.57 -9.10
N TYR C 605 -8.48 12.16 -10.31
CA TYR C 605 -9.45 12.91 -11.12
C TYR C 605 -10.82 12.95 -10.44
N LYS C 606 -11.44 14.13 -10.48
CA LYS C 606 -12.77 14.31 -9.91
C LYS C 606 -13.79 13.94 -10.98
N LEU C 607 -14.45 12.80 -10.82
CA LEU C 607 -15.37 12.32 -11.85
C LEU C 607 -16.50 13.30 -12.06
N GLU C 608 -16.94 13.41 -13.32
CA GLU C 608 -18.02 14.30 -13.76
C GLU C 608 -17.65 15.77 -13.66
N ALA C 609 -16.37 16.08 -13.52
CA ALA C 609 -15.94 17.47 -13.33
C ALA C 609 -16.40 18.35 -14.48
N ARG C 610 -16.35 17.84 -15.72
CA ARG C 610 -16.66 18.66 -16.88
C ARG C 610 -18.12 18.59 -17.30
N TRP C 611 -18.93 17.72 -16.69
CA TRP C 611 -20.35 17.66 -17.00
C TRP C 611 -20.98 19.04 -16.82
N GLY C 612 -21.72 19.47 -17.83
CA GLY C 612 -22.38 20.76 -17.73
C GLY C 612 -21.50 21.96 -18.00
N LYS C 613 -20.23 21.78 -18.29
CA LYS C 613 -19.35 22.92 -18.51
C LYS C 613 -18.25 22.56 -19.52
N PHE C 614 -18.63 21.92 -20.63
CA PHE C 614 -17.68 21.64 -21.69
C PHE C 614 -17.32 22.92 -22.45
N LYS C 615 -16.12 22.95 -22.99
CA LYS C 615 -15.63 24.14 -23.70
C LYS C 615 -16.04 24.12 -25.17
N THR C 616 -17.32 23.84 -25.38
CA THR C 616 -17.95 23.83 -26.69
C THR C 616 -18.82 25.07 -26.83
N GLU C 617 -19.31 25.30 -28.06
CA GLU C 617 -20.17 26.46 -28.30
C GLU C 617 -21.40 26.43 -27.40
N THR C 618 -21.97 25.26 -27.19
CA THR C 618 -23.17 25.14 -26.37
C THR C 618 -22.87 24.91 -24.89
N THR C 619 -21.62 24.59 -24.55
CA THR C 619 -21.17 24.03 -23.28
C THR C 619 -21.68 22.61 -23.04
N LYS C 620 -22.37 22.01 -24.01
CA LYS C 620 -22.83 20.64 -23.92
C LYS C 620 -21.88 19.70 -24.68
N PHE C 621 -22.06 18.40 -24.47
CA PHE C 621 -21.44 17.39 -25.32
C PHE C 621 -22.24 17.31 -26.62
N GLU C 622 -21.62 17.68 -27.76
CA GLU C 622 -22.38 18.05 -28.96
C GLU C 622 -22.39 16.88 -29.94
N PHE C 623 -23.54 16.18 -30.00
CA PHE C 623 -23.81 15.29 -31.11
C PHE C 623 -24.02 16.06 -32.41
N TYR C 624 -24.62 17.25 -32.30
CA TYR C 624 -24.68 18.20 -33.42
C TYR C 624 -23.69 19.29 -33.07
N SER C 625 -22.53 19.28 -33.71
CA SER C 625 -21.42 20.14 -33.27
C SER C 625 -21.63 21.55 -33.82
N LYS C 626 -22.33 22.37 -33.03
CA LYS C 626 -22.35 23.81 -33.30
C LYS C 626 -20.94 24.38 -33.24
N THR C 627 -20.06 23.75 -32.45
CA THR C 627 -18.67 24.18 -32.41
C THR C 627 -18.01 24.03 -33.78
N LEU C 628 -18.22 22.89 -34.44
CA LEU C 628 -17.61 22.65 -35.75
C LEU C 628 -18.29 23.51 -36.84
N GLU C 629 -19.59 23.70 -36.73
CA GLU C 629 -20.28 24.58 -37.68
C GLU C 629 -19.70 26.00 -37.63
N LYS C 630 -19.48 26.50 -36.42
CA LYS C 630 -18.91 27.83 -36.27
C LYS C 630 -17.52 27.91 -36.90
N ALA C 631 -16.70 26.88 -36.68
CA ALA C 631 -15.35 26.90 -37.24
C ALA C 631 -15.40 26.83 -38.76
N LEU C 632 -16.29 25.98 -39.30
CA LEU C 632 -16.43 25.89 -40.75
C LEU C 632 -16.99 27.18 -41.31
N GLN C 633 -17.96 27.78 -40.61
CA GLN C 633 -18.52 29.05 -41.08
C GLN C 633 -17.43 30.12 -41.17
N SER C 634 -16.56 30.18 -40.17
CA SER C 634 -15.45 31.14 -40.18
C SER C 634 -14.55 30.92 -41.38
N HIS C 635 -14.21 29.66 -41.67
CA HIS C 635 -13.35 29.36 -42.81
C HIS C 635 -14.05 29.71 -44.11
N ALA C 636 -15.32 29.35 -44.25
CA ALA C 636 -16.08 29.67 -45.45
C ALA C 636 -16.16 31.19 -45.67
N ASP C 637 -16.50 31.93 -44.62
CA ASP C 637 -16.61 33.38 -44.73
C ASP C 637 -15.27 34.00 -45.10
N LYS C 638 -14.18 33.47 -44.56
CA LYS C 638 -12.85 33.97 -44.88
C LYS C 638 -12.57 33.89 -46.38
N HIS C 639 -13.00 32.81 -47.02
CA HIS C 639 -12.75 32.58 -48.44
C HIS C 639 -13.94 32.91 -49.32
N LYS C 640 -14.97 33.54 -48.75
CA LYS C 640 -16.12 34.02 -49.51
C LYS C 640 -16.77 32.90 -50.30
N VAL C 641 -16.96 31.77 -49.65
CA VAL C 641 -17.64 30.61 -50.23
C VAL C 641 -18.63 30.05 -49.21
N SER C 642 -19.40 29.04 -49.64
CA SER C 642 -20.33 28.32 -48.79
C SER C 642 -19.59 27.23 -48.01
N ILE C 643 -20.22 26.73 -46.95
CA ILE C 643 -19.65 25.61 -46.22
C ILE C 643 -19.61 24.38 -47.12
N ASP C 644 -20.67 24.17 -47.91
CA ASP C 644 -20.66 23.06 -48.86
C ASP C 644 -19.49 23.17 -49.84
N GLU C 645 -19.17 24.39 -50.27
CA GLU C 645 -18.03 24.56 -51.17
C GLU C 645 -16.71 24.23 -50.47
N VAL C 646 -16.61 24.51 -49.16
CA VAL C 646 -15.44 24.06 -48.41
C VAL C 646 -15.36 22.54 -48.42
N MET C 647 -16.49 21.88 -48.13
CA MET C 647 -16.51 20.43 -48.09
CA MET C 647 -16.49 20.43 -48.08
C MET C 647 -16.08 19.85 -49.43
N LYS C 648 -16.64 20.38 -50.51
CA LYS C 648 -16.27 19.90 -51.84
C LYS C 648 -14.78 20.16 -52.11
N ALA C 649 -14.29 21.35 -51.76
CA ALA C 649 -12.90 21.66 -52.02
C ALA C 649 -11.96 20.78 -51.21
N CYS C 650 -12.41 20.28 -50.06
CA CYS C 650 -11.59 19.43 -49.21
C CYS C 650 -11.86 17.94 -49.40
N ASP C 651 -12.72 17.60 -50.36
CA ASP C 651 -12.96 16.23 -50.80
C ASP C 651 -13.62 15.39 -49.69
N TYR C 652 -14.53 16.00 -48.94
CA TYR C 652 -15.45 15.26 -48.08
C TYR C 652 -16.77 15.06 -48.81
N GLN C 653 -17.48 14.00 -48.45
CA GLN C 653 -18.77 13.73 -49.07
C GLN C 653 -19.91 14.50 -48.42
N ALA C 654 -19.74 14.94 -47.18
CA ALA C 654 -20.81 15.61 -46.46
C ALA C 654 -21.23 16.89 -47.15
N ARG C 655 -22.54 17.11 -47.20
CA ARG C 655 -23.13 18.37 -47.65
C ARG C 655 -24.22 18.77 -46.67
N GLY C 656 -24.48 20.06 -46.59
CA GLY C 656 -25.50 20.54 -45.67
C GLY C 656 -25.13 20.24 -44.22
N HIS C 657 -26.14 19.87 -43.43
CA HIS C 657 -25.95 19.66 -42.00
C HIS C 657 -25.16 18.40 -41.68
N LEU C 658 -25.04 17.46 -42.62
CA LEU C 658 -24.21 16.29 -42.37
C LEU C 658 -22.79 16.68 -42.02
N ALA C 659 -22.36 17.89 -42.40
CA ALA C 659 -21.01 18.34 -42.06
C ALA C 659 -20.81 18.48 -40.56
N PHE C 660 -21.89 18.53 -39.77
CA PHE C 660 -21.78 18.83 -38.35
C PHE C 660 -22.19 17.67 -37.44
N ILE C 661 -22.49 16.49 -37.98
CA ILE C 661 -22.93 15.38 -37.16
C ILE C 661 -22.10 14.15 -37.50
N PRO C 662 -22.09 13.15 -36.61
CA PRO C 662 -21.46 11.87 -36.96
C PRO C 662 -22.18 11.25 -38.14
N HIS C 663 -21.39 10.86 -39.15
CA HIS C 663 -21.97 10.32 -40.38
C HIS C 663 -20.89 9.53 -41.12
N TYR C 664 -21.33 8.76 -42.11
CA TYR C 664 -20.43 7.87 -42.84
C TYR C 664 -19.83 8.58 -44.05
N GLU C 665 -18.51 8.67 -44.05
CA GLU C 665 -17.73 9.06 -45.22
C GLU C 665 -17.11 7.79 -45.80
N GLU C 666 -17.40 7.49 -47.06
CA GLU C 666 -16.73 6.37 -47.70
C GLU C 666 -15.22 6.62 -47.64
N PRO C 667 -14.42 5.63 -47.29
CA PRO C 667 -12.96 5.88 -47.18
C PRO C 667 -12.36 6.24 -48.54
N TYR C 668 -11.53 7.28 -48.53
CA TYR C 668 -10.78 7.64 -49.72
C TYR C 668 -9.80 6.52 -50.06
N ARG C 669 -9.68 6.22 -51.37
CA ARG C 669 -8.76 5.20 -51.88
C ARG C 669 -8.01 5.79 -53.06
N PHE C 670 -6.73 5.40 -53.21
CA PHE C 670 -5.91 5.89 -54.31
C PHE C 670 -5.34 4.73 -55.08
N GLY C 671 -5.57 4.71 -56.38
CA GLY C 671 -5.04 3.69 -57.25
C GLY C 671 -6.13 2.76 -57.78
N ASP C 672 -5.84 2.15 -58.92
CA ASP C 672 -6.75 1.19 -59.54
C ASP C 672 -6.68 -0.13 -58.78
N GLU C 673 -7.83 -0.59 -58.28
CA GLU C 673 -7.81 -1.78 -57.44
C GLU C 673 -7.39 -3.03 -58.23
N SER C 674 -7.66 -3.06 -59.53
CA SER C 674 -7.28 -4.23 -60.32
C SER C 674 -5.76 -4.32 -60.46
N GLU C 675 -5.06 -3.18 -60.53
CA GLU C 675 -3.61 -3.22 -60.58
C GLU C 675 -3.01 -3.38 -59.18
N PHE C 676 -3.64 -2.76 -58.17
CA PHE C 676 -3.13 -2.74 -56.80
C PHE C 676 -4.18 -3.35 -55.88
N PRO C 677 -4.20 -4.69 -55.76
CA PRO C 677 -5.36 -5.35 -55.14
C PRO C 677 -5.34 -5.41 -53.62
N LEU C 678 -4.26 -5.00 -52.95
CA LEU C 678 -4.14 -5.13 -51.50
C LEU C 678 -4.13 -3.77 -50.82
N LEU C 679 -4.76 -3.69 -49.66
CA LEU C 679 -4.76 -2.49 -48.83
C LEU C 679 -3.67 -2.61 -47.78
N LEU C 680 -2.79 -1.63 -47.73
CA LEU C 680 -1.73 -1.64 -46.73
C LEU C 680 -2.30 -1.39 -45.34
N VAL C 681 -1.84 -2.17 -44.37
CA VAL C 681 -2.18 -1.97 -42.97
C VAL C 681 -0.86 -1.68 -42.26
N ASP C 682 -0.50 -0.40 -42.21
CA ASP C 682 0.67 0.08 -41.52
C ASP C 682 0.47 -0.06 -40.02
N GLN C 683 1.52 -0.47 -39.31
CA GLN C 683 1.49 -0.67 -37.86
C GLN C 683 2.86 -0.27 -37.31
N LYS C 684 2.90 0.01 -36.02
CA LYS C 684 4.14 0.24 -35.31
C LYS C 684 4.63 -1.07 -34.70
N SER C 685 5.95 -1.21 -34.61
CA SER C 685 6.54 -2.27 -33.82
C SER C 685 6.43 -1.91 -32.35
N ARG C 686 6.15 -2.92 -31.53
CA ARG C 686 6.13 -2.68 -30.08
C ARG C 686 7.53 -2.47 -29.52
N LEU C 687 8.57 -2.61 -30.35
CA LEU C 687 9.93 -2.26 -29.98
C LEU C 687 10.41 -0.98 -30.65
N ASN C 688 9.56 -0.32 -31.43
CA ASN C 688 9.90 1.01 -31.94
C ASN C 688 9.89 2.04 -30.81
N LYS C 689 11.02 2.68 -30.54
CA LYS C 689 11.02 3.98 -29.85
C LYS C 689 10.89 5.05 -30.93
N GLU C 690 9.65 5.24 -31.39
CA GLU C 690 9.33 6.04 -32.59
C GLU C 690 10.27 5.59 -33.70
N GLY C 691 10.93 6.50 -34.41
CA GLY C 691 11.81 6.10 -35.48
C GLY C 691 13.26 5.92 -35.07
N ARG C 692 13.50 5.50 -33.82
CA ARG C 692 14.81 5.65 -33.20
C ARG C 692 15.44 4.40 -32.59
N THR C 693 14.85 3.22 -32.74
CA THR C 693 15.52 2.00 -32.27
C THR C 693 15.99 1.06 -33.40
N ALA C 694 15.98 1.53 -34.64
CA ALA C 694 16.44 0.68 -35.75
C ALA C 694 17.94 0.48 -35.76
N ASN C 695 18.70 1.26 -34.98
CA ASN C 695 20.12 1.00 -34.85
C ASN C 695 20.46 0.31 -33.52
N SER C 696 19.48 -0.37 -32.92
CA SER C 696 19.71 -1.11 -31.68
C SER C 696 19.64 -2.61 -31.93
N PRO C 697 20.73 -3.35 -31.81
CA PRO C 697 20.68 -4.78 -32.17
C PRO C 697 19.65 -5.58 -31.39
N TRP C 698 19.37 -5.20 -30.15
CA TRP C 698 18.38 -5.96 -29.37
C TRP C 698 16.99 -5.86 -29.99
N TYR C 699 16.71 -4.77 -30.70
CA TYR C 699 15.45 -4.62 -31.43
C TYR C 699 15.22 -5.81 -32.35
N TYR C 700 16.22 -6.14 -33.15
CA TYR C 700 16.12 -7.23 -34.12
C TYR C 700 16.13 -8.58 -33.42
N GLU C 701 16.91 -8.70 -32.34
CA GLU C 701 17.01 -9.97 -31.66
C GLU C 701 15.64 -10.45 -31.16
N PHE C 702 14.75 -9.52 -30.78
CA PHE C 702 13.44 -9.84 -30.22
C PHE C 702 12.29 -9.33 -31.10
N LYS C 703 12.53 -9.13 -32.39
CA LYS C 703 11.52 -8.48 -33.21
C LYS C 703 10.23 -9.30 -33.30
N ASP C 704 10.29 -10.61 -33.06
CA ASP C 704 9.07 -11.42 -33.16
C ASP C 704 8.13 -11.25 -31.95
N VAL C 705 8.43 -10.34 -31.02
CA VAL C 705 7.43 -10.04 -30.00
C VAL C 705 6.24 -9.32 -30.63
N ASP C 706 6.44 -8.75 -31.83
CA ASP C 706 5.32 -8.27 -32.65
C ASP C 706 4.58 -9.49 -33.20
N PRO C 707 3.31 -9.69 -32.84
CA PRO C 707 2.65 -10.95 -33.26
C PRO C 707 2.66 -11.14 -34.77
N GLY C 708 3.16 -12.31 -35.19
CA GLY C 708 3.26 -12.66 -36.59
C GLY C 708 4.59 -12.30 -37.24
N ASP C 709 5.42 -11.48 -36.62
CA ASP C 709 6.65 -11.03 -37.25
C ASP C 709 7.80 -11.99 -36.93
N VAL C 710 8.98 -11.69 -37.44
CA VAL C 710 10.09 -12.61 -37.49
C VAL C 710 11.35 -11.92 -36.97
N ALA C 711 12.06 -12.59 -36.08
CA ALA C 711 13.27 -11.99 -35.52
C ALA C 711 14.30 -11.74 -36.62
N ASN C 712 15.00 -10.61 -36.48
CA ASN C 712 16.12 -10.27 -37.36
C ASN C 712 15.71 -10.12 -38.82
N GLU C 713 14.43 -9.84 -39.05
CA GLU C 713 13.90 -9.63 -40.39
C GLU C 713 12.97 -8.42 -40.42
N ASP C 714 12.67 -7.97 -41.64
CA ASP C 714 11.55 -7.05 -41.90
C ASP C 714 10.57 -7.80 -42.78
N VAL C 715 9.40 -8.15 -42.24
CA VAL C 715 8.43 -8.92 -43.02
C VAL C 715 7.16 -8.10 -43.23
N ALA C 716 6.52 -8.36 -44.36
CA ALA C 716 5.14 -8.00 -44.62
C ALA C 716 4.27 -9.25 -44.50
N LYS C 717 3.18 -9.14 -43.75
CA LYS C 717 2.34 -10.28 -43.40
C LYS C 717 1.12 -10.34 -44.31
N PHE C 718 0.95 -11.49 -44.96
CA PHE C 718 -0.16 -11.75 -45.86
C PHE C 718 -1.00 -12.91 -45.31
N ASN C 719 -2.31 -12.85 -45.50
CA ASN C 719 -3.12 -14.02 -45.20
C ASN C 719 -2.74 -15.16 -46.15
N PRO C 720 -2.71 -16.40 -45.67
CA PRO C 720 -2.38 -17.52 -46.58
C PRO C 720 -3.20 -17.54 -47.86
N ILE C 721 -4.44 -17.06 -47.83
CA ILE C 721 -5.24 -17.00 -49.06
C ILE C 721 -4.52 -16.16 -50.11
N ASP C 722 -4.06 -14.96 -49.73
CA ASP C 722 -3.37 -14.10 -50.66
C ASP C 722 -1.97 -14.61 -50.98
N GLY C 723 -1.33 -15.30 -50.03
CA GLY C 723 -0.05 -15.92 -50.33
C GLY C 723 -0.16 -16.94 -51.44
N LYS C 724 -1.17 -17.81 -51.37
CA LYS C 724 -1.40 -18.75 -52.45
C LYS C 724 -1.72 -18.04 -53.77
N LYS C 725 -2.53 -16.99 -53.70
CA LYS C 725 -2.95 -16.30 -54.93
C LYS C 725 -1.77 -15.68 -55.64
N PHE C 726 -0.80 -15.13 -54.89
CA PHE C 726 0.34 -14.44 -55.47
C PHE C 726 1.60 -15.27 -55.45
N GLY C 727 1.49 -16.56 -55.12
CA GLY C 727 2.64 -17.44 -55.16
C GLY C 727 3.73 -17.09 -54.18
N LEU C 728 3.37 -16.67 -52.96
CA LEU C 728 4.33 -16.29 -51.95
C LEU C 728 4.47 -17.38 -50.90
N LYS C 729 5.69 -17.56 -50.41
CA LYS C 729 5.98 -18.44 -49.28
C LYS C 729 6.81 -17.70 -48.25
N ASP C 730 6.73 -18.18 -47.01
CA ASP C 730 7.53 -17.60 -45.94
C ASP C 730 8.98 -17.46 -46.37
N GLY C 731 9.56 -16.30 -46.12
CA GLY C 731 10.95 -16.07 -46.41
C GLY C 731 11.25 -15.55 -47.80
N ASP C 732 10.26 -15.54 -48.71
CA ASP C 732 10.49 -15.04 -50.05
C ASP C 732 10.85 -13.56 -50.02
N GLU C 733 11.88 -13.16 -50.78
CA GLU C 733 12.12 -11.76 -51.01
C GLU C 733 11.03 -11.20 -51.93
N ILE C 734 10.42 -10.09 -51.51
CA ILE C 734 9.31 -9.53 -52.27
C ILE C 734 9.50 -8.04 -52.46
N ARG C 735 8.87 -7.53 -53.52
CA ARG C 735 8.74 -6.10 -53.77
C ARG C 735 7.27 -5.72 -53.65
N ILE C 736 6.99 -4.69 -52.87
CA ILE C 736 5.65 -4.15 -52.71
C ILE C 736 5.65 -2.78 -53.38
N THR C 737 4.71 -2.57 -54.30
CA THR C 737 4.65 -1.37 -55.12
C THR C 737 3.30 -0.70 -54.98
N SER C 738 3.31 0.63 -54.80
CA SER C 738 2.09 1.43 -54.83
C SER C 738 2.15 2.40 -56.00
N PRO C 739 1.12 3.21 -56.23
CA PRO C 739 1.21 4.23 -57.29
C PRO C 739 2.33 5.24 -57.09
N VAL C 740 2.88 5.41 -55.89
CA VAL C 740 3.86 6.46 -55.65
C VAL C 740 5.25 5.95 -55.35
N GLY C 741 5.42 4.65 -55.11
CA GLY C 741 6.75 4.14 -54.81
C GLY C 741 6.72 2.65 -54.56
N MET C 742 7.87 2.14 -54.08
CA MET C 742 8.04 0.72 -53.83
C MET C 742 9.01 0.51 -52.68
N LEU C 743 8.97 -0.70 -52.12
CA LEU C 743 9.97 -1.16 -51.17
C LEU C 743 10.19 -2.66 -51.38
N THR C 744 11.29 -3.16 -50.83
CA THR C 744 11.54 -4.60 -50.77
C THR C 744 11.66 -5.03 -49.31
N CYS C 745 11.13 -6.22 -49.01
CA CYS C 745 11.22 -6.85 -47.70
C CYS C 745 11.01 -8.34 -47.92
N LYS C 746 10.64 -9.06 -46.87
CA LYS C 746 10.36 -10.49 -46.97
C LYS C 746 8.90 -10.78 -46.66
N ALA C 747 8.45 -11.94 -47.14
CA ALA C 747 7.06 -12.35 -47.00
C ALA C 747 6.89 -13.26 -45.79
N LYS C 748 5.77 -13.07 -45.08
CA LYS C 748 5.36 -13.97 -44.01
C LYS C 748 3.87 -14.23 -44.19
N LEU C 749 3.46 -15.50 -44.17
CA LEU C 749 2.05 -15.84 -44.22
C LEU C 749 1.53 -16.02 -42.81
N TRP C 750 0.42 -15.36 -42.50
CA TRP C 750 -0.10 -15.33 -41.14
C TRP C 750 -1.61 -15.18 -41.18
N GLU C 751 -2.31 -16.08 -40.49
CA GLU C 751 -3.78 -16.05 -40.51
C GLU C 751 -4.37 -14.86 -39.78
N GLY C 752 -3.59 -14.13 -38.97
CA GLY C 752 -4.07 -12.94 -38.31
C GLY C 752 -4.17 -11.71 -39.19
N VAL C 753 -4.05 -11.88 -40.51
CA VAL C 753 -4.16 -10.80 -41.47
C VAL C 753 -5.50 -10.93 -42.19
N ARG C 754 -6.26 -9.83 -42.23
CA ARG C 754 -7.50 -9.84 -43.00
C ARG C 754 -7.19 -10.10 -44.47
N PRO C 755 -7.87 -11.03 -45.13
CA PRO C 755 -7.64 -11.21 -46.58
C PRO C 755 -7.88 -9.91 -47.33
N GLY C 756 -7.06 -9.67 -48.35
CA GLY C 756 -7.11 -8.42 -49.07
C GLY C 756 -6.30 -7.28 -48.50
N THR C 757 -5.58 -7.53 -47.40
CA THR C 757 -4.71 -6.53 -46.78
C THR C 757 -3.32 -7.12 -46.60
N VAL C 758 -2.35 -6.24 -46.33
CA VAL C 758 -0.99 -6.67 -45.99
C VAL C 758 -0.54 -5.82 -44.81
N ALA C 759 -0.18 -6.47 -43.71
CA ALA C 759 0.12 -5.80 -42.45
C ALA C 759 1.63 -5.78 -42.25
N LYS C 760 2.21 -4.57 -42.16
CA LYS C 760 3.66 -4.44 -42.09
C LYS C 760 4.05 -3.32 -41.16
N CYS C 761 4.99 -3.61 -40.26
CA CYS C 761 5.50 -2.61 -39.34
C CYS C 761 6.27 -1.51 -40.08
N PHE C 762 5.94 -0.26 -39.74
CA PHE C 762 6.83 0.86 -39.95
C PHE C 762 8.02 0.73 -39.00
N GLY C 763 9.19 1.16 -39.46
CA GLY C 763 10.32 1.33 -38.57
C GLY C 763 11.64 0.92 -39.17
N GLN C 764 11.61 -0.06 -40.05
CA GLN C 764 12.80 -0.45 -40.80
C GLN C 764 12.80 0.31 -42.13
N GLY C 765 13.75 -0.03 -43.00
CA GLY C 765 13.90 0.71 -44.24
C GLY C 765 14.83 1.91 -44.17
N HIS C 766 15.53 2.10 -43.05
CA HIS C 766 16.56 3.12 -42.97
C HIS C 766 17.71 2.80 -43.93
N TRP C 767 18.16 3.85 -44.65
CA TRP C 767 19.39 3.82 -45.42
C TRP C 767 20.48 4.66 -44.74
N ALA C 768 20.16 5.32 -43.62
CA ALA C 768 21.18 6.02 -42.84
C ALA C 768 21.04 5.61 -41.38
N TYR C 769 21.17 6.58 -40.47
CA TYR C 769 21.05 6.38 -39.03
C TYR C 769 22.25 5.67 -38.40
N GLY C 770 22.60 4.48 -38.89
CA GLY C 770 23.77 3.80 -38.38
C GLY C 770 24.00 2.50 -39.11
N ARG C 771 25.03 1.77 -38.63
CA ARG C 771 25.48 0.58 -39.33
C ARG C 771 24.55 -0.62 -39.11
N TYR C 772 23.82 -0.64 -37.97
CA TYR C 772 22.88 -1.75 -37.77
C TYR C 772 21.56 -1.50 -38.48
N ALA C 773 21.16 -0.24 -38.59
CA ALA C 773 19.89 0.15 -39.17
C ALA C 773 19.88 0.11 -40.69
N SER C 774 21.06 0.10 -41.33
CA SER C 774 21.16 0.14 -42.78
C SER C 774 22.01 -1.04 -43.29
N ALA C 775 21.89 -1.34 -44.58
CA ALA C 775 22.78 -2.34 -45.17
C ALA C 775 24.13 -1.70 -45.48
N LYS C 776 24.14 -0.66 -46.31
CA LYS C 776 25.33 0.13 -46.56
C LYS C 776 24.97 1.58 -46.25
N PHE C 777 25.56 2.12 -45.18
CA PHE C 777 25.20 3.44 -44.71
C PHE C 777 25.25 4.48 -45.82
N GLY C 778 24.14 5.20 -45.97
CA GLY C 778 24.03 6.23 -46.99
C GLY C 778 23.63 5.75 -48.35
N VAL C 779 23.51 4.45 -48.55
CA VAL C 779 23.32 3.91 -49.89
C VAL C 779 22.16 2.93 -49.98
N THR C 780 22.18 1.86 -49.18
CA THR C 780 21.22 0.77 -49.28
CA THR C 780 21.14 0.85 -49.31
C THR C 780 20.52 0.54 -47.95
N PRO C 781 19.21 0.32 -47.93
CA PRO C 781 18.49 0.19 -46.66
C PRO C 781 18.46 -1.24 -46.16
N ARG C 782 18.27 -1.36 -44.86
CA ARG C 782 17.89 -2.62 -44.23
C ARG C 782 16.37 -2.66 -44.13
N GLY C 783 15.75 -3.67 -44.74
CA GLY C 783 14.30 -3.71 -44.77
C GLY C 783 13.72 -2.70 -45.76
N GLY C 784 12.45 -2.38 -45.56
CA GLY C 784 11.72 -1.53 -46.50
C GLY C 784 10.99 -0.41 -45.79
N SER C 785 11.04 0.78 -46.41
CA SER C 785 10.52 2.00 -45.82
C SER C 785 9.04 2.17 -46.17
N ASN C 786 8.17 1.94 -45.18
CA ASN C 786 6.73 1.99 -45.45
C ASN C 786 6.29 3.30 -46.11
N ASN C 787 6.84 4.41 -45.67
CA ASN C 787 6.31 5.69 -46.11
C ASN C 787 6.63 5.99 -47.57
N ASP C 788 7.55 5.26 -48.19
CA ASP C 788 7.70 5.39 -49.63
C ASP C 788 6.49 4.86 -50.39
N LEU C 789 5.65 4.07 -49.73
CA LEU C 789 4.45 3.53 -50.36
C LEU C 789 3.23 4.43 -50.24
N ILE C 790 3.24 5.37 -49.30
CA ILE C 790 2.03 6.06 -48.82
C ILE C 790 1.92 7.42 -49.51
N ALA C 791 0.95 7.54 -50.41
CA ALA C 791 0.76 8.80 -51.14
C ALA C 791 0.45 9.96 -50.18
N ASP C 792 0.98 11.12 -50.51
CA ASP C 792 0.87 12.35 -49.71
C ASP C 792 -0.55 12.88 -49.77
N ARG C 793 -1.33 12.61 -48.72
CA ARG C 793 -2.74 12.96 -48.64
C ARG C 793 -3.07 13.47 -47.25
N TYR C 794 -4.19 14.17 -47.12
CA TYR C 794 -4.50 14.91 -45.90
C TYR C 794 -5.97 14.78 -45.50
N ASP C 795 -6.20 14.68 -44.18
CA ASP C 795 -7.49 14.99 -43.55
C ASP C 795 -7.55 16.51 -43.42
N ARG C 796 -8.14 17.17 -44.43
CA ARG C 796 -7.93 18.61 -44.60
C ARG C 796 -8.62 19.42 -43.52
N LEU C 797 -9.68 18.91 -42.91
CA LEU C 797 -10.29 19.63 -41.79
C LEU C 797 -9.37 19.73 -40.57
N SER C 798 -8.49 18.74 -40.35
CA SER C 798 -7.57 18.79 -39.21
C SER C 798 -6.15 19.18 -39.59
N GLY C 799 -5.78 19.03 -40.88
CA GLY C 799 -4.41 19.16 -41.30
C GLY C 799 -3.59 17.88 -41.26
N ALA C 800 -4.17 16.79 -40.76
CA ALA C 800 -3.43 15.56 -40.53
C ALA C 800 -3.05 14.90 -41.84
N SER C 801 -1.89 14.25 -41.84
CA SER C 801 -1.50 13.38 -42.95
C SER C 801 -2.20 12.04 -42.81
N ALA C 802 -2.56 11.46 -43.95
CA ALA C 802 -3.19 10.13 -43.96
C ALA C 802 -2.11 9.06 -44.08
N PHE C 803 -2.15 8.08 -43.18
CA PHE C 803 -1.25 6.94 -43.26
C PHE C 803 -1.98 5.63 -43.48
N TYR C 804 -3.31 5.65 -43.59
CA TYR C 804 -4.09 4.43 -43.55
C TYR C 804 -5.29 4.53 -44.49
N GLY C 805 -5.79 3.37 -44.89
CA GLY C 805 -7.02 3.32 -45.65
C GLY C 805 -6.89 3.58 -47.15
N HIS C 806 -6.12 4.59 -47.56
CA HIS C 806 -6.08 4.93 -48.98
C HIS C 806 -4.97 4.23 -49.77
N ILE C 807 -4.14 3.43 -49.12
CA ILE C 807 -2.94 2.89 -49.73
C ILE C 807 -3.25 1.52 -50.33
N ARG C 808 -3.27 1.46 -51.66
CA ARG C 808 -3.38 0.21 -52.39
C ARG C 808 -2.00 -0.19 -52.91
N VAL C 809 -1.69 -1.49 -52.82
CA VAL C 809 -0.40 -1.99 -53.26
C VAL C 809 -0.55 -3.31 -54.01
N ARG C 810 0.53 -3.67 -54.71
CA ARG C 810 0.67 -5.00 -55.29
C ARG C 810 1.98 -5.57 -54.81
N VAL C 811 2.13 -6.89 -54.97
CA VAL C 811 3.32 -7.59 -54.51
C VAL C 811 3.79 -8.59 -55.56
N GLU C 812 5.10 -8.78 -55.62
CA GLU C 812 5.70 -9.77 -56.50
C GLU C 812 7.02 -10.21 -55.87
N LYS C 813 7.50 -11.37 -56.28
CA LYS C 813 8.81 -11.85 -55.85
C LYS C 813 9.90 -11.13 -56.61
N VAL C 814 11.04 -10.92 -55.97
CA VAL C 814 12.18 -10.28 -56.65
C VAL C 814 13.13 -11.40 -57.13
N MET D 1 14.58 -26.72 0.56
CA MET D 1 14.25 -25.51 -0.24
C MET D 1 14.28 -25.84 -1.72
N ARG D 2 13.25 -25.38 -2.44
CA ARG D 2 13.10 -25.63 -3.87
C ARG D 2 12.54 -24.35 -4.50
N LEU D 3 13.43 -23.44 -4.86
CA LEU D 3 12.99 -22.18 -5.48
C LEU D 3 12.39 -22.46 -6.85
N GLY D 4 11.35 -21.70 -7.19
CA GLY D 4 10.70 -21.81 -8.47
C GLY D 4 9.94 -20.54 -8.79
N MET D 5 9.30 -20.54 -9.96
CA MET D 5 8.60 -19.37 -10.46
C MET D 5 7.21 -19.78 -10.91
N VAL D 6 6.24 -18.88 -10.71
CA VAL D 6 4.90 -19.05 -11.27
C VAL D 6 4.67 -17.88 -12.21
N ILE D 7 4.20 -18.16 -13.42
CA ILE D 7 3.95 -17.13 -14.43
C ILE D 7 2.47 -17.14 -14.77
N ASP D 8 1.84 -15.97 -14.63
CA ASP D 8 0.42 -15.82 -14.88
C ASP D 8 0.19 -15.40 -16.33
N LEU D 9 -0.31 -16.32 -17.15
CA LEU D 9 -0.43 -16.04 -18.58
C LEU D 9 -1.54 -15.03 -18.89
N GLN D 10 -2.54 -14.89 -18.01
CA GLN D 10 -3.54 -13.85 -18.27
C GLN D 10 -2.95 -12.46 -18.08
N LYS D 11 -2.07 -12.29 -17.09
CA LYS D 11 -1.40 -11.01 -16.89
C LYS D 11 -0.36 -10.73 -17.98
N CYS D 12 0.28 -11.76 -18.50
CA CYS D 12 1.34 -11.58 -19.47
C CYS D 12 0.81 -10.94 -20.75
N VAL D 13 1.52 -9.95 -21.27
CA VAL D 13 1.14 -9.31 -22.53
C VAL D 13 2.08 -9.67 -23.68
N GLY D 14 3.03 -10.57 -23.45
CA GLY D 14 3.91 -11.06 -24.52
C GLY D 14 4.86 -10.02 -25.07
N CYS D 15 5.39 -9.13 -24.23
CA CYS D 15 6.14 -7.96 -24.69
C CYS D 15 7.64 -8.21 -24.79
N GLY D 16 8.16 -9.23 -24.13
CA GLY D 16 9.57 -9.51 -24.11
C GLY D 16 10.39 -8.66 -23.17
N GLY D 17 9.74 -7.89 -22.30
CA GLY D 17 10.49 -7.05 -21.36
C GLY D 17 11.37 -7.85 -20.43
N CYS D 18 10.88 -9.02 -20.00
CA CYS D 18 11.68 -9.92 -19.18
C CYS D 18 12.96 -10.34 -19.89
N SER D 19 12.86 -10.68 -21.16
CA SER D 19 14.03 -11.17 -21.89
C SER D 19 15.03 -10.05 -22.12
N LEU D 20 14.54 -8.83 -22.40
CA LEU D 20 15.45 -7.69 -22.54
C LEU D 20 16.10 -7.34 -21.20
N ALA D 21 15.33 -7.41 -20.10
CA ALA D 21 15.94 -7.18 -18.79
C ALA D 21 17.06 -8.19 -18.52
N CYS D 22 16.84 -9.44 -18.91
CA CYS D 22 17.88 -10.46 -18.73
C CYS D 22 19.14 -10.12 -19.51
N LYS D 23 19.01 -9.57 -20.73
CA LYS D 23 20.17 -9.13 -21.49
C LYS D 23 20.97 -8.09 -20.71
N THR D 24 20.28 -7.07 -20.17
CA THR D 24 21.01 -6.03 -19.45
C THR D 24 21.61 -6.56 -18.16
N GLU D 25 20.98 -7.55 -17.55
CA GLU D 25 21.47 -8.05 -16.27
C GLU D 25 22.70 -8.93 -16.42
N ASN D 26 22.72 -9.78 -17.45
CA ASN D 26 23.64 -10.92 -17.50
C ASN D 26 24.65 -10.87 -18.62
N ASN D 27 24.61 -9.83 -19.43
CA ASN D 27 25.67 -9.56 -20.41
CA ASN D 27 25.63 -9.53 -20.44
C ASN D 27 25.83 -10.68 -21.43
N THR D 28 24.73 -11.32 -21.79
CA THR D 28 24.76 -12.37 -22.80
C THR D 28 25.18 -11.80 -24.15
N ASN D 29 25.93 -12.60 -24.91
CA ASN D 29 26.34 -12.17 -26.23
C ASN D 29 25.12 -11.89 -27.12
N ASP D 30 25.35 -11.12 -28.17
CA ASP D 30 24.33 -10.94 -29.19
C ASP D 30 23.86 -12.30 -29.68
N GLY D 31 22.54 -12.47 -29.73
CA GLY D 31 21.95 -13.71 -30.16
C GLY D 31 21.72 -14.74 -29.08
N ILE D 32 22.27 -14.55 -27.88
CA ILE D 32 22.09 -15.46 -26.76
C ILE D 32 21.09 -14.83 -25.80
N HIS D 33 20.00 -15.53 -25.53
CA HIS D 33 18.97 -15.02 -24.64
C HIS D 33 18.56 -16.12 -23.67
N TRP D 34 18.97 -15.98 -22.41
CA TRP D 34 18.65 -16.96 -21.39
C TRP D 34 17.14 -17.03 -21.16
N SER D 35 16.52 -15.85 -21.07
CA SER D 35 15.07 -15.69 -21.10
C SER D 35 14.65 -15.61 -22.57
N HIS D 36 13.63 -16.36 -22.96
CA HIS D 36 13.10 -16.27 -24.32
C HIS D 36 11.60 -16.58 -24.26
N HIS D 37 11.05 -17.19 -25.31
CA HIS D 37 9.62 -17.40 -25.37
C HIS D 37 9.30 -18.47 -26.39
N ILE D 38 8.07 -18.98 -26.27
CA ILE D 38 7.45 -19.84 -27.28
C ILE D 38 6.13 -19.19 -27.64
N ALA D 39 5.99 -18.77 -28.89
CA ALA D 39 4.75 -18.16 -29.38
C ALA D 39 4.12 -19.07 -30.42
N THR D 40 2.80 -19.13 -30.44
CA THR D 40 2.08 -19.97 -31.37
C THR D 40 0.89 -19.20 -31.91
N THR D 41 0.57 -19.41 -33.18
CA THR D 41 -0.65 -18.92 -33.80
C THR D 41 -1.45 -20.14 -34.26
N GLU D 42 -2.72 -20.21 -33.88
CA GLU D 42 -3.57 -21.36 -34.22
C GLU D 42 -4.88 -20.88 -34.83
N GLY D 43 -5.39 -21.64 -35.79
CA GLY D 43 -6.69 -21.37 -36.35
C GLY D 43 -6.61 -20.68 -37.71
N THR D 44 -7.72 -20.69 -38.40
CA THR D 44 -7.84 -20.05 -39.71
CA THR D 44 -7.85 -20.06 -39.71
C THR D 44 -8.73 -18.82 -39.61
N PHE D 45 -8.34 -17.77 -40.33
CA PHE D 45 -9.08 -16.51 -40.31
C PHE D 45 -10.56 -16.77 -40.50
N PRO D 46 -11.44 -16.12 -39.73
CA PRO D 46 -11.17 -15.07 -38.73
C PRO D 46 -10.98 -15.58 -37.30
N ASP D 47 -10.96 -16.90 -37.14
CA ASP D 47 -10.94 -17.52 -35.80
C ASP D 47 -9.52 -17.88 -35.39
N VAL D 48 -8.74 -16.85 -35.08
CA VAL D 48 -7.29 -16.96 -34.93
C VAL D 48 -6.91 -16.69 -33.48
N LYS D 49 -6.07 -17.56 -32.93
CA LYS D 49 -5.59 -17.47 -31.56
C LYS D 49 -4.07 -17.31 -31.54
N TYR D 50 -3.59 -16.29 -30.84
CA TYR D 50 -2.14 -16.09 -30.67
C TYR D 50 -1.81 -16.20 -29.19
N THR D 51 -0.78 -16.97 -28.86
CA THR D 51 -0.32 -17.16 -27.48
CA THR D 51 -0.34 -17.08 -27.47
C THR D 51 1.18 -16.95 -27.40
N TYR D 52 1.63 -16.38 -26.28
CA TYR D 52 3.04 -16.18 -25.95
C TYR D 52 3.30 -16.83 -24.59
N ILE D 53 4.31 -17.69 -24.52
CA ILE D 53 4.71 -18.34 -23.27
C ILE D 53 6.15 -17.96 -22.96
N PRO D 54 6.42 -17.19 -21.90
CA PRO D 54 7.81 -16.89 -21.54
C PRO D 54 8.51 -18.15 -21.05
N THR D 55 9.80 -18.29 -21.41
CA THR D 55 10.59 -19.45 -21.02
C THR D 55 11.91 -19.03 -20.35
N LEU D 56 12.43 -19.94 -19.54
CA LEU D 56 13.72 -19.78 -18.90
C LEU D 56 14.20 -21.17 -18.46
N CYS D 57 15.30 -21.21 -17.70
CA CYS D 57 15.70 -22.48 -17.10
C CYS D 57 14.67 -22.86 -16.03
N ASN D 58 14.28 -24.15 -16.00
CA ASN D 58 13.25 -24.60 -15.07
C ASN D 58 13.83 -25.10 -13.74
N HIS D 59 15.15 -25.04 -13.58
CA HIS D 59 15.82 -25.40 -12.31
C HIS D 59 15.22 -26.66 -11.71
N CYS D 60 15.29 -27.71 -12.53
CA CYS D 60 14.52 -28.93 -12.37
C CYS D 60 14.91 -29.71 -11.11
N ASP D 61 13.91 -30.44 -10.58
CA ASP D 61 14.13 -31.31 -9.44
C ASP D 61 15.13 -32.42 -9.78
N ASP D 62 15.05 -32.97 -10.98
CA ASP D 62 15.94 -34.06 -11.41
CA ASP D 62 15.93 -34.07 -11.42
C ASP D 62 16.53 -33.66 -12.75
N ALA D 63 17.60 -32.86 -12.69
CA ALA D 63 18.13 -32.19 -13.88
C ALA D 63 19.06 -33.09 -14.69
N PRO D 64 18.67 -33.45 -15.91
CA PRO D 64 19.60 -34.23 -16.77
C PRO D 64 20.90 -33.51 -17.08
N CYS D 65 20.87 -32.19 -17.18
CA CYS D 65 22.09 -31.44 -17.47
C CYS D 65 23.14 -31.67 -16.42
N VAL D 66 22.73 -31.80 -15.16
CA VAL D 66 23.66 -32.10 -14.07
C VAL D 66 24.17 -33.53 -14.17
N LYS D 67 23.29 -34.49 -14.46
CA LYS D 67 23.67 -35.89 -14.46
C LYS D 67 24.70 -36.21 -15.54
N VAL D 68 24.61 -35.57 -16.70
CA VAL D 68 25.54 -35.90 -17.79
C VAL D 68 26.85 -35.12 -17.75
N CYS D 69 26.97 -34.08 -16.93
CA CYS D 69 28.14 -33.21 -16.99
C CYS D 69 29.38 -33.98 -16.54
N PRO D 70 30.40 -34.15 -17.39
CA PRO D 70 31.53 -35.00 -17.00
C PRO D 70 32.47 -34.35 -15.99
N THR D 71 32.47 -33.03 -15.88
CA THR D 71 33.38 -32.34 -14.96
C THR D 71 32.73 -31.92 -13.64
N GLY D 72 31.42 -32.04 -13.51
CA GLY D 72 30.75 -31.50 -12.35
C GLY D 72 30.52 -30.01 -12.39
N ALA D 73 30.83 -29.36 -13.52
CA ALA D 73 30.60 -27.92 -13.61
C ALA D 73 29.14 -27.58 -13.37
N MET D 74 28.22 -28.32 -13.99
CA MET D 74 26.80 -28.12 -13.76
CA MET D 74 26.80 -28.14 -13.76
C MET D 74 26.41 -28.83 -12.47
N HIS D 75 25.74 -28.10 -11.57
CA HIS D 75 25.45 -28.67 -10.26
C HIS D 75 24.24 -28.01 -9.63
N LYS D 76 23.66 -28.69 -8.64
CA LYS D 76 22.57 -28.12 -7.84
C LYS D 76 23.15 -27.44 -6.60
N ASP D 77 22.54 -26.34 -6.19
CA ASP D 77 22.91 -25.68 -4.93
C ASP D 77 21.82 -25.96 -3.90
N LYS D 78 22.02 -25.44 -2.68
CA LYS D 78 21.13 -25.78 -1.57
C LYS D 78 19.77 -25.10 -1.67
N ARG D 79 19.57 -24.19 -2.61
CA ARG D 79 18.28 -23.59 -2.86
C ARG D 79 17.48 -24.34 -3.94
N GLY D 80 18.06 -25.40 -4.50
CA GLY D 80 17.46 -26.09 -5.60
C GLY D 80 17.78 -25.52 -6.97
N LEU D 81 18.65 -24.50 -7.04
CA LEU D 81 19.01 -23.93 -8.34
C LEU D 81 20.02 -24.82 -9.07
N THR D 82 19.93 -24.83 -10.40
CA THR D 82 20.96 -25.44 -11.23
C THR D 82 21.94 -24.34 -11.64
N LEU D 83 23.17 -24.40 -11.13
CA LEU D 83 24.19 -23.42 -11.41
C LEU D 83 25.40 -24.09 -12.07
N GLN D 84 26.31 -23.27 -12.58
CA GLN D 84 27.46 -23.77 -13.31
C GLN D 84 28.75 -23.12 -12.82
N ASN D 85 29.75 -23.93 -12.52
CA ASN D 85 31.11 -23.46 -12.33
CA ASN D 85 31.11 -23.45 -12.34
C ASN D 85 31.73 -23.34 -13.73
N ASN D 86 31.59 -22.15 -14.33
CA ASN D 86 32.02 -21.93 -15.71
C ASN D 86 33.50 -22.24 -15.88
N ASP D 87 34.29 -22.04 -14.83
CA ASP D 87 35.73 -22.33 -14.87
C ASP D 87 36.00 -23.80 -15.17
N GLU D 88 35.09 -24.70 -14.81
CA GLU D 88 35.27 -26.13 -15.03
C GLU D 88 34.60 -26.64 -16.30
N CYS D 89 33.96 -25.77 -17.07
CA CYS D 89 33.27 -26.18 -18.29
C CYS D 89 34.30 -26.44 -19.38
N ILE D 90 34.28 -27.64 -19.95
CA ILE D 90 35.17 -27.99 -21.04
C ILE D 90 34.47 -27.90 -22.40
N GLY D 91 33.25 -27.38 -22.44
CA GLY D 91 32.55 -27.19 -23.69
C GLY D 91 32.20 -28.48 -24.41
N CYS D 92 31.90 -29.55 -23.68
CA CYS D 92 31.56 -30.81 -24.32
C CYS D 92 30.15 -30.83 -24.89
N LYS D 93 29.29 -29.91 -24.46
CA LYS D 93 27.93 -29.73 -24.95
C LYS D 93 26.97 -30.85 -24.54
N LYS D 94 27.39 -31.76 -23.67
CA LYS D 94 26.50 -32.85 -23.29
C LYS D 94 25.26 -32.32 -22.57
N CYS D 95 25.41 -31.26 -21.78
CA CYS D 95 24.27 -30.67 -21.08
C CYS D 95 23.19 -30.20 -22.04
N MET D 96 23.61 -29.61 -23.17
CA MET D 96 22.65 -29.07 -24.12
C MET D 96 21.76 -30.15 -24.68
N ASN D 97 22.35 -31.29 -25.04
CA ASN D 97 21.56 -32.38 -25.60
C ASN D 97 20.70 -33.03 -24.55
N ALA D 98 21.17 -33.05 -23.30
CA ALA D 98 20.38 -33.68 -22.25
C ALA D 98 19.19 -32.83 -21.81
N CYS D 99 19.33 -31.50 -21.87
CA CYS D 99 18.24 -30.60 -21.44
C CYS D 99 17.08 -30.71 -22.42
N PRO D 100 15.89 -31.11 -21.98
CA PRO D 100 14.76 -31.22 -22.92
C PRO D 100 14.25 -29.87 -23.42
N TYR D 101 14.64 -28.75 -22.81
CA TYR D 101 14.00 -27.47 -23.04
C TYR D 101 14.78 -26.53 -23.95
N GLY D 102 16.01 -26.87 -24.31
CA GLY D 102 16.80 -26.02 -25.19
C GLY D 102 17.10 -24.63 -24.64
N VAL D 103 17.31 -24.52 -23.33
CA VAL D 103 17.59 -23.22 -22.73
C VAL D 103 19.07 -22.96 -22.53
N ILE D 104 19.94 -23.89 -22.87
CA ILE D 104 21.38 -23.73 -22.73
C ILE D 104 21.95 -23.25 -24.05
N SER D 105 22.88 -22.30 -24.00
CA SER D 105 23.57 -21.81 -25.20
C SER D 105 25.07 -22.11 -25.08
N PHE D 106 25.72 -22.22 -26.22
CA PHE D 106 27.15 -22.49 -26.30
C PHE D 106 27.83 -21.28 -26.92
N ASN D 107 28.89 -20.80 -26.26
CA ASN D 107 29.63 -19.64 -26.77
C ASN D 107 30.63 -20.09 -27.83
N ALA D 108 30.12 -20.47 -28.99
CA ALA D 108 30.99 -20.73 -30.12
C ALA D 108 31.64 -19.43 -30.61
N ALA D 109 30.90 -18.33 -30.54
CA ALA D 109 31.43 -17.04 -30.93
C ALA D 109 32.14 -16.38 -29.76
N THR D 110 33.16 -15.60 -30.08
CA THR D 110 33.82 -14.75 -29.10
C THR D 110 32.82 -13.72 -28.60
N PRO D 111 32.44 -13.71 -27.33
CA PRO D 111 31.38 -12.77 -26.91
C PRO D 111 31.76 -11.33 -27.17
N HIS D 112 30.79 -10.58 -27.72
CA HIS D 112 30.89 -9.13 -27.90
C HIS D 112 31.96 -8.73 -28.91
N ARG D 113 32.27 -9.63 -29.85
CA ARG D 113 33.27 -9.31 -30.87
C ARG D 113 32.88 -8.10 -31.71
N ARG D 114 31.59 -7.83 -31.89
CA ARG D 114 31.23 -6.68 -32.72
C ARG D 114 31.70 -5.35 -32.10
N TRP D 115 32.02 -5.32 -30.81
CA TRP D 115 32.51 -4.09 -30.18
C TRP D 115 33.99 -3.83 -30.46
N GLN D 116 34.68 -4.74 -31.14
CA GLN D 116 36.06 -4.52 -31.52
C GLN D 116 36.19 -3.80 -32.85
N ASP D 117 35.08 -3.51 -33.52
CA ASP D 117 35.06 -2.78 -34.78
C ASP D 117 35.37 -1.30 -34.54
N ASP D 118 36.36 -0.75 -35.26
CA ASP D 118 36.72 0.65 -35.10
C ASP D 118 36.36 1.50 -36.31
N SER D 119 35.59 0.96 -37.25
CA SER D 119 35.17 1.72 -38.41
C SER D 119 34.08 2.71 -38.02
N GLU D 120 33.99 3.81 -38.76
CA GLU D 120 33.09 4.92 -38.49
C GLU D 120 32.24 5.17 -39.73
N VAL D 121 30.93 5.32 -39.54
CA VAL D 121 30.09 5.51 -40.71
C VAL D 121 30.32 6.89 -41.34
N VAL D 122 30.71 7.87 -40.54
CA VAL D 122 31.16 9.18 -41.03
C VAL D 122 32.52 9.43 -40.39
N ALA D 123 33.57 9.40 -41.19
CA ALA D 123 34.92 9.44 -40.65
C ALA D 123 35.14 10.70 -39.83
N ASN D 124 35.76 10.53 -38.65
CA ASN D 124 36.10 11.64 -37.77
C ASN D 124 34.87 12.48 -37.44
N GLY D 125 33.68 11.86 -37.50
CA GLY D 125 32.43 12.55 -37.23
C GLY D 125 31.58 11.76 -36.27
N THR D 126 31.18 10.56 -36.67
CA THR D 126 30.55 9.62 -35.76
C THR D 126 31.62 8.75 -35.10
N VAL D 127 31.21 8.03 -34.05
CA VAL D 127 32.17 7.25 -33.28
C VAL D 127 32.22 5.83 -33.82
N SER D 128 32.66 4.89 -32.99
CA SER D 128 32.80 3.51 -33.39
C SER D 128 32.59 2.63 -32.17
N PRO D 129 32.30 1.36 -32.37
CA PRO D 129 32.16 0.47 -31.19
C PRO D 129 33.40 0.45 -30.33
N LEU D 130 34.58 0.34 -30.94
CA LEU D 130 35.81 0.31 -30.17
C LEU D 130 36.01 1.61 -29.41
N MET D 131 35.71 2.74 -30.06
CA MET D 131 35.94 4.03 -29.43
C MET D 131 35.00 4.23 -28.26
N LEU D 132 33.75 3.77 -28.40
CA LEU D 132 32.80 3.85 -27.28
C LEU D 132 33.26 2.97 -26.11
N LEU D 133 33.82 1.81 -26.43
CA LEU D 133 34.40 0.96 -25.40
C LEU D 133 35.49 1.71 -24.63
N LYS D 134 36.39 2.38 -25.35
CA LYS D 134 37.48 3.09 -24.69
C LYS D 134 36.96 4.26 -23.87
N ARG D 135 35.97 4.98 -24.41
CA ARG D 135 35.46 6.17 -23.73
C ARG D 135 34.82 5.82 -22.40
N THR D 136 34.06 4.73 -22.35
CA THR D 136 33.29 4.38 -21.16
C THR D 136 34.07 3.56 -20.15
N GLY D 137 35.21 3.00 -20.53
CA GLY D 137 35.98 2.18 -19.63
C GLY D 137 35.52 0.74 -19.53
N ALA D 138 34.60 0.31 -20.38
CA ALA D 138 34.14 -1.06 -20.35
C ALA D 138 35.15 -2.00 -20.99
N THR D 139 35.05 -3.27 -20.60
CA THR D 139 35.98 -4.29 -21.09
C THR D 139 35.53 -4.91 -22.42
N ALA D 140 34.25 -5.28 -22.50
CA ALA D 140 33.74 -5.98 -23.66
C ALA D 140 32.64 -5.23 -24.39
N THR D 141 31.72 -4.62 -23.64
CA THR D 141 30.63 -3.87 -24.21
C THR D 141 30.27 -2.77 -23.22
N PRO D 142 29.90 -1.58 -23.70
CA PRO D 142 29.54 -0.50 -22.77
C PRO D 142 28.30 -0.84 -21.94
N ASN D 143 27.54 -1.88 -22.31
CA ASN D 143 26.35 -2.29 -21.60
C ASN D 143 26.62 -3.39 -20.56
N GLU D 144 27.88 -3.71 -20.28
CA GLU D 144 28.18 -4.83 -19.39
C GLU D 144 27.90 -4.48 -17.93
N ASN D 145 27.24 -5.41 -17.24
CA ASN D 145 26.86 -5.21 -15.85
C ASN D 145 27.90 -5.84 -14.93
N PRO D 146 28.66 -5.04 -14.17
CA PRO D 146 29.66 -5.64 -13.28
C PRO D 146 29.08 -6.47 -12.17
N GLU D 147 27.82 -6.25 -11.79
CA GLU D 147 27.24 -7.04 -10.69
C GLU D 147 27.29 -8.54 -10.99
N ARG D 148 27.17 -8.92 -12.25
CA ARG D 148 27.15 -10.33 -12.64
C ARG D 148 28.36 -11.08 -12.12
N GLY D 149 29.51 -10.43 -12.06
CA GLY D 149 30.74 -11.09 -11.63
C GLY D 149 30.78 -11.48 -10.17
N ASP D 150 29.75 -11.13 -9.38
CA ASP D 150 29.72 -11.55 -7.98
C ASP D 150 29.80 -13.07 -7.87
N THR D 151 29.15 -13.80 -8.78
CA THR D 151 29.04 -15.25 -8.67
C THR D 151 29.29 -16.01 -9.98
N TYR D 152 29.61 -15.33 -11.07
CA TYR D 152 29.66 -15.92 -12.41
C TYR D 152 30.44 -14.95 -13.28
N PRO D 153 31.10 -15.42 -14.34
CA PRO D 153 31.87 -14.49 -15.17
C PRO D 153 30.98 -13.40 -15.76
N MET D 154 31.40 -12.14 -15.58
CA MET D 154 30.69 -11.04 -16.23
C MET D 154 30.65 -11.24 -17.74
N ILE D 155 31.77 -11.71 -18.31
CA ILE D 155 31.89 -12.05 -19.73
C ILE D 155 32.35 -13.48 -19.78
N ARG D 156 31.56 -14.35 -20.38
CA ARG D 156 31.98 -15.74 -20.36
C ARG D 156 33.06 -16.00 -21.41
N PRO D 157 33.92 -16.99 -21.18
CA PRO D 157 34.89 -17.38 -22.22
C PRO D 157 34.21 -18.12 -23.37
N LYS D 158 34.82 -18.01 -24.55
CA LYS D 158 34.46 -18.84 -25.68
C LYS D 158 34.59 -20.31 -25.32
N ARG D 159 33.73 -21.13 -25.92
CA ARG D 159 33.70 -22.58 -25.78
C ARG D 159 33.24 -23.03 -24.41
N THR D 160 32.41 -22.22 -23.75
CA THR D 160 31.66 -22.68 -22.59
C THR D 160 30.17 -22.52 -22.84
N THR D 161 29.36 -23.28 -22.13
CA THR D 161 27.91 -23.12 -22.16
C THR D 161 27.46 -22.16 -21.07
N GLU D 162 26.22 -21.70 -21.19
CA GLU D 162 25.63 -20.80 -20.20
C GLU D 162 24.12 -20.81 -20.35
N LYS D 163 23.43 -20.41 -19.28
CA LYS D 163 21.98 -20.41 -19.21
C LYS D 163 21.55 -19.56 -18.03
N CYS D 164 20.22 -19.41 -17.90
CA CYS D 164 19.61 -18.72 -16.76
C CYS D 164 20.13 -19.28 -15.43
N THR D 165 20.57 -18.37 -14.57
CA THR D 165 21.03 -18.69 -13.23
C THR D 165 20.02 -18.32 -12.16
N PHE D 166 18.78 -18.03 -12.54
CA PHE D 166 17.75 -17.55 -11.62
C PHE D 166 18.18 -16.26 -10.92
N CYS D 167 19.06 -15.48 -11.57
CA CYS D 167 19.62 -14.27 -10.97
C CYS D 167 20.13 -14.54 -9.55
N ASP D 168 20.85 -15.67 -9.41
CA ASP D 168 21.39 -16.07 -8.12
C ASP D 168 22.15 -14.95 -7.42
N HIS D 169 22.87 -14.12 -8.19
CA HIS D 169 23.64 -13.04 -7.59
C HIS D 169 22.72 -12.01 -6.93
N ARG D 170 21.52 -11.80 -7.47
CA ARG D 170 20.55 -10.88 -6.88
C ARG D 170 19.90 -11.51 -5.66
N LEU D 171 19.58 -12.80 -5.75
CA LEU D 171 19.01 -13.50 -4.60
C LEU D 171 19.95 -13.45 -3.42
N ASP D 172 21.27 -13.53 -3.69
CA ASP D 172 22.26 -13.48 -2.62
C ASP D 172 22.18 -12.16 -1.85
N LYS D 173 21.73 -11.11 -2.50
CA LYS D 173 21.60 -9.78 -1.89
C LYS D 173 20.18 -9.51 -1.38
N GLY D 174 19.31 -10.51 -1.43
CA GLY D 174 17.93 -10.31 -1.03
C GLY D 174 17.08 -9.59 -2.04
N LEU D 175 17.54 -9.49 -3.29
CA LEU D 175 16.84 -8.79 -4.35
C LEU D 175 16.14 -9.78 -5.26
N ASN D 176 15.32 -9.25 -6.20
CA ASN D 176 14.51 -10.04 -7.11
C ASN D 176 15.24 -10.31 -8.41
N PRO D 177 14.88 -11.38 -9.12
CA PRO D 177 15.37 -11.55 -10.49
C PRO D 177 14.99 -10.36 -11.36
N ALA D 178 15.89 -10.02 -12.30
CA ALA D 178 15.66 -8.86 -13.16
C ALA D 178 14.34 -9.00 -13.95
N CYS D 179 14.04 -10.20 -14.43
CA CYS D 179 12.83 -10.42 -15.20
C CYS D 179 11.58 -10.24 -14.35
N VAL D 180 11.66 -10.55 -13.05
CA VAL D 180 10.53 -10.34 -12.15
C VAL D 180 10.27 -8.86 -11.97
N ASP D 181 11.33 -8.10 -11.70
CA ASP D 181 11.20 -6.66 -11.55
C ASP D 181 10.78 -5.97 -12.85
N ALA D 182 11.11 -6.55 -14.00
CA ALA D 182 10.85 -5.91 -15.28
C ALA D 182 9.43 -6.08 -15.77
N CYS D 183 8.64 -6.95 -15.16
CA CYS D 183 7.32 -7.30 -15.71
C CYS D 183 6.27 -6.28 -15.33
N PRO D 184 5.61 -5.63 -16.29
CA PRO D 184 4.70 -4.53 -15.93
C PRO D 184 3.48 -4.97 -15.17
N SER D 185 3.03 -6.21 -15.37
CA SER D 185 1.83 -6.70 -14.73
C SER D 185 2.11 -7.62 -13.55
N GLU D 186 3.36 -7.71 -13.10
CA GLU D 186 3.72 -8.61 -12.01
C GLU D 186 3.27 -10.04 -12.32
N ALA D 187 3.39 -10.44 -13.57
CA ALA D 187 2.97 -11.78 -13.97
C ALA D 187 3.89 -12.86 -13.44
N ARG D 188 5.11 -12.51 -13.03
CA ARG D 188 6.13 -13.46 -12.61
C ARG D 188 6.35 -13.34 -11.10
N VAL D 189 6.30 -14.48 -10.40
CA VAL D 189 6.48 -14.54 -8.95
C VAL D 189 7.40 -15.71 -8.64
N ILE D 190 8.36 -15.49 -7.73
CA ILE D 190 9.25 -16.58 -7.30
C ILE D 190 9.09 -16.82 -5.80
N GLY D 191 9.55 -18.00 -5.37
CA GLY D 191 9.52 -18.35 -3.97
C GLY D 191 9.89 -19.81 -3.76
N ASP D 192 9.81 -20.23 -2.52
CA ASP D 192 10.19 -21.57 -2.12
C ASP D 192 8.96 -22.47 -2.19
N LEU D 193 8.98 -23.43 -3.11
CA LEU D 193 7.86 -24.35 -3.27
C LEU D 193 7.73 -25.32 -2.10
N ASP D 194 8.79 -25.50 -1.30
CA ASP D 194 8.70 -26.32 -0.10
C ASP D 194 8.05 -25.59 1.07
N ASP D 195 7.80 -24.29 0.96
CA ASP D 195 7.13 -23.55 2.02
C ASP D 195 5.65 -23.47 1.66
N PRO D 196 4.76 -24.14 2.40
CA PRO D 196 3.36 -24.16 1.97
C PRO D 196 2.72 -22.81 1.98
N GLN D 197 3.30 -21.84 2.70
CA GLN D 197 2.72 -20.50 2.81
CA GLN D 197 2.72 -20.50 2.81
C GLN D 197 3.33 -19.50 1.83
N SER D 198 4.33 -19.91 1.03
CA SER D 198 4.88 -18.99 0.05
C SER D 198 3.81 -18.62 -0.97
N LYS D 199 3.97 -17.44 -1.58
CA LYS D 199 3.03 -17.04 -2.63
C LYS D 199 3.02 -18.04 -3.79
N VAL D 200 4.19 -18.54 -4.21
CA VAL D 200 4.19 -19.50 -5.31
C VAL D 200 3.43 -20.77 -4.91
N SER D 201 3.64 -21.25 -3.68
CA SER D 201 2.94 -22.47 -3.26
C SER D 201 1.43 -22.26 -3.26
N GLN D 202 0.99 -21.08 -2.84
CA GLN D 202 -0.45 -20.80 -2.79
C GLN D 202 -1.03 -20.61 -4.18
N LEU D 203 -0.29 -19.96 -5.09
CA LEU D 203 -0.81 -19.74 -6.43
C LEU D 203 -1.14 -21.06 -7.14
N ILE D 204 -0.28 -22.08 -6.99
CA ILE D 204 -0.52 -23.33 -7.71
C ILE D 204 -1.54 -24.22 -7.01
N LYS D 205 -1.97 -23.86 -5.82
CA LYS D 205 -3.14 -24.48 -5.20
C LYS D 205 -4.42 -23.75 -5.57
N LEU D 206 -4.34 -22.43 -5.75
CA LEU D 206 -5.52 -21.65 -6.13
C LEU D 206 -5.84 -21.78 -7.61
N HIS D 207 -4.83 -22.06 -8.42
CA HIS D 207 -4.97 -22.20 -9.86
C HIS D 207 -4.35 -23.52 -10.28
N LYS D 208 -4.90 -24.11 -11.33
CA LYS D 208 -4.35 -25.34 -11.89
C LYS D 208 -3.00 -25.06 -12.56
N PRO D 209 -1.89 -25.59 -12.04
CA PRO D 209 -0.59 -25.28 -12.64
C PRO D 209 -0.30 -26.14 -13.85
N MET D 210 0.40 -25.56 -14.82
CA MET D 210 0.88 -26.28 -15.99
C MET D 210 2.40 -26.18 -16.08
N GLN D 211 3.02 -27.25 -16.54
CA GLN D 211 4.45 -27.26 -16.76
C GLN D 211 4.75 -27.56 -18.23
N LEU D 212 5.93 -27.12 -18.68
CA LEU D 212 6.44 -27.53 -19.99
C LEU D 212 7.08 -28.92 -19.89
N LYS D 213 6.76 -29.76 -20.85
CA LYS D 213 7.30 -31.11 -21.00
C LYS D 213 7.45 -31.85 -19.68
N PRO D 214 6.40 -31.94 -18.88
CA PRO D 214 6.52 -32.73 -17.64
C PRO D 214 6.84 -34.19 -17.91
N GLU D 215 6.49 -34.69 -19.11
CA GLU D 215 6.73 -36.08 -19.45
C GLU D 215 8.21 -36.41 -19.54
N ALA D 216 9.08 -35.40 -19.67
CA ALA D 216 10.52 -35.64 -19.70
C ALA D 216 11.06 -36.09 -18.37
N GLY D 217 10.28 -35.95 -17.29
CA GLY D 217 10.67 -36.49 -16.00
C GLY D 217 11.69 -35.68 -15.24
N THR D 218 11.83 -34.39 -15.54
CA THR D 218 12.81 -33.57 -14.84
C THR D 218 12.24 -32.84 -13.63
N GLY D 219 10.92 -32.75 -13.53
CA GLY D 219 10.30 -32.01 -12.46
C GLY D 219 10.63 -30.53 -12.52
N PRO D 220 10.25 -29.87 -13.63
CA PRO D 220 10.53 -28.44 -13.76
C PRO D 220 9.80 -27.65 -12.68
N ARG D 221 10.37 -26.50 -12.32
CA ARG D 221 9.83 -25.66 -11.27
C ARG D 221 9.48 -24.26 -11.76
N VAL D 222 9.23 -24.11 -13.06
CA VAL D 222 8.49 -22.97 -13.59
C VAL D 222 7.09 -23.46 -13.89
N PHE D 223 6.09 -22.84 -13.26
CA PHE D 223 4.70 -23.23 -13.43
C PHE D 223 3.93 -22.10 -14.11
N TYR D 224 3.02 -22.46 -15.02
CA TYR D 224 2.18 -21.51 -15.74
C TYR D 224 0.74 -21.66 -15.25
N ILE D 225 0.08 -20.53 -14.99
CA ILE D 225 -1.32 -20.54 -14.59
C ILE D 225 -2.14 -19.65 -15.52
N ARG D 226 -3.44 -19.95 -15.57
CA ARG D 226 -4.45 -19.21 -16.34
CA ARG D 226 -4.43 -19.20 -16.34
C ARG D 226 -4.14 -19.24 -17.83
N SER D 227 -4.72 -18.33 -18.59
CA SER D 227 -4.70 -18.40 -20.05
CA SER D 227 -4.71 -18.40 -20.05
C SER D 227 -4.32 -17.06 -20.64
N PHE D 228 -3.48 -17.09 -21.67
CA PHE D 228 -3.07 -15.86 -22.35
C PHE D 228 -4.25 -15.17 -23.02
N GLY D 229 -5.09 -15.95 -23.71
CA GLY D 229 -6.28 -15.44 -24.34
C GLY D 229 -7.54 -15.80 -23.58
N VAL D 230 -8.66 -15.29 -24.08
CA VAL D 230 -9.97 -15.56 -23.51
C VAL D 230 -10.88 -16.08 -24.63
N LYS D 231 -11.93 -16.79 -24.22
CA LYS D 231 -12.84 -17.38 -25.19
C LYS D 231 -13.63 -16.27 -25.91
N THR D 232 -13.85 -16.46 -27.20
CA THR D 232 -14.49 -15.44 -28.02
C THR D 232 -15.96 -15.31 -27.66
N ALA D 233 -16.42 -14.08 -27.49
CA ALA D 233 -17.82 -13.78 -27.26
C ALA D 233 -18.55 -13.63 -28.59
N TYR D 234 -19.87 -13.49 -28.52
CA TYR D 234 -20.67 -13.28 -29.72
C TYR D 234 -20.53 -14.46 -30.67
#